data_8B24
#
_entry.id   8B24
#
_cell.length_a   83.108
_cell.length_b   111.068
_cell.length_c   105.419
_cell.angle_alpha   90.000
_cell.angle_beta   108.900
_cell.angle_gamma   90.000
#
_symmetry.space_group_name_H-M   'P 1 21 1'
#
loop_
_entity.id
_entity.type
_entity.pdbx_description
1 polymer 'K(+)-stimulated pyrophosphate-energized sodium pump'
2 non-polymer DIPHOSPHATE
3 non-polymer 'MAGNESIUM ION'
4 non-polymer 'POTASSIUM ION'
5 non-polymer 'PHOSPHATE ION'
#
_entity_poly.entity_id   1
_entity_poly.type   'polypeptide(L)'
_entity_poly.pdbx_seq_one_letter_code
;MRGSHHHHHHYVAALFFLIPLVALGFAAANFAAVVRKPEGTERMKEISSYIRSGADSFLAHETKAIFKVAIVIAILLMIF
TTWQTGVAFLLGAVMSASAGIVGMKMATRANVRVAEAARTTKKIGPALKVAYQGGSVMGLSVGGFALLGLVLVYLIFGKW
MGQVDNLNIYTNWLGINFVPFAMTVSGYALGCSIIAMFDRVGGGVYTKAADMAADLVGKTELNLPEDDPRNPATIADNVG
DNVGDVAGLGADLLESFVGAIVSSIILASYMFPIYVQKIGENLVHQVPKETIQALISYPIFFALVGLGCSMLGILYVIVK
KPSDNPQRELNISLWTSALLTVVLTAFLTYFYLKDLQGLDVLGFRFGAISPWFSAIIGIFSGILIGFWAEYYTSYRYKPT
QFLGKSSIEGTGMVISNGLSLGMKSVFPPTLTLVLGILFADYFAGLYGVAIAALGMLSFVATSVSVDSYGPIADNAGGIS
EMCELDPEVRKITDHLDAVGNTTAAIGKGFAIGSAIFAALSLFASYMFSQISPSDIGKPPSLVLLLNMLDARVIAGALLG
AAITYYFSGYLISAVTKAAMKMVDEIRRQAREIPGLLEGKAKPDYNRCIEITSDNALKQMGYPAFIAILTPLVTGFLLGA
EFVGGVLIGTVLSGAMLAILTANSGGAWDNAKKYLEAGNLEGYGKGSEPHKALVIGDTVGDPLKDTVGPSLDILIKIMSV
VSVIAVSIFKHVHLF
;
_entity_poly.pdbx_strand_id   A,B
#
# COMPACT_ATOMS: atom_id res chain seq x y z
N TYR A 11 36.88 6.89 -33.97
CA TYR A 11 35.51 7.23 -34.34
C TYR A 11 34.90 8.18 -33.30
N VAL A 12 33.61 8.48 -33.48
CA VAL A 12 32.90 9.30 -32.51
C VAL A 12 32.64 8.56 -31.21
N ALA A 13 32.78 7.23 -31.21
CA ALA A 13 32.56 6.47 -29.99
C ALA A 13 33.57 6.84 -28.91
N ALA A 14 34.81 7.13 -29.31
CA ALA A 14 35.81 7.56 -28.33
C ALA A 14 35.50 8.96 -27.81
N LEU A 15 34.94 9.83 -28.66
CA LEU A 15 34.55 11.16 -28.21
C LEU A 15 33.43 11.08 -27.20
N PHE A 16 32.52 10.12 -27.36
CA PHE A 16 31.45 9.92 -26.39
C PHE A 16 31.96 9.20 -25.14
N PHE A 17 32.95 8.33 -25.28
CA PHE A 17 33.56 7.70 -24.12
C PHE A 17 34.32 8.71 -23.25
N LEU A 18 34.75 9.82 -23.85
CA LEU A 18 35.41 10.88 -23.09
C LEU A 18 34.44 11.70 -22.26
N ILE A 19 33.13 11.59 -22.52
CA ILE A 19 32.17 12.42 -21.80
C ILE A 19 32.16 12.13 -20.30
N PRO A 20 32.10 10.87 -19.84
CA PRO A 20 32.20 10.64 -18.39
C PRO A 20 33.52 11.12 -17.81
N LEU A 21 34.62 11.01 -18.57
CA LEU A 21 35.91 11.48 -18.09
C LEU A 21 35.93 13.00 -17.97
N VAL A 22 35.28 13.69 -18.91
CA VAL A 22 35.20 15.15 -18.82
C VAL A 22 34.41 15.56 -17.58
N ALA A 23 33.35 14.82 -17.27
CA ALA A 23 32.55 15.13 -16.08
C ALA A 23 33.38 14.98 -14.81
N LEU A 24 34.22 13.95 -14.75
CA LEU A 24 35.07 13.77 -13.57
C LEU A 24 36.07 14.91 -13.43
N GLY A 25 36.64 15.37 -14.55
CA GLY A 25 37.55 16.50 -14.48
C GLY A 25 36.88 17.78 -14.02
N PHE A 26 35.65 18.01 -14.50
CA PHE A 26 34.90 19.19 -14.05
C PHE A 26 34.59 19.11 -12.55
N ALA A 27 34.22 17.92 -12.07
CA ALA A 27 33.93 17.76 -10.65
C ALA A 27 35.16 18.00 -9.80
N ALA A 28 36.32 17.55 -10.26
CA ALA A 28 37.55 17.78 -9.52
C ALA A 28 37.87 19.27 -9.45
N ALA A 29 37.60 20.01 -10.52
CA ALA A 29 37.81 21.46 -10.50
C ALA A 29 36.88 22.12 -9.50
N ASN A 30 35.61 21.69 -9.46
CA ASN A 30 34.69 22.23 -8.46
C ASN A 30 35.12 21.83 -7.05
N PHE A 31 35.62 20.60 -6.89
CA PHE A 31 36.18 20.18 -5.61
C PHE A 31 37.36 21.04 -5.20
N ALA A 32 38.26 21.34 -6.16
CA ALA A 32 39.38 22.23 -5.87
C ALA A 32 38.90 23.63 -5.52
N ALA A 33 37.79 24.08 -6.12
CA ALA A 33 37.26 25.40 -5.82
C ALA A 33 36.78 25.48 -4.37
N VAL A 34 36.15 24.41 -3.89
CA VAL A 34 35.69 24.40 -2.50
C VAL A 34 36.87 24.29 -1.55
N VAL A 35 37.89 23.50 -1.92
CA VAL A 35 39.12 23.47 -1.14
C VAL A 35 39.76 24.85 -1.11
N ARG A 36 39.72 25.57 -2.24
CA ARG A 36 40.23 26.92 -2.31
C ARG A 36 39.41 27.91 -1.50
N LYS A 37 38.14 27.60 -1.27
CA LYS A 37 37.30 28.48 -0.46
C LYS A 37 37.87 28.53 0.96
N PRO A 38 37.86 29.70 1.60
CA PRO A 38 38.49 29.79 2.94
C PRO A 38 37.86 28.89 3.97
N GLU A 39 36.54 28.96 4.15
CA GLU A 39 35.80 28.12 5.11
C GLU A 39 36.53 28.25 6.44
N GLY A 40 36.93 27.16 7.08
CA GLY A 40 37.91 27.25 8.15
C GLY A 40 37.44 27.80 9.47
N THR A 41 36.14 27.99 9.67
CA THR A 41 35.68 28.53 10.95
C THR A 41 36.09 27.55 12.03
N GLU A 42 36.71 28.07 13.11
CA GLU A 42 37.35 27.18 14.08
C GLU A 42 36.36 26.20 14.69
N ARG A 43 35.20 26.68 15.09
CA ARG A 43 34.18 25.78 15.61
C ARG A 43 33.63 24.89 14.52
N MET A 44 33.30 25.48 13.37
CA MET A 44 32.83 24.71 12.23
C MET A 44 33.90 23.75 11.72
N LYS A 45 35.16 24.18 11.70
CA LYS A 45 36.22 23.27 11.25
C LYS A 45 36.38 22.10 12.20
N GLU A 46 36.32 22.34 13.51
CA GLU A 46 36.46 21.24 14.47
C GLU A 46 35.29 20.28 14.37
N ILE A 47 34.06 20.81 14.31
CA ILE A 47 32.88 19.96 14.22
C ILE A 47 32.89 19.18 12.91
N SER A 48 33.23 19.84 11.80
CA SER A 48 33.29 19.16 10.51
C SER A 48 34.39 18.11 10.47
N SER A 49 35.51 18.34 11.15
CA SER A 49 36.56 17.32 11.18
C SER A 49 36.13 16.12 12.01
N TYR A 50 35.49 16.35 13.16
CA TYR A 50 34.94 15.25 13.93
C TYR A 50 33.89 14.48 13.13
N ILE A 51 33.01 15.21 12.44
CA ILE A 51 31.97 14.58 11.64
C ILE A 51 32.59 13.77 10.51
N ARG A 52 33.64 14.31 9.88
CA ARG A 52 34.31 13.59 8.80
C ARG A 52 34.97 12.33 9.32
N SER A 53 35.60 12.40 10.49
CA SER A 53 36.23 11.22 11.06
C SER A 53 35.19 10.15 11.36
N GLY A 54 34.10 10.53 12.04
CA GLY A 54 33.06 9.56 12.35
C GLY A 54 32.41 8.98 11.11
N ALA A 55 32.09 9.84 10.14
CA ALA A 55 31.42 9.39 8.92
C ALA A 55 32.33 8.49 8.10
N ASP A 56 33.60 8.86 7.94
CA ASP A 56 34.54 8.03 7.20
C ASP A 56 34.81 6.72 7.91
N SER A 57 34.83 6.71 9.25
CA SER A 57 35.03 5.46 9.97
C SER A 57 33.83 4.53 9.79
N PHE A 58 32.61 5.07 9.95
CA PHE A 58 31.40 4.29 9.70
C PHE A 58 31.39 3.76 8.26
N LEU A 59 31.75 4.62 7.32
CA LEU A 59 31.85 4.23 5.92
C LEU A 59 32.85 3.11 5.71
N ALA A 60 34.02 3.21 6.34
CA ALA A 60 35.06 2.20 6.17
C ALA A 60 34.62 0.85 6.72
N HIS A 61 34.00 0.86 7.91
CA HIS A 61 33.51 -0.39 8.50
C HIS A 61 32.48 -1.04 7.59
N GLU A 62 31.47 -0.25 7.18
CA GLU A 62 30.44 -0.76 6.30
C GLU A 62 31.04 -1.22 4.97
N THR A 63 32.03 -0.50 4.46
CA THR A 63 32.64 -0.84 3.20
C THR A 63 33.38 -2.17 3.28
N LYS A 64 34.10 -2.41 4.37
CA LYS A 64 34.79 -3.68 4.53
C LYS A 64 33.78 -4.84 4.58
N ALA A 65 32.75 -4.71 5.41
CA ALA A 65 31.78 -5.79 5.52
C ALA A 65 31.06 -6.05 4.20
N ILE A 66 30.55 -4.98 3.57
CA ILE A 66 29.82 -5.15 2.32
C ILE A 66 30.75 -5.63 1.22
N PHE A 67 32.03 -5.22 1.24
CA PHE A 67 32.96 -5.69 0.23
C PHE A 67 33.18 -7.19 0.35
N LYS A 68 33.32 -7.70 1.58
CA LYS A 68 33.45 -9.14 1.74
C LYS A 68 32.22 -9.85 1.20
N VAL A 69 31.03 -9.36 1.59
CA VAL A 69 29.80 -10.00 1.15
C VAL A 69 29.66 -9.91 -0.37
N ALA A 70 29.99 -8.77 -0.95
CA ALA A 70 29.88 -8.55 -2.39
C ALA A 70 30.86 -9.42 -3.16
N ILE A 71 32.07 -9.61 -2.64
CA ILE A 71 33.02 -10.52 -3.26
C ILE A 71 32.44 -11.92 -3.27
N VAL A 72 31.83 -12.33 -2.16
CA VAL A 72 31.20 -13.65 -2.12
C VAL A 72 30.09 -13.75 -3.16
N ILE A 73 29.26 -12.71 -3.27
CA ILE A 73 28.15 -12.73 -4.22
C ILE A 73 28.66 -12.76 -5.65
N ALA A 74 29.71 -12.00 -5.95
CA ALA A 74 30.30 -12.01 -7.29
C ALA A 74 30.89 -13.37 -7.62
N ILE A 75 31.56 -14.00 -6.65
CA ILE A 75 32.09 -15.35 -6.87
C ILE A 75 30.95 -16.32 -7.13
N LEU A 76 29.85 -16.20 -6.39
CA LEU A 76 28.70 -17.04 -6.63
C LEU A 76 28.12 -16.79 -8.02
N LEU A 77 28.13 -15.54 -8.47
CA LEU A 77 27.68 -15.23 -9.83
C LEU A 77 28.58 -15.90 -10.86
N MET A 78 29.90 -15.85 -10.63
CA MET A 78 30.84 -16.52 -11.52
C MET A 78 30.61 -18.03 -11.54
N ILE A 79 30.24 -18.60 -10.40
CA ILE A 79 29.99 -20.04 -10.33
C ILE A 79 28.69 -20.40 -11.05
N PHE A 80 27.62 -19.68 -10.75
CA PHE A 80 26.31 -20.02 -11.31
C PHE A 80 26.24 -19.68 -12.80
N THR A 81 26.72 -18.49 -13.18
CA THR A 81 26.70 -18.04 -14.57
C THR A 81 28.11 -17.58 -14.93
N THR A 82 28.26 -16.99 -16.11
CA THR A 82 29.60 -16.67 -16.60
C THR A 82 30.34 -15.75 -15.63
N TRP A 83 31.66 -15.93 -15.57
CA TRP A 83 32.49 -15.13 -14.67
C TRP A 83 32.45 -13.65 -15.02
N GLN A 84 32.27 -13.32 -16.30
CA GLN A 84 32.15 -11.92 -16.70
C GLN A 84 30.98 -11.25 -15.99
N THR A 85 29.92 -12.01 -15.68
CA THR A 85 28.80 -11.45 -14.93
C THR A 85 29.25 -11.01 -13.54
N GLY A 86 30.01 -11.87 -12.83
CA GLY A 86 30.53 -11.48 -11.54
C GLY A 86 31.48 -10.30 -11.63
N VAL A 87 32.28 -10.25 -12.70
CA VAL A 87 33.18 -9.11 -12.89
C VAL A 87 32.39 -7.82 -13.05
N ALA A 88 31.29 -7.88 -13.80
CA ALA A 88 30.43 -6.70 -13.95
C ALA A 88 29.78 -6.33 -12.63
N PHE A 89 29.39 -7.32 -11.83
CA PHE A 89 28.86 -7.06 -10.49
C PHE A 89 29.87 -6.27 -9.67
N LEU A 90 31.12 -6.73 -9.68
CA LEU A 90 32.18 -6.03 -8.95
C LEU A 90 32.39 -4.63 -9.49
N LEU A 91 32.34 -4.46 -10.81
CA LEU A 91 32.56 -3.14 -11.41
C LEU A 91 31.48 -2.17 -10.99
N GLY A 92 30.22 -2.59 -11.05
CA GLY A 92 29.13 -1.72 -10.62
C GLY A 92 29.25 -1.35 -9.15
N ALA A 93 29.60 -2.35 -8.32
CA ALA A 93 29.81 -2.06 -6.90
C ALA A 93 30.90 -1.00 -6.71
N VAL A 94 31.99 -1.12 -7.49
CA VAL A 94 33.10 -0.19 -7.37
C VAL A 94 32.64 1.22 -7.74
N MET A 95 31.92 1.35 -8.85
CA MET A 95 31.49 2.67 -9.30
C MET A 95 30.58 3.32 -8.27
N SER A 96 29.60 2.58 -7.76
CA SER A 96 28.67 3.15 -6.79
C SER A 96 29.40 3.56 -5.50
N ALA A 97 30.26 2.68 -5.01
CA ALA A 97 31.00 2.98 -3.78
C ALA A 97 31.86 4.22 -3.93
N SER A 98 32.54 4.35 -5.07
CA SER A 98 33.38 5.52 -5.29
C SER A 98 32.55 6.81 -5.35
N ALA A 99 31.42 6.76 -6.08
CA ALA A 99 30.59 7.95 -6.22
C ALA A 99 30.09 8.45 -4.86
N GLY A 100 29.63 7.53 -4.02
CA GLY A 100 29.11 7.94 -2.73
C GLY A 100 30.17 8.65 -1.87
N ILE A 101 31.37 8.07 -1.83
CA ILE A 101 32.45 8.63 -1.02
C ILE A 101 32.83 10.02 -1.53
N VAL A 102 32.98 10.16 -2.86
CA VAL A 102 33.38 11.45 -3.41
C VAL A 102 32.35 12.51 -3.06
N GLY A 103 31.07 12.20 -3.25
CA GLY A 103 30.03 13.15 -2.93
C GLY A 103 30.03 13.55 -1.47
N MET A 104 30.21 12.57 -0.58
CA MET A 104 30.16 12.87 0.84
C MET A 104 31.33 13.74 1.28
N LYS A 105 32.53 13.45 0.79
CA LYS A 105 33.67 14.31 1.13
C LYS A 105 33.48 15.73 0.63
N MET A 106 32.98 15.87 -0.60
CA MET A 106 32.73 17.20 -1.13
C MET A 106 31.71 17.95 -0.29
N ALA A 107 30.63 17.28 0.14
CA ALA A 107 29.62 17.94 0.96
C ALA A 107 30.17 18.35 2.32
N THR A 108 30.96 17.48 2.94
CA THR A 108 31.54 17.81 4.25
C THR A 108 32.44 19.03 4.15
N ARG A 109 33.15 19.18 3.03
CA ARG A 109 33.95 20.39 2.85
C ARG A 109 33.06 21.60 2.54
N ALA A 110 31.97 21.41 1.79
CA ALA A 110 31.18 22.51 1.26
C ALA A 110 30.24 23.13 2.28
N ASN A 111 29.84 22.38 3.32
CA ASN A 111 28.85 22.91 4.25
C ASN A 111 29.31 24.20 4.92
N VAL A 112 30.58 24.27 5.35
CA VAL A 112 31.09 25.50 5.95
C VAL A 112 31.17 26.61 4.90
N ARG A 113 31.50 26.25 3.66
CA ARG A 113 31.64 27.23 2.60
C ARG A 113 30.33 27.91 2.28
N VAL A 114 29.21 27.19 2.36
CA VAL A 114 27.92 27.80 2.06
C VAL A 114 27.62 28.94 3.03
N ALA A 115 27.74 28.66 4.33
CA ALA A 115 27.50 29.69 5.34
C ALA A 115 28.47 30.85 5.19
N GLU A 116 29.76 30.55 4.96
CA GLU A 116 30.73 31.63 4.87
C GLU A 116 30.52 32.48 3.62
N ALA A 117 30.11 31.85 2.52
CA ALA A 117 29.80 32.60 1.30
C ALA A 117 28.58 33.49 1.51
N ALA A 118 27.53 32.98 2.16
CA ALA A 118 26.37 33.82 2.43
C ALA A 118 26.73 34.98 3.34
N ARG A 119 27.66 34.77 4.27
CA ARG A 119 28.05 35.83 5.20
C ARG A 119 28.93 36.89 4.54
N THR A 120 29.96 36.46 3.80
CA THR A 120 30.94 37.39 3.26
C THR A 120 30.32 38.29 2.17
N THR A 121 29.57 37.70 1.26
CA THR A 121 28.95 38.46 0.17
C THR A 121 27.64 39.12 0.58
N LYS A 122 27.06 38.72 1.71
CA LYS A 122 25.77 39.21 2.18
C LYS A 122 24.67 38.95 1.17
N LYS A 123 24.84 37.90 0.35
CA LYS A 123 23.89 37.53 -0.68
C LYS A 123 23.63 36.03 -0.63
N ILE A 124 22.43 35.64 -1.03
CA ILE A 124 22.09 34.22 -1.03
C ILE A 124 22.64 33.54 -2.28
N GLY A 125 22.79 34.28 -3.38
CA GLY A 125 23.21 33.74 -4.65
C GLY A 125 24.53 33.00 -4.64
N PRO A 126 25.60 33.63 -4.12
CA PRO A 126 26.89 32.91 -4.07
C PRO A 126 26.87 31.66 -3.21
N ALA A 127 26.23 31.71 -2.03
CA ALA A 127 26.09 30.51 -1.22
C ALA A 127 25.30 29.43 -1.97
N LEU A 128 24.25 29.84 -2.68
CA LEU A 128 23.51 28.90 -3.51
C LEU A 128 24.42 28.28 -4.56
N LYS A 129 25.30 29.08 -5.16
CA LYS A 129 26.19 28.57 -6.20
C LYS A 129 27.17 27.54 -5.63
N VAL A 130 27.75 27.82 -4.46
CA VAL A 130 28.72 26.87 -3.90
C VAL A 130 28.03 25.58 -3.46
N ALA A 131 26.84 25.69 -2.85
CA ALA A 131 26.11 24.48 -2.46
C ALA A 131 25.72 23.66 -3.69
N TYR A 132 25.28 24.34 -4.75
CA TYR A 132 24.95 23.65 -5.98
C TYR A 132 26.19 23.02 -6.60
N GLN A 133 27.35 23.64 -6.44
CA GLN A 133 28.58 23.03 -6.93
C GLN A 133 28.90 21.73 -6.19
N GLY A 134 28.68 21.71 -4.87
CA GLY A 134 28.86 20.46 -4.15
C GLY A 134 27.92 19.37 -4.62
N GLY A 135 26.63 19.72 -4.76
CA GLY A 135 25.68 18.75 -5.27
C GLY A 135 26.03 18.30 -6.68
N SER A 136 26.56 19.21 -7.49
CA SER A 136 26.97 18.89 -8.85
C SER A 136 28.16 17.95 -8.86
N VAL A 137 29.07 18.10 -7.89
CA VAL A 137 30.17 17.15 -7.76
C VAL A 137 29.60 15.75 -7.53
N MET A 138 28.64 15.64 -6.62
CA MET A 138 28.03 14.32 -6.38
C MET A 138 27.36 13.78 -7.65
N GLY A 139 26.59 14.62 -8.34
CA GLY A 139 25.88 14.17 -9.53
C GLY A 139 26.81 13.76 -10.65
N LEU A 140 27.85 14.56 -10.90
CA LEU A 140 28.81 14.22 -11.94
C LEU A 140 29.55 12.94 -11.62
N SER A 141 29.90 12.74 -10.35
CA SER A 141 30.55 11.48 -9.97
C SER A 141 29.63 10.30 -10.25
N VAL A 142 28.36 10.43 -9.86
CA VAL A 142 27.37 9.37 -10.11
C VAL A 142 27.33 9.02 -11.58
N GLY A 143 27.04 10.01 -12.42
CA GLY A 143 26.86 9.76 -13.84
C GLY A 143 28.12 9.23 -14.49
N GLY A 144 29.26 9.87 -14.22
CA GLY A 144 30.50 9.47 -14.84
C GLY A 144 30.90 8.07 -14.47
N PHE A 145 30.80 7.71 -13.18
CA PHE A 145 31.19 6.38 -12.76
C PHE A 145 30.29 5.32 -13.38
N ALA A 146 28.97 5.54 -13.33
CA ALA A 146 28.06 4.55 -13.90
C ALA A 146 28.34 4.34 -15.38
N LEU A 147 28.42 5.44 -16.14
CA LEU A 147 28.59 5.30 -17.58
C LEU A 147 29.99 4.79 -17.94
N LEU A 148 31.00 5.13 -17.16
CA LEU A 148 32.34 4.62 -17.41
C LEU A 148 32.40 3.11 -17.23
N GLY A 149 31.85 2.62 -16.12
CA GLY A 149 31.80 1.18 -15.94
C GLY A 149 31.02 0.49 -17.04
N LEU A 150 29.89 1.08 -17.44
CA LEU A 150 29.07 0.45 -18.47
C LEU A 150 29.78 0.40 -19.81
N VAL A 151 30.40 1.50 -20.23
CA VAL A 151 31.08 1.53 -21.52
C VAL A 151 32.28 0.59 -21.52
N LEU A 152 33.03 0.54 -20.42
CA LEU A 152 34.14 -0.40 -20.35
C LEU A 152 33.65 -1.82 -20.47
N VAL A 153 32.55 -2.15 -19.78
CA VAL A 153 31.97 -3.49 -19.91
C VAL A 153 31.62 -3.80 -21.36
N TYR A 154 30.93 -2.85 -22.02
CA TYR A 154 30.50 -3.09 -23.38
C TYR A 154 31.69 -3.32 -24.30
N LEU A 155 32.75 -2.51 -24.15
CA LEU A 155 33.92 -2.66 -25.00
C LEU A 155 34.64 -3.98 -24.74
N ILE A 156 34.79 -4.38 -23.48
CA ILE A 156 35.59 -5.55 -23.16
C ILE A 156 34.84 -6.83 -23.48
N PHE A 157 33.63 -6.99 -22.95
CA PHE A 157 32.91 -8.25 -23.09
C PHE A 157 32.12 -8.32 -24.39
N GLY A 158 31.39 -7.25 -24.74
CA GLY A 158 30.56 -7.28 -25.92
C GLY A 158 31.36 -7.36 -27.21
N LYS A 159 32.43 -6.58 -27.30
CA LYS A 159 33.19 -6.45 -28.54
C LYS A 159 34.49 -7.24 -28.53
N TRP A 160 35.35 -7.01 -27.54
CA TRP A 160 36.65 -7.67 -27.53
C TRP A 160 36.49 -9.18 -27.35
N MET A 161 35.61 -9.60 -26.44
CA MET A 161 35.29 -11.01 -26.28
C MET A 161 34.29 -11.53 -27.31
N GLY A 162 33.54 -10.63 -27.95
CA GLY A 162 32.56 -11.07 -28.94
C GLY A 162 31.31 -11.72 -28.39
N GLN A 163 30.92 -11.41 -27.15
CA GLN A 163 29.68 -11.96 -26.63
C GLN A 163 28.49 -11.50 -27.46
N VAL A 164 28.47 -10.23 -27.86
CA VAL A 164 27.45 -9.75 -28.78
C VAL A 164 27.61 -10.42 -30.14
N ASP A 165 28.86 -10.66 -30.55
CA ASP A 165 29.14 -11.23 -31.86
C ASP A 165 28.52 -12.63 -32.00
N ASN A 166 28.72 -13.48 -31.00
CA ASN A 166 28.11 -14.81 -31.06
C ASN A 166 26.60 -14.73 -30.91
N LEU A 167 26.12 -13.91 -29.97
CA LEU A 167 24.69 -13.67 -29.76
C LEU A 167 23.94 -14.99 -29.59
N ASN A 168 24.50 -15.88 -28.78
CA ASN A 168 23.93 -17.20 -28.60
C ASN A 168 23.66 -17.44 -27.12
N ILE A 169 22.45 -17.91 -26.82
CA ILE A 169 22.11 -18.29 -25.46
C ILE A 169 22.83 -19.58 -25.10
N TYR A 170 23.44 -19.61 -23.91
CA TYR A 170 24.24 -20.73 -23.45
C TYR A 170 23.62 -21.25 -22.16
N THR A 171 23.38 -22.55 -22.11
CA THR A 171 22.90 -23.18 -20.89
C THR A 171 24.08 -23.81 -20.17
N ASN A 172 24.47 -23.21 -19.05
CA ASN A 172 25.58 -23.68 -18.24
C ASN A 172 25.03 -24.59 -17.13
N TRP A 173 25.88 -24.92 -16.16
CA TRP A 173 25.44 -25.79 -15.07
C TRP A 173 24.31 -25.10 -14.30
N LEU A 174 23.55 -25.92 -13.57
CA LEU A 174 22.38 -25.55 -12.76
C LEU A 174 21.18 -25.25 -13.66
N GLY A 175 21.30 -25.41 -14.98
CA GLY A 175 20.18 -25.16 -15.86
C GLY A 175 19.92 -23.72 -16.22
N ILE A 176 20.90 -22.84 -16.05
CA ILE A 176 20.74 -21.43 -16.39
C ILE A 176 21.12 -21.21 -17.85
N ASN A 177 20.16 -20.75 -18.65
CA ASN A 177 20.38 -20.42 -20.05
C ASN A 177 20.35 -18.91 -20.20
N PHE A 178 21.41 -18.35 -20.79
CA PHE A 178 21.54 -16.91 -20.84
C PHE A 178 22.41 -16.49 -22.02
N VAL A 179 22.08 -15.34 -22.58
CA VAL A 179 23.04 -14.68 -23.49
C VAL A 179 24.17 -14.10 -22.65
N PRO A 180 25.44 -14.35 -22.99
CA PRO A 180 26.52 -13.92 -22.08
C PRO A 180 26.51 -12.43 -21.80
N PHE A 181 26.32 -11.61 -22.84
CA PHE A 181 26.33 -10.17 -22.65
C PHE A 181 25.17 -9.71 -21.78
N ALA A 182 23.98 -10.28 -22.01
CA ALA A 182 22.80 -9.90 -21.22
C ALA A 182 22.99 -10.25 -19.76
N MET A 183 23.49 -11.46 -19.47
CA MET A 183 23.74 -11.84 -18.08
C MET A 183 24.79 -10.94 -17.46
N THR A 184 25.79 -10.54 -18.24
CA THR A 184 26.83 -9.65 -17.69
C THR A 184 26.25 -8.30 -17.29
N VAL A 185 25.45 -7.70 -18.17
CA VAL A 185 24.86 -6.40 -17.82
C VAL A 185 23.88 -6.55 -16.65
N SER A 186 23.19 -7.68 -16.57
CA SER A 186 22.31 -7.94 -15.43
C SER A 186 23.11 -7.98 -14.14
N GLY A 187 24.29 -8.62 -14.18
CA GLY A 187 25.14 -8.66 -12.99
C GLY A 187 25.62 -7.28 -12.58
N TYR A 188 25.98 -6.45 -13.55
CA TYR A 188 26.39 -5.08 -13.24
C TYR A 188 25.26 -4.33 -12.51
N ALA A 189 24.05 -4.39 -13.07
CA ALA A 189 22.92 -3.73 -12.44
C ALA A 189 22.65 -4.28 -11.05
N LEU A 190 22.78 -5.60 -10.88
CA LEU A 190 22.53 -6.21 -9.57
C LEU A 190 23.54 -5.72 -8.54
N GLY A 191 24.82 -5.64 -8.92
CA GLY A 191 25.81 -5.09 -8.01
C GLY A 191 25.49 -3.68 -7.58
N CYS A 192 25.15 -2.81 -8.55
CA CYS A 192 24.78 -1.45 -8.21
C CYS A 192 23.60 -1.42 -7.24
N SER A 193 22.59 -2.27 -7.48
CA SER A 193 21.40 -2.26 -6.63
C SER A 193 21.73 -2.72 -5.21
N ILE A 194 22.54 -3.78 -5.07
CA ILE A 194 22.87 -4.29 -3.75
C ILE A 194 23.65 -3.23 -2.95
N ILE A 195 24.65 -2.61 -3.58
CA ILE A 195 25.44 -1.61 -2.88
C ILE A 195 24.57 -0.43 -2.48
N ALA A 196 23.73 0.05 -3.39
CA ALA A 196 22.88 1.19 -3.08
C ALA A 196 21.94 0.88 -1.93
N MET A 197 21.34 -0.32 -1.93
CA MET A 197 20.42 -0.67 -0.85
C MET A 197 21.15 -0.72 0.49
N PHE A 198 22.29 -1.41 0.55
CA PHE A 198 23.05 -1.47 1.80
C PHE A 198 23.36 -0.07 2.33
N ASP A 199 23.96 0.76 1.47
CA ASP A 199 24.36 2.10 1.89
C ASP A 199 23.17 2.90 2.39
N ARG A 200 22.10 2.96 1.59
CA ARG A 200 20.98 3.81 1.95
C ARG A 200 20.30 3.31 3.22
N VAL A 201 20.12 2.00 3.36
CA VAL A 201 19.45 1.48 4.55
C VAL A 201 20.23 1.84 5.80
N GLY A 202 21.53 1.50 5.82
CA GLY A 202 22.31 1.78 7.01
C GLY A 202 22.38 3.26 7.34
N GLY A 203 22.75 4.07 6.34
CA GLY A 203 22.87 5.51 6.56
C GLY A 203 21.56 6.14 6.96
N GLY A 204 20.46 5.73 6.32
CA GLY A 204 19.16 6.29 6.64
C GLY A 204 18.71 5.94 8.04
N VAL A 205 18.88 4.69 8.46
CA VAL A 205 18.53 4.33 9.83
C VAL A 205 19.33 5.16 10.81
N TYR A 206 20.64 5.30 10.57
CA TYR A 206 21.48 6.08 11.49
C TYR A 206 21.02 7.53 11.55
N THR A 207 20.88 8.16 10.38
CA THR A 207 20.54 9.59 10.33
C THR A 207 19.15 9.85 10.88
N LYS A 208 18.17 8.99 10.58
CA LYS A 208 16.80 9.23 11.02
C LYS A 208 16.66 8.97 12.51
N ALA A 209 17.37 7.97 13.05
CA ALA A 209 17.37 7.80 14.49
C ALA A 209 17.93 9.05 15.18
N ALA A 210 19.06 9.55 14.69
CA ALA A 210 19.66 10.72 15.30
C ALA A 210 18.77 11.96 15.14
N ASP A 211 18.22 12.16 13.95
CA ASP A 211 17.38 13.33 13.68
C ASP A 211 16.11 13.30 14.52
N MET A 212 15.45 12.14 14.58
CA MET A 212 14.24 12.03 15.39
C MET A 212 14.54 12.27 16.85
N ALA A 213 15.64 11.69 17.37
CA ALA A 213 15.98 11.92 18.76
C ALA A 213 16.24 13.39 19.02
N ALA A 214 16.97 14.06 18.12
CA ALA A 214 17.29 15.46 18.31
C ALA A 214 16.03 16.31 18.31
N ASP A 215 15.22 16.20 17.26
CA ASP A 215 14.01 17.02 17.19
C ASP A 215 13.06 16.71 18.35
N LEU A 216 12.95 15.44 18.76
CA LEU A 216 11.97 15.09 19.77
C LEU A 216 12.40 15.56 21.17
N VAL A 217 13.65 15.34 21.56
CA VAL A 217 14.08 15.68 22.91
C VAL A 217 14.78 17.04 22.97
N GLY A 218 15.81 17.26 22.13
CA GLY A 218 16.50 18.54 22.17
C GLY A 218 15.59 19.69 21.79
N LYS A 219 14.90 19.57 20.66
CA LYS A 219 14.08 20.69 20.21
C LYS A 219 12.83 20.85 21.07
N THR A 220 12.16 19.74 21.40
CA THR A 220 10.89 19.81 22.13
C THR A 220 11.12 19.68 23.63
N GLU A 221 11.51 18.49 24.08
CA GLU A 221 11.61 18.21 25.51
C GLU A 221 12.66 19.09 26.20
N LEU A 222 13.80 19.31 25.55
CA LEU A 222 14.82 20.19 26.12
C LEU A 222 14.55 21.67 25.91
N ASN A 223 13.54 22.04 25.13
CA ASN A 223 13.28 23.42 24.73
C ASN A 223 14.54 24.07 24.16
N LEU A 224 15.11 23.42 23.16
CA LEU A 224 16.28 23.90 22.43
C LEU A 224 15.97 24.08 20.94
N PRO A 225 16.65 25.02 20.28
CA PRO A 225 16.43 25.21 18.83
C PRO A 225 16.84 23.96 18.07
N GLU A 226 16.29 23.82 16.86
CA GLU A 226 16.65 22.69 16.01
C GLU A 226 18.14 22.71 15.73
N ASP A 227 18.76 21.52 15.79
CA ASP A 227 20.21 21.36 15.65
C ASP A 227 20.95 22.18 16.70
N ASP A 228 20.51 22.04 17.95
CA ASP A 228 21.14 22.75 19.05
C ASP A 228 22.52 22.17 19.34
N PRO A 229 23.52 23.01 19.62
CA PRO A 229 24.88 22.47 19.84
C PRO A 229 24.99 21.58 21.07
N ARG A 230 24.32 21.94 22.17
CA ARG A 230 24.46 21.16 23.41
C ARG A 230 23.92 19.74 23.25
N ASN A 231 22.84 19.58 22.49
CA ASN A 231 22.20 18.28 22.34
C ASN A 231 23.10 17.33 21.56
N PRO A 232 23.44 16.16 22.11
CA PRO A 232 24.27 15.21 21.34
C PRO A 232 23.59 14.66 20.10
N ALA A 233 22.28 14.46 20.18
CA ALA A 233 21.53 13.95 19.04
C ALA A 233 21.64 14.87 17.83
N THR A 234 21.80 16.18 18.05
CA THR A 234 21.95 17.09 16.92
C THR A 234 23.25 16.86 16.16
N ILE A 235 24.37 16.70 16.88
CA ILE A 235 25.63 16.36 16.20
C ILE A 235 25.51 15.02 15.51
N ALA A 236 24.90 14.05 16.17
CA ALA A 236 24.68 12.76 15.52
C ALA A 236 23.81 12.93 14.28
N ASP A 237 22.85 13.85 14.32
CA ASP A 237 21.97 14.11 13.18
C ASP A 237 22.73 14.73 12.02
N ASN A 238 23.63 15.68 12.29
CA ASN A 238 24.40 16.25 11.19
C ASN A 238 25.35 15.23 10.58
N VAL A 239 26.03 14.45 11.42
CA VAL A 239 26.86 13.36 10.90
C VAL A 239 26.01 12.41 10.07
N GLY A 240 24.78 12.14 10.54
CA GLY A 240 23.88 11.29 9.77
C GLY A 240 23.43 11.93 8.47
N ASP A 241 23.19 13.23 8.48
CA ASP A 241 22.85 13.91 7.23
C ASP A 241 23.94 13.67 6.21
N ASN A 242 25.20 13.84 6.63
CA ASN A 242 26.32 13.55 5.74
C ASN A 242 26.34 12.09 5.31
N VAL A 243 26.11 11.17 6.23
CA VAL A 243 26.25 9.75 5.92
C VAL A 243 25.08 9.27 5.04
N GLY A 244 23.87 9.35 5.55
CA GLY A 244 22.67 8.88 4.89
C GLY A 244 22.10 9.77 3.81
N ASP A 245 21.98 11.07 4.08
CA ASP A 245 21.30 11.95 3.14
C ASP A 245 22.20 12.27 1.95
N VAL A 246 23.49 12.51 2.19
CA VAL A 246 24.41 12.82 1.10
C VAL A 246 24.76 11.55 0.31
N ALA A 247 25.29 10.55 1.00
CA ALA A 247 25.86 9.39 0.32
C ALA A 247 24.76 8.46 -0.20
N GLY A 248 23.75 8.18 0.62
CA GLY A 248 22.70 7.26 0.20
C GLY A 248 21.94 7.76 -1.02
N LEU A 249 21.77 9.09 -1.10
CA LEU A 249 21.02 9.69 -2.20
C LEU A 249 21.66 9.40 -3.55
N GLY A 250 22.97 9.62 -3.65
CA GLY A 250 23.66 9.35 -4.90
C GLY A 250 23.59 7.89 -5.28
N ALA A 251 23.71 6.99 -4.29
CA ALA A 251 23.63 5.56 -4.58
C ALA A 251 22.25 5.18 -5.09
N ASP A 252 21.19 5.68 -4.45
CA ASP A 252 19.83 5.37 -4.89
C ASP A 252 19.56 5.89 -6.30
N LEU A 253 19.91 7.15 -6.55
CA LEU A 253 19.66 7.73 -7.87
C LEU A 253 20.46 7.01 -8.95
N LEU A 254 21.73 6.70 -8.66
CA LEU A 254 22.56 5.97 -9.61
C LEU A 254 21.98 4.59 -9.88
N GLU A 255 21.47 3.93 -8.83
CA GLU A 255 20.87 2.62 -9.01
C GLU A 255 19.65 2.68 -9.92
N SER A 256 18.80 3.70 -9.74
CA SER A 256 17.64 3.82 -10.61
C SER A 256 18.05 4.06 -12.07
N PHE A 257 19.04 4.93 -12.28
CA PHE A 257 19.51 5.24 -13.62
C PHE A 257 20.09 3.98 -14.30
N VAL A 258 20.96 3.28 -13.58
CA VAL A 258 21.56 2.06 -14.11
C VAL A 258 20.49 1.02 -14.38
N GLY A 259 19.48 0.92 -13.51
CA GLY A 259 18.43 -0.05 -13.73
C GLY A 259 17.66 0.22 -15.00
N ALA A 260 17.35 1.49 -15.27
CA ALA A 260 16.64 1.82 -16.49
C ALA A 260 17.46 1.46 -17.73
N ILE A 261 18.74 1.86 -17.74
CA ILE A 261 19.57 1.59 -18.91
C ILE A 261 19.73 0.08 -19.12
N VAL A 262 20.03 -0.64 -18.04
CA VAL A 262 20.25 -2.08 -18.14
C VAL A 262 18.98 -2.79 -18.59
N SER A 263 17.82 -2.33 -18.13
CA SER A 263 16.58 -2.95 -18.56
C SER A 263 16.37 -2.76 -20.06
N SER A 264 16.64 -1.56 -20.57
CA SER A 264 16.53 -1.35 -22.01
C SER A 264 17.48 -2.27 -22.77
N ILE A 265 18.73 -2.37 -22.29
CA ILE A 265 19.72 -3.20 -22.97
C ILE A 265 19.30 -4.67 -22.96
N ILE A 266 18.80 -5.15 -21.82
CA ILE A 266 18.38 -6.55 -21.72
C ILE A 266 17.23 -6.83 -22.66
N LEU A 267 16.24 -5.92 -22.72
CA LEU A 267 15.11 -6.12 -23.62
C LEU A 267 15.59 -6.22 -25.06
N ALA A 268 16.49 -5.32 -25.46
CA ALA A 268 16.99 -5.35 -26.83
C ALA A 268 17.76 -6.64 -27.11
N SER A 269 18.65 -7.02 -26.18
CA SER A 269 19.48 -8.22 -26.38
C SER A 269 18.64 -9.49 -26.48
N TYR A 270 17.58 -9.59 -25.68
CA TYR A 270 16.72 -10.79 -25.74
C TYR A 270 15.73 -10.77 -26.88
N MET A 271 15.39 -9.60 -27.43
CA MET A 271 14.50 -9.58 -28.58
C MET A 271 15.12 -10.21 -29.82
N PHE A 272 16.45 -10.31 -29.89
CA PHE A 272 17.08 -10.83 -31.10
C PHE A 272 16.79 -12.31 -31.36
N PRO A 273 17.06 -13.24 -30.43
CA PRO A 273 16.80 -14.65 -30.74
C PRO A 273 15.32 -15.01 -30.75
N ILE A 274 14.46 -14.17 -30.18
CA ILE A 274 13.05 -14.51 -30.00
C ILE A 274 12.24 -14.34 -31.29
N TYR A 275 12.53 -13.30 -32.08
CA TYR A 275 11.75 -13.01 -33.29
C TYR A 275 12.18 -13.93 -34.42
N VAL A 276 11.56 -15.10 -34.46
CA VAL A 276 11.75 -16.05 -35.55
C VAL A 276 10.40 -16.44 -36.12
N GLN A 277 10.38 -16.66 -37.43
CA GLN A 277 9.20 -17.03 -38.20
C GLN A 277 9.53 -18.35 -38.90
N LYS A 278 8.69 -19.36 -38.71
CA LYS A 278 8.96 -20.68 -39.29
C LYS A 278 8.39 -20.73 -40.71
N ILE A 279 9.28 -20.56 -41.68
CA ILE A 279 8.97 -20.71 -43.10
C ILE A 279 9.76 -21.89 -43.63
N GLY A 280 9.07 -22.81 -44.30
CA GLY A 280 9.73 -24.02 -44.78
C GLY A 280 10.42 -24.81 -43.69
N GLU A 281 9.75 -24.95 -42.54
CA GLU A 281 10.27 -25.66 -41.38
C GLU A 281 11.53 -25.02 -40.81
N ASN A 282 11.86 -23.80 -41.24
CA ASN A 282 13.07 -23.11 -40.82
C ASN A 282 12.70 -21.83 -40.09
N LEU A 283 13.28 -21.63 -38.91
CA LEU A 283 13.00 -20.46 -38.09
C LEU A 283 13.95 -19.33 -38.50
N VAL A 284 13.37 -18.26 -39.04
CA VAL A 284 14.11 -17.13 -39.60
C VAL A 284 14.01 -15.97 -38.63
N HIS A 285 15.14 -15.35 -38.31
CA HIS A 285 15.07 -14.18 -37.46
C HIS A 285 14.31 -13.07 -38.17
N GLN A 286 13.16 -12.69 -37.60
CA GLN A 286 12.36 -11.61 -38.17
C GLN A 286 13.07 -10.28 -38.06
N VAL A 287 14.00 -10.15 -37.12
CA VAL A 287 14.73 -8.92 -36.88
C VAL A 287 16.21 -9.22 -37.12
N PRO A 288 16.89 -8.52 -38.02
CA PRO A 288 18.30 -8.80 -38.24
C PRO A 288 19.13 -8.44 -37.02
N LYS A 289 20.34 -9.02 -36.96
CA LYS A 289 21.21 -8.81 -35.80
C LYS A 289 21.72 -7.38 -35.72
N GLU A 290 21.95 -6.74 -36.88
CA GLU A 290 22.51 -5.39 -36.88
C GLU A 290 21.55 -4.39 -36.23
N THR A 291 20.25 -4.51 -36.53
CA THR A 291 19.26 -3.63 -35.91
C THR A 291 19.23 -3.83 -34.40
N ILE A 292 19.33 -5.08 -33.94
CA ILE A 292 19.34 -5.34 -32.51
C ILE A 292 20.58 -4.74 -31.85
N GLN A 293 21.74 -4.86 -32.51
CA GLN A 293 22.95 -4.26 -31.96
C GLN A 293 22.81 -2.73 -31.89
N ALA A 294 22.21 -2.12 -32.91
CA ALA A 294 21.99 -0.68 -32.88
C ALA A 294 21.07 -0.29 -31.75
N LEU A 295 20.00 -1.07 -31.51
CA LEU A 295 19.09 -0.77 -30.40
C LEU A 295 19.72 -1.06 -29.05
N ILE A 296 20.73 -1.93 -29.00
CA ILE A 296 21.48 -2.14 -27.76
C ILE A 296 22.37 -0.95 -27.48
N SER A 297 23.00 -0.39 -28.52
CA SER A 297 23.91 0.74 -28.33
C SER A 297 23.18 2.07 -28.18
N TYR A 298 21.93 2.15 -28.62
CA TYR A 298 21.19 3.42 -28.57
C TYR A 298 21.03 3.97 -27.16
N PRO A 299 20.66 3.19 -26.13
CA PRO A 299 20.51 3.78 -24.79
C PRO A 299 21.80 4.31 -24.21
N ILE A 300 22.95 3.70 -24.49
CA ILE A 300 24.21 4.18 -23.95
C ILE A 300 24.54 5.57 -24.51
N PHE A 301 24.38 5.73 -25.83
CA PHE A 301 24.61 7.03 -26.45
C PHE A 301 23.57 8.04 -25.98
N PHE A 302 22.34 7.58 -25.78
CA PHE A 302 21.30 8.43 -25.19
C PHE A 302 21.76 8.98 -23.84
N ALA A 303 22.28 8.10 -22.97
CA ALA A 303 22.71 8.52 -21.65
C ALA A 303 23.92 9.44 -21.70
N LEU A 304 24.85 9.17 -22.62
CA LEU A 304 26.01 10.05 -22.77
C LEU A 304 25.59 11.45 -23.22
N VAL A 305 24.67 11.52 -24.19
CA VAL A 305 24.15 12.80 -24.64
C VAL A 305 23.43 13.51 -23.51
N GLY A 306 22.63 12.78 -22.72
CA GLY A 306 21.94 13.39 -21.61
C GLY A 306 22.88 13.93 -20.56
N LEU A 307 23.96 13.20 -20.27
CA LEU A 307 24.96 13.67 -19.31
C LEU A 307 25.67 14.91 -19.83
N GLY A 308 25.98 14.95 -21.13
CA GLY A 308 26.56 16.15 -21.70
C GLY A 308 25.65 17.35 -21.59
N CYS A 309 24.36 17.15 -21.87
CA CYS A 309 23.39 18.25 -21.74
C CYS A 309 23.26 18.69 -20.29
N SER A 310 23.34 17.73 -19.35
CA SER A 310 23.29 18.08 -17.93
C SER A 310 24.48 18.93 -17.54
N MET A 311 25.68 18.55 -17.99
CA MET A 311 26.87 19.36 -17.72
C MET A 311 26.72 20.76 -18.29
N LEU A 312 26.22 20.86 -19.53
CA LEU A 312 26.06 22.17 -20.15
C LEU A 312 25.07 23.03 -19.38
N GLY A 313 23.94 22.44 -18.98
CA GLY A 313 22.95 23.19 -18.24
C GLY A 313 23.46 23.67 -16.89
N ILE A 314 24.12 22.78 -16.14
CA ILE A 314 24.66 23.16 -14.83
C ILE A 314 25.70 24.27 -14.98
N LEU A 315 26.62 24.11 -15.94
CA LEU A 315 27.68 25.10 -16.11
C LEU A 315 27.10 26.45 -16.51
N TYR A 316 26.11 26.46 -17.43
CA TYR A 316 25.49 27.72 -17.81
C TYR A 316 24.75 28.35 -16.64
N VAL A 317 24.03 27.55 -15.85
CA VAL A 317 23.22 28.08 -14.76
C VAL A 317 24.08 28.69 -13.67
N ILE A 318 25.24 28.07 -13.38
CA ILE A 318 26.07 28.59 -12.31
C ILE A 318 26.55 30.01 -12.60
N VAL A 319 26.83 30.31 -13.87
CA VAL A 319 27.32 31.62 -14.29
C VAL A 319 26.26 32.46 -14.97
N LYS A 320 25.05 31.93 -15.17
CA LYS A 320 24.00 32.68 -15.86
C LYS A 320 23.69 33.99 -15.15
N LYS A 321 23.17 33.91 -13.93
CA LYS A 321 22.83 35.12 -13.18
C LYS A 321 22.61 34.81 -11.71
N PRO A 322 23.03 35.69 -10.81
CA PRO A 322 22.75 35.46 -9.38
C PRO A 322 21.24 35.48 -9.14
N SER A 323 20.75 34.47 -8.45
CA SER A 323 19.32 34.30 -8.26
C SER A 323 18.94 34.49 -6.80
N ASP A 324 17.81 35.15 -6.57
CA ASP A 324 17.29 35.35 -5.22
C ASP A 324 16.54 34.13 -4.71
N ASN A 325 16.05 33.29 -5.62
CA ASN A 325 15.29 32.09 -5.28
C ASN A 325 16.09 30.85 -5.66
N PRO A 326 16.52 30.02 -4.71
CA PRO A 326 17.28 28.82 -5.11
C PRO A 326 16.43 27.82 -5.86
N GLN A 327 15.20 27.58 -5.42
CA GLN A 327 14.33 26.62 -6.10
C GLN A 327 14.08 27.01 -7.56
N ARG A 328 13.93 28.31 -7.83
CA ARG A 328 13.75 28.77 -9.20
C ARG A 328 14.97 28.46 -10.05
N GLU A 329 16.18 28.67 -9.50
CA GLU A 329 17.40 28.37 -10.24
C GLU A 329 17.51 26.87 -10.50
N LEU A 330 17.14 26.05 -9.52
CA LEU A 330 17.15 24.60 -9.70
C LEU A 330 16.17 24.19 -10.80
N ASN A 331 14.98 24.80 -10.83
CA ASN A 331 14.02 24.51 -11.88
C ASN A 331 14.57 24.92 -13.25
N ILE A 332 15.26 26.06 -13.31
CA ILE A 332 15.87 26.50 -14.56
C ILE A 332 16.90 25.48 -15.04
N SER A 333 17.76 25.04 -14.12
CA SER A 333 18.76 24.03 -14.46
C SER A 333 18.11 22.77 -15.02
N LEU A 334 17.10 22.25 -14.31
CA LEU A 334 16.43 21.02 -14.73
C LEU A 334 15.80 21.18 -16.11
N TRP A 335 15.09 22.29 -16.33
CA TRP A 335 14.42 22.49 -17.62
C TRP A 335 15.43 22.64 -18.75
N THR A 336 16.52 23.37 -18.51
CA THR A 336 17.55 23.51 -19.54
C THR A 336 18.15 22.16 -19.91
N SER A 337 18.54 21.38 -18.90
CA SER A 337 19.11 20.06 -19.16
C SER A 337 18.12 19.20 -19.94
N ALA A 338 16.86 19.20 -19.52
CA ALA A 338 15.84 18.38 -20.17
C ALA A 338 15.67 18.77 -21.63
N LEU A 339 15.58 20.07 -21.91
CA LEU A 339 15.35 20.52 -23.28
C LEU A 339 16.54 20.22 -24.17
N LEU A 340 17.75 20.47 -23.67
CA LEU A 340 18.95 20.15 -24.45
C LEU A 340 19.01 18.65 -24.75
N THR A 341 18.69 17.82 -23.75
CA THR A 341 18.62 16.38 -23.97
C THR A 341 17.59 16.04 -25.05
N VAL A 342 16.42 16.67 -24.99
CA VAL A 342 15.37 16.44 -25.97
C VAL A 342 15.90 16.69 -27.38
N VAL A 343 16.54 17.85 -27.60
CA VAL A 343 16.96 18.21 -28.94
C VAL A 343 18.09 17.30 -29.43
N LEU A 344 19.12 17.11 -28.60
CA LEU A 344 20.23 16.27 -29.04
C LEU A 344 19.80 14.82 -29.22
N THR A 345 18.83 14.37 -28.43
CA THR A 345 18.29 13.03 -28.64
C THR A 345 17.44 12.97 -29.89
N ALA A 346 16.80 14.08 -30.27
CA ALA A 346 16.19 14.16 -31.59
C ALA A 346 17.22 13.91 -32.68
N PHE A 347 18.41 14.52 -32.54
CA PHE A 347 19.48 14.29 -33.52
C PHE A 347 19.91 12.83 -33.54
N LEU A 348 20.24 12.28 -32.37
CA LEU A 348 20.64 10.88 -32.28
C LEU A 348 19.57 9.96 -32.85
N THR A 349 18.31 10.24 -32.51
CA THR A 349 17.18 9.47 -32.98
C THR A 349 17.04 9.54 -34.49
N TYR A 350 17.26 10.73 -35.06
CA TYR A 350 17.24 10.87 -36.51
C TYR A 350 18.35 10.02 -37.13
N PHE A 351 19.49 9.95 -36.46
CA PHE A 351 20.58 9.11 -36.97
C PHE A 351 20.17 7.64 -36.95
N TYR A 352 19.42 7.26 -35.92
CA TYR A 352 19.03 5.86 -35.77
C TYR A 352 17.88 5.47 -36.70
N LEU A 353 16.97 6.40 -36.99
CA LEU A 353 15.82 6.05 -37.83
C LEU A 353 16.22 5.94 -39.29
N LYS A 354 17.36 6.51 -39.67
CA LYS A 354 17.86 6.32 -41.02
C LYS A 354 18.20 4.85 -41.27
N ASP A 355 18.78 4.19 -40.27
CA ASP A 355 19.27 2.83 -40.42
C ASP A 355 18.31 1.79 -39.82
N LEU A 356 17.05 2.15 -39.63
CA LEU A 356 16.04 1.24 -39.10
C LEU A 356 15.00 0.96 -40.17
N GLN A 357 14.90 -0.31 -40.59
CA GLN A 357 13.87 -0.74 -41.53
C GLN A 357 13.04 -1.89 -40.98
N GLY A 358 13.22 -2.26 -39.72
CA GLY A 358 12.49 -3.32 -39.06
C GLY A 358 11.51 -2.78 -38.06
N LEU A 359 10.94 -1.61 -38.34
CA LEU A 359 10.05 -0.96 -37.38
C LEU A 359 8.77 -1.74 -37.20
N ASP A 360 8.15 -2.20 -38.29
CA ASP A 360 6.88 -2.91 -38.19
C ASP A 360 7.01 -4.19 -37.37
N VAL A 361 8.12 -4.90 -37.51
CA VAL A 361 8.32 -6.11 -36.72
C VAL A 361 8.57 -5.78 -35.25
N LEU A 362 9.05 -4.58 -34.94
CA LEU A 362 9.33 -4.22 -33.56
C LEU A 362 8.19 -3.46 -32.88
N GLY A 363 7.19 -3.02 -33.62
CA GLY A 363 6.07 -2.31 -33.05
C GLY A 363 6.25 -0.82 -33.06
N PHE A 364 7.40 -0.35 -33.52
CA PHE A 364 7.76 1.07 -33.51
C PHE A 364 6.93 1.82 -34.54
N ARG A 365 6.14 2.81 -34.08
CA ARG A 365 5.27 3.53 -34.99
C ARG A 365 6.08 4.50 -35.85
N PHE A 366 6.91 5.32 -35.22
CA PHE A 366 7.77 6.25 -35.95
C PHE A 366 9.23 5.81 -35.91
N GLY A 367 9.45 4.51 -35.75
CA GLY A 367 10.83 4.04 -35.69
C GLY A 367 11.51 4.61 -34.47
N ALA A 368 12.76 5.02 -34.67
CA ALA A 368 13.54 5.55 -33.55
C ALA A 368 12.86 6.78 -32.94
N ILE A 369 12.11 7.55 -33.75
CA ILE A 369 11.47 8.77 -33.26
C ILE A 369 10.42 8.39 -32.20
N SER A 370 9.86 7.18 -32.27
CA SER A 370 8.82 6.82 -31.30
C SER A 370 9.37 6.73 -29.87
N PRO A 371 10.46 6.02 -29.59
CA PRO A 371 11.00 6.06 -28.23
C PRO A 371 11.47 7.44 -27.81
N TRP A 372 12.03 8.20 -28.76
CA TRP A 372 12.41 9.57 -28.47
C TRP A 372 11.22 10.37 -27.98
N PHE A 373 10.10 10.30 -28.70
CA PHE A 373 8.87 10.87 -28.19
C PHE A 373 8.56 10.28 -26.82
N SER A 374 8.61 8.95 -26.71
CA SER A 374 8.40 8.32 -25.41
C SER A 374 9.37 8.89 -24.39
N ALA A 375 10.65 8.99 -24.77
CA ALA A 375 11.62 9.57 -23.86
C ALA A 375 11.23 10.99 -23.51
N ILE A 376 10.85 11.76 -24.54
CA ILE A 376 10.39 13.13 -24.29
C ILE A 376 9.22 13.10 -23.32
N ILE A 377 8.27 12.21 -23.56
CA ILE A 377 7.13 12.09 -22.66
C ILE A 377 7.61 11.83 -21.24
N GLY A 378 8.52 10.86 -21.10
CA GLY A 378 9.05 10.58 -19.78
C GLY A 378 9.66 11.82 -19.16
N ILE A 379 10.47 12.53 -19.94
CA ILE A 379 11.06 13.77 -19.46
C ILE A 379 9.97 14.70 -18.97
N PHE A 380 8.96 14.94 -19.81
CA PHE A 380 7.90 15.85 -19.42
C PHE A 380 7.21 15.34 -18.17
N SER A 381 6.94 14.03 -18.12
CA SER A 381 6.26 13.47 -16.96
C SER A 381 7.04 13.77 -15.70
N GLY A 382 8.37 13.62 -15.76
CA GLY A 382 9.17 13.90 -14.59
C GLY A 382 8.95 15.32 -14.12
N ILE A 383 9.04 16.28 -15.04
CA ILE A 383 8.85 17.68 -14.66
C ILE A 383 7.49 17.86 -14.02
N LEU A 384 6.46 17.26 -14.64
CA LEU A 384 5.12 17.40 -14.08
C LEU A 384 5.06 16.79 -12.68
N ILE A 385 5.65 15.61 -12.51
CA ILE A 385 5.70 15.00 -11.19
C ILE A 385 6.48 15.92 -10.25
N GLY A 386 7.60 16.45 -10.74
CA GLY A 386 8.37 17.39 -9.94
C GLY A 386 7.52 18.57 -9.49
N PHE A 387 6.61 19.02 -10.34
CA PHE A 387 5.71 20.08 -9.92
C PHE A 387 4.76 19.58 -8.84
N TRP A 388 4.12 18.43 -9.07
CA TRP A 388 3.11 17.96 -8.11
C TRP A 388 3.72 17.74 -6.75
N ALA A 389 4.85 17.02 -6.69
CA ALA A 389 5.53 16.85 -5.42
C ALA A 389 5.81 18.19 -4.78
N GLU A 390 6.35 19.13 -5.57
CA GLU A 390 6.61 20.47 -5.05
C GLU A 390 5.31 21.07 -4.53
N TYR A 391 4.26 21.00 -5.35
CA TYR A 391 2.97 21.56 -4.95
C TYR A 391 2.51 20.97 -3.62
N TYR A 392 2.76 19.68 -3.41
CA TYR A 392 2.34 19.05 -2.16
C TYR A 392 3.35 19.22 -1.04
N THR A 393 4.63 19.44 -1.34
CA THR A 393 5.62 19.59 -0.29
C THR A 393 5.89 21.03 0.10
N SER A 394 5.82 21.96 -0.84
CA SER A 394 6.17 23.35 -0.55
C SER A 394 5.10 24.00 0.32
N TYR A 395 5.56 24.76 1.31
CA TYR A 395 4.66 25.50 2.19
C TYR A 395 4.08 26.75 1.54
N ARG A 396 4.53 27.11 0.34
CA ARG A 396 3.94 28.22 -0.39
C ARG A 396 2.58 27.84 -0.98
N TYR A 397 2.37 26.57 -1.27
CA TYR A 397 1.16 26.11 -1.93
C TYR A 397 0.09 25.70 -0.91
N LYS A 398 -1.10 25.41 -1.42
CA LYS A 398 -2.27 25.22 -0.58
C LYS A 398 -2.19 24.02 0.38
N PRO A 399 -1.70 22.84 -0.01
CA PRO A 399 -1.77 21.70 0.93
C PRO A 399 -0.98 21.90 2.22
N THR A 400 0.26 22.39 2.13
CA THR A 400 1.04 22.59 3.35
C THR A 400 0.48 23.73 4.21
N GLN A 401 -0.11 24.75 3.57
CA GLN A 401 -0.85 25.76 4.33
C GLN A 401 -2.03 25.14 5.07
N PHE A 402 -2.71 24.19 4.41
CA PHE A 402 -3.78 23.44 5.07
C PHE A 402 -3.23 22.64 6.24
N LEU A 403 -2.01 22.11 6.10
CA LEU A 403 -1.37 21.43 7.21
C LEU A 403 -1.13 22.38 8.38
N GLY A 404 -0.69 23.60 8.09
CA GLY A 404 -0.54 24.60 9.15
C GLY A 404 -1.86 24.95 9.81
N LYS A 405 -2.93 25.01 9.02
CA LYS A 405 -4.24 25.24 9.61
C LYS A 405 -4.60 24.10 10.53
N SER A 406 -4.28 22.87 10.14
CA SER A 406 -4.49 21.73 11.02
C SER A 406 -3.60 21.83 12.26
N SER A 407 -2.42 22.45 12.14
CA SER A 407 -1.63 22.74 13.32
C SER A 407 -2.40 23.63 14.26
N ILE A 408 -3.17 24.55 13.71
CA ILE A 408 -4.07 25.37 14.53
C ILE A 408 -5.20 24.50 15.10
N GLU A 409 -5.56 23.43 14.40
CA GLU A 409 -6.73 22.65 14.78
C GLU A 409 -6.43 21.50 15.75
N GLY A 410 -5.17 21.22 16.07
CA GLY A 410 -4.86 20.21 17.08
C GLY A 410 -3.76 19.23 16.69
N THR A 411 -3.19 18.52 17.67
CA THR A 411 -2.02 17.68 17.41
C THR A 411 -2.40 16.39 16.68
N GLY A 412 -3.33 15.61 17.23
CA GLY A 412 -3.81 14.44 16.49
C GLY A 412 -4.34 14.84 15.14
N MET A 413 -4.94 16.03 15.06
CA MET A 413 -5.34 16.57 13.77
C MET A 413 -4.14 16.76 12.86
N VAL A 414 -3.01 17.23 13.41
CA VAL A 414 -1.80 17.42 12.60
C VAL A 414 -1.33 16.09 12.03
N ILE A 415 -1.18 15.08 12.90
CA ILE A 415 -0.67 13.79 12.43
C ILE A 415 -1.62 13.19 11.40
N SER A 416 -2.91 13.22 11.70
CA SER A 416 -3.91 12.63 10.83
C SER A 416 -3.96 13.34 9.49
N ASN A 417 -3.96 14.68 9.51
CA ASN A 417 -4.00 15.46 8.28
C ASN A 417 -2.73 15.32 7.47
N GLY A 418 -1.57 15.14 8.11
CA GLY A 418 -0.36 14.89 7.35
C GLY A 418 -0.39 13.55 6.64
N LEU A 419 -0.87 12.51 7.33
CA LEU A 419 -1.07 11.23 6.66
C LEU A 419 -2.01 11.39 5.47
N SER A 420 -3.12 12.10 5.69
CA SER A 420 -4.08 12.36 4.62
C SER A 420 -3.44 13.14 3.47
N LEU A 421 -2.56 14.08 3.79
CA LEU A 421 -1.91 14.89 2.77
C LEU A 421 -1.03 14.03 1.89
N GLY A 422 -0.23 13.15 2.49
CA GLY A 422 0.59 12.25 1.69
C GLY A 422 -0.25 11.34 0.82
N MET A 423 -1.29 10.75 1.43
CA MET A 423 -2.16 9.86 0.68
C MET A 423 -2.82 10.59 -0.49
N LYS A 424 -3.25 11.84 -0.28
CA LYS A 424 -3.82 12.63 -1.37
C LYS A 424 -2.77 12.98 -2.41
N SER A 425 -1.53 13.22 -1.98
CA SER A 425 -0.47 13.59 -2.91
C SER A 425 -0.11 12.46 -3.85
N VAL A 426 -0.31 11.21 -3.43
CA VAL A 426 0.08 10.08 -4.28
C VAL A 426 -0.60 10.12 -5.64
N PHE A 427 -1.85 10.60 -5.70
CA PHE A 427 -2.69 10.36 -6.88
C PHE A 427 -2.27 11.14 -8.13
N PRO A 428 -2.09 12.47 -8.10
CA PRO A 428 -1.89 13.22 -9.37
C PRO A 428 -0.64 12.81 -10.12
N PRO A 429 0.53 12.68 -9.45
CA PRO A 429 1.71 12.22 -10.20
C PRO A 429 1.53 10.83 -10.78
N THR A 430 0.81 9.94 -10.09
CA THR A 430 0.56 8.61 -10.62
C THR A 430 -0.33 8.67 -11.85
N LEU A 431 -1.31 9.58 -11.87
CA LEU A 431 -2.14 9.76 -13.05
C LEU A 431 -1.31 10.23 -14.24
N THR A 432 -0.45 11.23 -14.00
CA THR A 432 0.45 11.70 -15.06
C THR A 432 1.34 10.56 -15.54
N LEU A 433 1.85 9.75 -14.61
CA LEU A 433 2.71 8.63 -14.98
C LEU A 433 1.98 7.62 -15.83
N VAL A 434 0.71 7.34 -15.51
CA VAL A 434 -0.08 6.40 -16.30
C VAL A 434 -0.24 6.93 -17.72
N LEU A 435 -0.52 8.22 -17.86
CA LEU A 435 -0.61 8.82 -19.20
C LEU A 435 0.71 8.64 -19.96
N GLY A 436 1.83 8.87 -19.27
CA GLY A 436 3.13 8.68 -19.90
C GLY A 436 3.37 7.25 -20.35
N ILE A 437 2.96 6.29 -19.52
CA ILE A 437 3.09 4.88 -19.87
C ILE A 437 2.31 4.58 -21.15
N LEU A 438 1.06 5.07 -21.20
CA LEU A 438 0.24 4.85 -22.39
C LEU A 438 0.91 5.41 -23.63
N PHE A 439 1.48 6.61 -23.52
CA PHE A 439 2.13 7.22 -24.68
C PHE A 439 3.37 6.43 -25.10
N ALA A 440 4.19 6.00 -24.13
CA ALA A 440 5.39 5.25 -24.45
C ALA A 440 5.06 3.96 -25.19
N ASP A 441 4.04 3.24 -24.71
CA ASP A 441 3.63 2.02 -25.40
C ASP A 441 3.12 2.34 -26.79
N TYR A 442 2.17 3.28 -26.89
CA TYR A 442 1.65 3.70 -28.19
C TYR A 442 2.75 4.05 -29.18
N PHE A 443 3.85 4.62 -28.71
CA PHE A 443 4.91 4.98 -29.63
C PHE A 443 5.74 3.76 -30.03
N ALA A 444 6.25 3.00 -29.07
CA ALA A 444 7.23 1.98 -29.44
C ALA A 444 7.25 0.81 -28.47
N GLY A 445 6.09 0.30 -28.11
CA GLY A 445 6.03 -0.90 -27.28
C GLY A 445 6.91 -0.86 -26.05
N LEU A 446 7.37 -2.06 -25.66
CA LEU A 446 8.14 -2.24 -24.45
C LEU A 446 9.52 -1.59 -24.54
N TYR A 447 10.13 -1.62 -25.72
CA TYR A 447 11.43 -0.97 -25.90
C TYR A 447 11.33 0.53 -25.65
N GLY A 448 10.26 1.16 -26.13
CA GLY A 448 10.05 2.57 -25.87
C GLY A 448 9.63 2.86 -24.44
N VAL A 449 8.96 1.90 -23.80
CA VAL A 449 8.75 2.01 -22.35
C VAL A 449 10.08 2.10 -21.62
N ALA A 450 11.02 1.23 -22.00
CA ALA A 450 12.36 1.28 -21.39
C ALA A 450 13.10 2.57 -21.74
N ILE A 451 12.94 3.04 -22.98
CA ILE A 451 13.61 4.28 -23.37
C ILE A 451 13.00 5.47 -22.63
N ALA A 452 11.71 5.41 -22.31
CA ALA A 452 11.11 6.44 -21.47
C ALA A 452 11.62 6.36 -20.04
N ALA A 453 11.82 5.14 -19.53
CA ALA A 453 12.51 4.97 -18.25
C ALA A 453 13.85 5.69 -18.26
N LEU A 454 14.62 5.50 -19.32
CA LEU A 454 15.90 6.18 -19.45
C LEU A 454 15.73 7.69 -19.53
N GLY A 455 14.77 8.15 -20.35
CA GLY A 455 14.57 9.57 -20.53
C GLY A 455 14.19 10.30 -19.26
N MET A 456 13.36 9.68 -18.42
CA MET A 456 13.01 10.28 -17.14
C MET A 456 14.25 10.64 -16.34
N LEU A 457 15.28 9.80 -16.40
CA LEU A 457 16.56 10.06 -15.76
C LEU A 457 17.65 10.40 -16.77
N SER A 458 17.28 10.87 -17.95
CA SER A 458 18.28 11.25 -18.95
C SER A 458 19.18 12.36 -18.44
N PHE A 459 18.64 13.23 -17.59
CA PHE A 459 19.43 14.27 -16.95
C PHE A 459 19.66 13.91 -15.49
N VAL A 460 20.19 12.70 -15.25
CA VAL A 460 20.35 12.21 -13.89
C VAL A 460 21.39 13.03 -13.13
N ALA A 461 22.38 13.59 -13.82
CA ALA A 461 23.41 14.38 -13.15
C ALA A 461 22.78 15.61 -12.50
N THR A 462 21.97 16.34 -13.27
CA THR A 462 21.32 17.54 -12.73
C THR A 462 20.35 17.17 -11.61
N SER A 463 19.65 16.05 -11.75
CA SER A 463 18.74 15.61 -10.69
C SER A 463 19.49 15.33 -9.39
N VAL A 464 20.59 14.57 -9.48
CA VAL A 464 21.37 14.27 -8.28
C VAL A 464 21.95 15.55 -7.69
N SER A 465 22.38 16.47 -8.54
CA SER A 465 22.94 17.73 -8.05
C SER A 465 21.89 18.54 -7.30
N VAL A 466 20.71 18.73 -7.91
CA VAL A 466 19.66 19.51 -7.28
C VAL A 466 19.20 18.85 -5.98
N ASP A 467 19.17 17.52 -5.95
CA ASP A 467 18.76 16.82 -4.74
C ASP A 467 19.81 16.93 -3.63
N SER A 468 21.09 16.73 -3.98
CA SER A 468 22.17 16.80 -3.00
C SER A 468 22.46 18.22 -2.54
N TYR A 469 21.94 19.23 -3.26
CA TYR A 469 22.06 20.60 -2.79
C TYR A 469 21.43 20.77 -1.41
N GLY A 470 20.43 19.95 -1.10
CA GLY A 470 19.69 20.05 0.13
C GLY A 470 20.47 19.72 1.39
N PRO A 471 21.08 18.52 1.44
CA PRO A 471 21.83 18.15 2.66
C PRO A 471 22.97 19.09 3.00
N ILE A 472 23.61 19.70 2.00
CA ILE A 472 24.63 20.71 2.30
C ILE A 472 24.00 21.89 3.03
N ALA A 473 22.81 22.31 2.58
CA ALA A 473 22.08 23.38 3.27
C ALA A 473 21.65 22.94 4.66
N ASP A 474 21.30 21.67 4.83
CA ASP A 474 20.92 21.16 6.15
C ASP A 474 22.10 21.20 7.11
N ASN A 475 23.27 20.75 6.66
CA ASN A 475 24.47 20.83 7.50
C ASN A 475 24.84 22.28 7.80
N ALA A 476 24.66 23.17 6.82
CA ALA A 476 24.96 24.59 7.06
C ALA A 476 23.99 25.19 8.06
N GLY A 477 22.71 24.84 7.97
CA GLY A 477 21.75 25.30 8.96
C GLY A 477 22.03 24.75 10.34
N GLY A 478 22.44 23.49 10.43
CA GLY A 478 22.87 22.95 11.70
C GLY A 478 24.04 23.72 12.29
N ILE A 479 25.01 24.09 11.45
CA ILE A 479 26.14 24.88 11.91
C ILE A 479 25.66 26.26 12.39
N SER A 480 24.75 26.88 11.62
CA SER A 480 24.24 28.19 12.00
C SER A 480 23.48 28.15 13.32
N GLU A 481 22.69 27.10 13.53
CA GLU A 481 21.98 26.94 14.80
C GLU A 481 22.95 26.68 15.94
N MET A 482 24.02 25.93 15.67
CA MET A 482 25.05 25.74 16.69
C MET A 482 25.73 27.06 17.01
N CYS A 483 25.97 27.89 16.00
CA CYS A 483 26.59 29.19 16.19
C CYS A 483 25.59 30.27 16.59
N GLU A 484 24.31 29.92 16.70
CA GLU A 484 23.25 30.86 17.05
C GLU A 484 23.23 32.06 16.09
N LEU A 485 23.21 31.75 14.79
CA LEU A 485 23.26 32.77 13.77
C LEU A 485 22.00 33.63 13.81
N ASP A 486 22.09 34.81 13.18
CA ASP A 486 21.00 35.77 13.21
C ASP A 486 19.73 35.13 12.66
N PRO A 487 18.57 35.39 13.28
CA PRO A 487 17.33 34.72 12.86
C PRO A 487 16.97 34.94 11.41
N GLU A 488 17.37 36.08 10.82
CA GLU A 488 17.17 36.27 9.39
C GLU A 488 18.08 35.34 8.59
N VAL A 489 19.36 35.27 8.96
CA VAL A 489 20.27 34.38 8.27
C VAL A 489 19.93 32.92 8.57
N ARG A 490 19.51 32.64 9.80
CA ARG A 490 19.02 31.30 10.13
C ARG A 490 17.80 30.95 9.29
N LYS A 491 16.94 31.93 9.02
CA LYS A 491 15.80 31.71 8.14
C LYS A 491 16.27 31.47 6.71
N ILE A 492 17.30 32.20 6.27
CA ILE A 492 17.86 31.99 4.93
C ILE A 492 18.35 30.55 4.77
N THR A 493 19.15 30.08 5.73
CA THR A 493 19.65 28.71 5.63
C THR A 493 18.55 27.67 5.81
N ASP A 494 17.53 27.98 6.61
CA ASP A 494 16.40 27.06 6.72
C ASP A 494 15.59 27.02 5.43
N HIS A 495 15.49 28.15 4.73
CA HIS A 495 14.85 28.16 3.42
C HIS A 495 15.64 27.34 2.41
N LEU A 496 16.98 27.45 2.45
CA LEU A 496 17.79 26.59 1.59
C LEU A 496 17.55 25.12 1.92
N ASP A 497 17.44 24.80 3.22
CA ASP A 497 17.20 23.42 3.63
C ASP A 497 15.82 22.95 3.19
N ALA A 498 14.81 23.82 3.25
CA ALA A 498 13.47 23.46 2.79
C ALA A 498 13.44 23.23 1.29
N VAL A 499 14.11 24.10 0.53
CA VAL A 499 14.24 23.87 -0.91
C VAL A 499 14.91 22.54 -1.16
N GLY A 500 15.91 22.21 -0.35
CA GLY A 500 16.57 20.92 -0.50
C GLY A 500 15.67 19.74 -0.19
N ASN A 501 14.81 19.88 0.81
CA ASN A 501 13.85 18.82 1.11
C ASN A 501 12.85 18.64 -0.04
N THR A 502 12.43 19.76 -0.64
CA THR A 502 11.58 19.69 -1.82
C THR A 502 12.28 18.95 -2.95
N THR A 503 13.56 19.26 -3.17
CA THR A 503 14.32 18.57 -4.20
C THR A 503 14.51 17.09 -3.86
N ALA A 504 14.57 16.75 -2.57
CA ALA A 504 14.65 15.36 -2.17
C ALA A 504 13.38 14.62 -2.55
N ALA A 505 12.22 15.23 -2.28
CA ALA A 505 10.95 14.65 -2.71
C ALA A 505 10.90 14.49 -4.24
N ILE A 506 11.37 15.51 -4.96
CA ILE A 506 11.36 15.46 -6.43
C ILE A 506 12.22 14.31 -6.93
N GLY A 507 13.43 14.17 -6.37
CA GLY A 507 14.31 13.09 -6.79
C GLY A 507 13.75 11.73 -6.45
N LYS A 508 13.07 11.61 -5.30
CA LYS A 508 12.42 10.36 -4.96
C LYS A 508 11.35 10.01 -6.00
N GLY A 509 10.54 11.00 -6.40
CA GLY A 509 9.54 10.75 -7.43
C GLY A 509 10.16 10.33 -8.75
N PHE A 510 11.23 11.02 -9.16
CA PHE A 510 11.93 10.64 -10.39
C PHE A 510 12.41 9.20 -10.32
N ALA A 511 13.05 8.83 -9.21
CA ALA A 511 13.59 7.49 -9.06
C ALA A 511 12.48 6.45 -9.10
N ILE A 512 11.39 6.68 -8.38
CA ILE A 512 10.32 5.68 -8.35
C ILE A 512 9.68 5.52 -9.72
N GLY A 513 9.42 6.63 -10.43
CA GLY A 513 8.81 6.51 -11.75
C GLY A 513 9.70 5.78 -12.73
N SER A 514 10.99 6.13 -12.74
CA SER A 514 11.92 5.43 -13.63
C SER A 514 12.01 3.96 -13.25
N ALA A 515 12.01 3.67 -11.95
CA ALA A 515 12.04 2.29 -11.49
C ALA A 515 10.81 1.53 -11.94
N ILE A 516 9.66 2.18 -11.96
CA ILE A 516 8.43 1.54 -12.45
C ILE A 516 8.58 1.17 -13.93
N PHE A 517 9.01 2.13 -14.75
CA PHE A 517 9.16 1.84 -16.17
C PHE A 517 10.20 0.73 -16.38
N ALA A 518 11.28 0.77 -15.60
CA ALA A 518 12.30 -0.25 -15.68
C ALA A 518 11.77 -1.61 -15.25
N ALA A 519 10.91 -1.63 -14.22
CA ALA A 519 10.30 -2.88 -13.77
C ALA A 519 9.37 -3.45 -14.82
N LEU A 520 8.67 -2.59 -15.55
CA LEU A 520 7.83 -3.08 -16.66
C LEU A 520 8.71 -3.76 -17.71
N SER A 521 9.78 -3.07 -18.12
CA SER A 521 10.71 -3.68 -19.07
C SER A 521 11.35 -4.93 -18.49
N LEU A 522 11.58 -4.96 -17.16
CA LEU A 522 12.14 -6.12 -16.49
C LEU A 522 11.18 -7.29 -16.47
N PHE A 523 9.87 -7.04 -16.36
CA PHE A 523 8.90 -8.11 -16.54
C PHE A 523 9.00 -8.66 -17.96
N ALA A 524 9.11 -7.76 -18.93
CA ALA A 524 9.28 -8.20 -20.31
C ALA A 524 10.52 -9.07 -20.45
N SER A 525 11.62 -8.67 -19.82
CA SER A 525 12.85 -9.45 -19.84
C SER A 525 12.71 -10.74 -19.04
N TYR A 526 11.88 -10.74 -18.00
CA TYR A 526 11.65 -11.95 -17.21
C TYR A 526 10.99 -13.02 -18.07
N MET A 527 9.94 -12.64 -18.80
CA MET A 527 9.33 -13.59 -19.73
C MET A 527 10.26 -13.88 -20.90
N PHE A 528 11.10 -12.92 -21.30
CA PHE A 528 12.14 -13.19 -22.28
C PHE A 528 13.07 -14.29 -21.80
N SER A 529 13.41 -14.28 -20.51
CA SER A 529 14.19 -15.35 -19.92
C SER A 529 13.41 -16.65 -19.86
N GLN A 530 12.08 -16.56 -19.75
CA GLN A 530 11.24 -17.76 -19.79
C GLN A 530 11.10 -18.29 -21.21
N ILE A 531 12.12 -18.07 -22.05
CA ILE A 531 12.12 -18.53 -23.44
C ILE A 531 12.88 -19.85 -23.57
N SER A 532 12.38 -20.70 -24.46
CA SER A 532 12.98 -21.97 -24.83
C SER A 532 13.03 -22.03 -26.34
N PRO A 533 13.90 -22.90 -26.91
CA PRO A 533 13.93 -23.00 -28.38
C PRO A 533 12.59 -23.38 -28.99
N SER A 534 11.88 -24.33 -28.38
CA SER A 534 10.52 -24.62 -28.85
C SER A 534 9.59 -23.44 -28.62
N ASP A 535 9.71 -22.78 -27.45
CA ASP A 535 8.89 -21.61 -27.20
C ASP A 535 9.25 -20.48 -28.15
N ILE A 536 10.51 -20.45 -28.59
CA ILE A 536 10.96 -19.42 -29.54
C ILE A 536 10.19 -19.55 -30.85
N GLY A 537 9.88 -20.79 -31.25
CA GLY A 537 9.03 -20.99 -32.41
C GLY A 537 7.61 -20.50 -32.18
N LYS A 538 7.11 -20.67 -30.95
CA LYS A 538 5.77 -20.21 -30.61
C LYS A 538 5.70 -18.68 -30.72
N PRO A 539 4.52 -18.14 -30.99
CA PRO A 539 4.40 -16.68 -31.18
C PRO A 539 4.98 -15.92 -29.99
N PRO A 540 5.66 -14.81 -30.26
CA PRO A 540 6.24 -14.03 -29.14
C PRO A 540 5.19 -13.51 -28.16
N SER A 541 4.01 -13.12 -28.66
CA SER A 541 2.96 -12.65 -27.76
C SER A 541 2.47 -13.76 -26.84
N LEU A 542 2.46 -15.01 -27.32
CA LEU A 542 2.06 -16.12 -26.47
C LEU A 542 3.07 -16.36 -25.37
N VAL A 543 4.36 -16.14 -25.66
CA VAL A 543 5.38 -16.29 -24.64
C VAL A 543 5.30 -15.13 -23.66
N LEU A 544 5.13 -13.90 -24.16
CA LEU A 544 5.02 -12.71 -23.33
C LEU A 544 3.62 -12.70 -22.70
N LEU A 545 3.44 -13.59 -21.74
CA LEU A 545 2.14 -13.85 -21.15
C LEU A 545 2.30 -14.05 -19.65
N LEU A 546 1.55 -13.29 -18.86
CA LEU A 546 1.60 -13.39 -17.40
C LEU A 546 0.18 -13.22 -16.84
N ASN A 547 -0.60 -14.30 -16.89
CA ASN A 547 -2.01 -14.25 -16.51
C ASN A 547 -2.20 -13.95 -15.03
N MET A 548 -3.15 -13.05 -14.73
CA MET A 548 -3.49 -12.76 -13.34
C MET A 548 -4.47 -13.78 -12.75
N LEU A 549 -5.25 -14.47 -13.60
CA LEU A 549 -6.20 -15.44 -13.08
C LEU A 549 -5.51 -16.60 -12.40
N ASP A 550 -4.38 -17.02 -12.95
CA ASP A 550 -3.61 -18.11 -12.35
C ASP A 550 -3.37 -17.83 -10.88
N ALA A 551 -3.80 -18.76 -10.03
CA ALA A 551 -3.78 -18.53 -8.59
C ALA A 551 -2.37 -18.20 -8.10
N ARG A 552 -1.34 -18.75 -8.75
CA ARG A 552 0.03 -18.44 -8.35
C ARG A 552 0.32 -16.95 -8.50
N VAL A 553 -0.04 -16.38 -9.64
CA VAL A 553 0.34 -15.00 -9.93
C VAL A 553 -0.43 -14.03 -9.04
N ILE A 554 -1.72 -14.28 -8.83
CA ILE A 554 -2.48 -13.41 -7.96
C ILE A 554 -2.03 -13.57 -6.50
N ALA A 555 -1.63 -14.78 -6.10
CA ALA A 555 -1.13 -14.99 -4.75
C ALA A 555 0.21 -14.28 -4.53
N GLY A 556 1.10 -14.33 -5.52
CA GLY A 556 2.38 -13.65 -5.39
C GLY A 556 2.22 -12.15 -5.21
N ALA A 557 1.26 -11.55 -5.91
CA ALA A 557 1.02 -10.11 -5.78
C ALA A 557 0.66 -9.75 -4.35
N LEU A 558 -0.17 -10.56 -3.70
CA LEU A 558 -0.48 -10.34 -2.28
C LEU A 558 0.77 -10.46 -1.42
N LEU A 559 1.65 -11.42 -1.74
CA LEU A 559 2.86 -11.62 -0.95
C LEU A 559 3.79 -10.43 -1.10
N GLY A 560 4.09 -10.02 -2.33
CA GLY A 560 4.98 -8.89 -2.55
C GLY A 560 4.48 -7.62 -1.90
N ALA A 561 3.17 -7.43 -1.89
CA ALA A 561 2.59 -6.28 -1.20
C ALA A 561 2.77 -6.41 0.32
N ALA A 562 2.57 -7.62 0.85
CA ALA A 562 2.79 -7.85 2.28
C ALA A 562 4.26 -7.68 2.65
N ILE A 563 5.16 -8.18 1.81
CA ILE A 563 6.58 -8.01 2.07
C ILE A 563 6.94 -6.53 2.07
N THR A 564 6.35 -5.77 1.14
CA THR A 564 6.63 -4.34 1.07
C THR A 564 6.20 -3.62 2.34
N TYR A 565 5.01 -3.94 2.86
CA TYR A 565 4.56 -3.33 4.11
C TYR A 565 5.35 -3.83 5.31
N TYR A 566 5.52 -5.15 5.43
CA TYR A 566 6.34 -5.69 6.52
C TYR A 566 7.75 -5.10 6.47
N PHE A 567 8.28 -4.90 5.26
CA PHE A 567 9.59 -4.27 5.11
C PHE A 567 9.57 -2.84 5.64
N SER A 568 8.47 -2.11 5.43
CA SER A 568 8.41 -0.73 5.87
C SER A 568 8.44 -0.63 7.40
N GLY A 569 7.80 -1.56 8.09
CA GLY A 569 7.80 -1.53 9.55
C GLY A 569 9.14 -1.90 10.15
N TYR A 570 9.79 -2.90 9.57
CA TYR A 570 11.12 -3.28 10.05
C TYR A 570 12.08 -2.11 9.97
N LEU A 571 11.94 -1.27 8.93
CA LEU A 571 12.78 -0.08 8.84
C LEU A 571 12.50 0.87 9.99
N ILE A 572 11.21 1.07 10.31
CA ILE A 572 10.85 1.98 11.39
C ILE A 572 11.30 1.41 12.73
N SER A 573 11.10 0.11 12.96
CA SER A 573 11.52 -0.49 14.21
C SER A 573 13.01 -0.35 14.44
N ALA A 574 13.80 -0.43 13.37
CA ALA A 574 15.23 -0.23 13.49
C ALA A 574 15.55 1.23 13.85
N VAL A 575 14.87 2.17 13.20
CA VAL A 575 15.09 3.58 13.49
C VAL A 575 14.66 3.92 14.91
N THR A 576 13.51 3.38 15.33
CA THR A 576 13.03 3.67 16.68
C THR A 576 13.95 3.09 17.75
N LYS A 577 14.45 1.87 17.53
CA LYS A 577 15.27 1.22 18.53
C LYS A 577 16.51 2.05 18.87
N ALA A 578 17.19 2.58 17.85
CA ALA A 578 18.29 3.48 18.12
C ALA A 578 17.80 4.79 18.72
N ALA A 579 16.69 5.31 18.18
CA ALA A 579 16.09 6.53 18.74
C ALA A 579 15.66 6.30 20.19
N MET A 580 15.17 5.09 20.49
CA MET A 580 14.74 4.79 21.86
C MET A 580 15.91 4.92 22.83
N LYS A 581 17.06 4.33 22.50
CA LYS A 581 18.24 4.47 23.34
C LYS A 581 18.72 5.92 23.40
N MET A 582 18.71 6.62 22.25
CA MET A 582 19.17 8.00 22.22
C MET A 582 18.31 8.92 23.08
N VAL A 583 16.98 8.81 22.94
CA VAL A 583 16.10 9.71 23.68
C VAL A 583 16.28 9.53 25.17
N ASP A 584 16.34 8.28 25.63
CA ASP A 584 16.65 8.02 27.02
C ASP A 584 18.06 8.49 27.36
N GLU A 585 18.99 8.39 26.39
CA GLU A 585 20.34 8.90 26.59
C GLU A 585 20.36 10.41 26.79
N ILE A 586 19.58 11.14 26.00
CA ILE A 586 19.54 12.60 26.15
C ILE A 586 18.97 12.98 27.52
N ARG A 587 17.89 12.32 27.93
CA ARG A 587 17.30 12.60 29.24
C ARG A 587 18.25 12.21 30.37
N ARG A 588 18.92 11.08 30.24
CA ARG A 588 19.88 10.64 31.25
C ARG A 588 21.07 11.58 31.35
N ASP A 604 27.48 14.21 25.57
CA ASP A 604 28.19 13.07 25.02
C ASP A 604 27.69 12.75 23.61
N TYR A 605 28.16 13.52 22.63
CA TYR A 605 27.76 13.31 21.25
C TYR A 605 28.17 11.92 20.77
N ASN A 606 29.35 11.46 21.18
CA ASN A 606 29.83 10.14 20.78
C ASN A 606 28.89 9.02 21.23
N ARG A 607 28.21 9.18 22.36
CA ARG A 607 27.32 8.13 22.85
C ARG A 607 26.14 7.93 21.90
N CYS A 608 25.47 9.03 21.53
CA CYS A 608 24.37 8.93 20.58
C CYS A 608 24.85 8.47 19.21
N ILE A 609 26.01 8.96 18.78
CA ILE A 609 26.57 8.52 17.50
C ILE A 609 26.82 7.02 17.53
N GLU A 610 27.32 6.50 18.66
CA GLU A 610 27.60 5.07 18.79
C GLU A 610 26.31 4.26 18.82
N ILE A 611 25.27 4.78 19.48
CA ILE A 611 23.98 4.08 19.49
C ILE A 611 23.44 3.94 18.07
N THR A 612 23.40 5.05 17.33
CA THR A 612 22.96 5.00 15.94
C THR A 612 23.84 4.08 15.09
N SER A 613 25.16 4.16 15.28
CA SER A 613 26.07 3.35 14.47
C SER A 613 25.88 1.86 14.73
N ASP A 614 25.82 1.46 16.00
CA ASP A 614 25.63 0.06 16.33
C ASP A 614 24.30 -0.45 15.80
N ASN A 615 23.23 0.33 15.97
CA ASN A 615 21.92 -0.13 15.52
C ASN A 615 21.88 -0.25 14.00
N ALA A 616 22.44 0.73 13.29
CA ALA A 616 22.42 0.67 11.83
C ALA A 616 23.29 -0.48 11.31
N LEU A 617 24.49 -0.65 11.88
CA LEU A 617 25.36 -1.74 11.43
C LEU A 617 24.75 -3.10 11.73
N LYS A 618 23.95 -3.22 12.79
CA LYS A 618 23.30 -4.49 13.07
C LYS A 618 22.10 -4.74 12.16
N GLN A 619 21.27 -3.71 11.95
CA GLN A 619 20.03 -3.87 11.20
C GLN A 619 20.21 -3.85 9.68
N MET A 620 21.32 -3.33 9.16
CA MET A 620 21.46 -3.16 7.71
C MET A 620 21.51 -4.48 6.96
N GLY A 621 21.94 -5.57 7.60
CA GLY A 621 22.15 -6.82 6.89
C GLY A 621 20.87 -7.45 6.35
N TYR A 622 19.78 -7.40 7.12
CA TYR A 622 18.58 -8.16 6.78
C TYR A 622 17.88 -7.71 5.50
N PRO A 623 17.63 -6.41 5.26
CA PRO A 623 16.83 -6.05 4.07
C PRO A 623 17.41 -6.48 2.73
N ALA A 624 18.74 -6.36 2.55
CA ALA A 624 19.32 -6.78 1.28
C ALA A 624 19.22 -8.29 1.08
N PHE A 625 19.49 -9.05 2.14
CA PHE A 625 19.35 -10.51 2.06
C PHE A 625 17.91 -10.90 1.73
N ILE A 626 16.95 -10.23 2.35
CA ILE A 626 15.53 -10.47 2.03
C ILE A 626 15.28 -10.21 0.55
N ALA A 627 15.66 -9.01 0.08
CA ALA A 627 15.39 -8.61 -1.30
C ALA A 627 16.03 -9.57 -2.30
N ILE A 628 17.17 -10.17 -1.93
CA ILE A 628 17.85 -11.06 -2.86
C ILE A 628 17.25 -12.46 -2.82
N LEU A 629 16.89 -12.94 -1.62
CA LEU A 629 16.48 -14.32 -1.44
C LEU A 629 15.00 -14.56 -1.67
N THR A 630 14.17 -13.51 -1.64
CA THR A 630 12.74 -13.70 -1.91
C THR A 630 12.46 -14.34 -3.25
N PRO A 631 13.01 -13.87 -4.39
CA PRO A 631 12.69 -14.54 -5.66
C PRO A 631 13.13 -15.99 -5.71
N LEU A 632 14.31 -16.31 -5.16
CA LEU A 632 14.78 -17.69 -5.16
C LEU A 632 13.83 -18.60 -4.39
N VAL A 633 13.50 -18.25 -3.15
CA VAL A 633 12.64 -19.13 -2.34
C VAL A 633 11.26 -19.24 -2.99
N THR A 634 10.69 -18.11 -3.43
CA THR A 634 9.35 -18.14 -4.01
C THR A 634 9.33 -18.95 -5.30
N GLY A 635 10.41 -18.93 -6.08
CA GLY A 635 10.45 -19.68 -7.31
C GLY A 635 10.70 -21.16 -7.12
N PHE A 636 11.67 -21.51 -6.28
CA PHE A 636 11.90 -22.91 -5.96
C PHE A 636 10.74 -23.52 -5.21
N LEU A 637 9.85 -22.70 -4.65
CA LEU A 637 8.66 -23.20 -3.98
C LEU A 637 7.47 -23.34 -4.93
N LEU A 638 7.18 -22.30 -5.72
CA LEU A 638 5.95 -22.26 -6.49
C LEU A 638 6.13 -22.00 -7.98
N GLY A 639 7.33 -21.74 -8.45
CA GLY A 639 7.56 -21.55 -9.87
C GLY A 639 7.83 -20.11 -10.25
N ALA A 640 7.74 -19.85 -11.56
CA ALA A 640 8.09 -18.55 -12.10
C ALA A 640 6.91 -17.60 -12.19
N GLU A 641 5.70 -18.11 -12.40
CA GLU A 641 4.51 -17.26 -12.42
C GLU A 641 4.29 -16.60 -11.07
N PHE A 642 4.48 -17.36 -9.99
CA PHE A 642 4.38 -16.78 -8.65
C PHE A 642 5.40 -15.68 -8.45
N VAL A 643 6.61 -15.86 -8.97
CA VAL A 643 7.65 -14.83 -8.82
C VAL A 643 7.28 -13.58 -9.60
N GLY A 644 6.71 -13.77 -10.80
CA GLY A 644 6.22 -12.61 -11.54
C GLY A 644 5.15 -11.86 -10.78
N GLY A 645 4.23 -12.60 -10.15
CA GLY A 645 3.22 -11.96 -9.31
C GLY A 645 3.83 -11.20 -8.15
N VAL A 646 4.81 -11.80 -7.47
CA VAL A 646 5.51 -11.12 -6.39
C VAL A 646 6.12 -9.81 -6.88
N LEU A 647 6.76 -9.85 -8.05
CA LEU A 647 7.34 -8.64 -8.63
C LEU A 647 6.27 -7.59 -8.87
N ILE A 648 5.11 -8.02 -9.39
CA ILE A 648 3.99 -7.10 -9.65
C ILE A 648 3.59 -6.38 -8.37
N GLY A 649 3.29 -7.15 -7.34
CA GLY A 649 2.84 -6.57 -6.08
C GLY A 649 3.88 -5.67 -5.46
N THR A 650 5.15 -6.09 -5.54
CA THR A 650 6.23 -5.25 -5.05
C THR A 650 6.26 -3.91 -5.77
N VAL A 651 6.21 -3.94 -7.10
CA VAL A 651 6.21 -2.70 -7.87
C VAL A 651 5.09 -1.79 -7.39
N LEU A 652 3.87 -2.34 -7.31
CA LEU A 652 2.71 -1.51 -6.96
C LEU A 652 2.88 -0.89 -5.58
N SER A 653 3.01 -1.74 -4.56
CA SER A 653 3.03 -1.23 -3.20
C SER A 653 4.22 -0.35 -2.95
N GLY A 654 5.37 -0.67 -3.55
CA GLY A 654 6.55 0.15 -3.36
C GLY A 654 6.41 1.52 -3.97
N ALA A 655 5.88 1.60 -5.19
CA ALA A 655 5.62 2.90 -5.79
C ALA A 655 4.67 3.73 -4.94
N MET A 656 3.57 3.13 -4.51
CA MET A 656 2.58 3.86 -3.73
C MET A 656 3.17 4.38 -2.42
N LEU A 657 3.78 3.48 -1.66
CA LEU A 657 4.34 3.85 -0.36
C LEU A 657 5.47 4.85 -0.54
N ALA A 658 6.26 4.73 -1.61
CA ALA A 658 7.35 5.66 -1.83
C ALA A 658 6.82 7.07 -2.07
N ILE A 659 5.84 7.21 -2.96
CA ILE A 659 5.26 8.53 -3.22
C ILE A 659 4.65 9.09 -1.94
N LEU A 660 3.88 8.26 -1.21
CA LEU A 660 3.28 8.72 0.03
C LEU A 660 4.34 9.22 1.00
N THR A 661 5.32 8.39 1.31
CA THR A 661 6.31 8.74 2.31
C THR A 661 7.09 9.98 1.90
N ALA A 662 7.54 10.03 0.64
CA ALA A 662 8.29 11.19 0.18
C ALA A 662 7.49 12.47 0.33
N ASN A 663 6.29 12.52 -0.27
CA ASN A 663 5.52 13.76 -0.25
C ASN A 663 5.06 14.12 1.15
N SER A 664 4.66 13.12 1.96
CA SER A 664 4.15 13.39 3.30
C SER A 664 5.26 13.90 4.21
N GLY A 665 6.42 13.24 4.21
CA GLY A 665 7.53 13.71 5.01
C GLY A 665 8.01 15.08 4.58
N GLY A 666 8.09 15.30 3.26
CA GLY A 666 8.47 16.62 2.78
C GLY A 666 7.50 17.69 3.22
N ALA A 667 6.20 17.41 3.15
CA ALA A 667 5.20 18.38 3.57
C ALA A 667 5.28 18.63 5.07
N TRP A 668 5.50 17.59 5.86
CA TRP A 668 5.63 17.77 7.30
C TRP A 668 6.84 18.63 7.65
N ASP A 669 8.00 18.32 7.07
CA ASP A 669 9.21 19.08 7.36
C ASP A 669 9.08 20.53 6.88
N ASN A 670 8.50 20.74 5.70
CA ASN A 670 8.36 22.10 5.18
C ASN A 670 7.27 22.87 5.93
N ALA A 671 6.28 22.18 6.52
CA ALA A 671 5.34 22.88 7.39
C ALA A 671 6.00 23.29 8.70
N LYS A 672 6.87 22.43 9.22
CA LYS A 672 7.66 22.81 10.40
C LYS A 672 8.52 24.03 10.10
N LYS A 673 9.17 24.06 8.93
CA LYS A 673 9.94 25.24 8.53
C LYS A 673 9.05 26.45 8.29
N TYR A 674 7.84 26.22 7.76
CA TYR A 674 6.86 27.29 7.56
C TYR A 674 6.52 27.98 8.87
N LEU A 675 6.25 27.21 9.91
CA LEU A 675 5.92 27.82 11.19
C LEU A 675 7.15 28.37 11.90
N GLU A 676 8.31 27.73 11.72
CA GLU A 676 9.56 28.28 12.24
C GLU A 676 9.87 29.65 11.64
N ALA A 677 9.49 29.86 10.37
CA ALA A 677 9.60 31.18 9.74
C ALA A 677 8.49 32.13 10.15
N GLY A 678 7.72 31.78 11.19
CA GLY A 678 6.71 32.66 11.73
C GLY A 678 5.63 33.09 10.75
N ASN A 679 5.49 32.38 9.63
CA ASN A 679 4.43 32.69 8.68
C ASN A 679 3.04 32.53 9.29
N LEU A 680 2.91 31.77 10.38
CA LEU A 680 1.65 31.59 11.07
C LEU A 680 1.52 32.64 12.18
N GLU A 681 0.54 33.52 12.04
CA GLU A 681 0.41 34.65 12.95
C GLU A 681 0.14 34.18 14.38
N GLY A 682 0.82 34.82 15.33
CA GLY A 682 0.61 34.57 16.75
C GLY A 682 1.42 33.42 17.32
N TYR A 683 1.64 32.38 16.52
CA TYR A 683 2.33 31.18 16.96
C TYR A 683 3.74 31.14 16.39
N GLY A 684 4.71 30.83 17.25
CA GLY A 684 6.09 30.73 16.85
C GLY A 684 6.73 29.43 17.28
N LYS A 685 8.06 29.42 17.39
CA LYS A 685 8.76 28.23 17.86
C LYS A 685 8.37 27.87 19.28
N GLY A 686 8.06 28.87 20.12
CA GLY A 686 7.68 28.60 21.49
C GLY A 686 6.29 28.02 21.65
N SER A 687 5.42 28.21 20.66
CA SER A 687 4.06 27.72 20.77
C SER A 687 4.02 26.19 20.67
N GLU A 688 2.95 25.63 21.21
CA GLU A 688 2.69 24.19 21.21
C GLU A 688 2.46 23.62 19.82
N PRO A 689 1.76 24.32 18.91
CA PRO A 689 1.70 23.82 17.52
C PRO A 689 3.06 23.60 16.90
N HIS A 690 4.07 24.37 17.29
CA HIS A 690 5.42 24.10 16.82
C HIS A 690 5.92 22.75 17.31
N LYS A 691 5.62 22.40 18.57
CA LYS A 691 6.00 21.09 19.08
C LYS A 691 5.25 19.98 18.35
N ALA A 692 3.97 20.22 18.03
CA ALA A 692 3.22 19.24 17.26
C ALA A 692 3.81 19.04 15.87
N LEU A 693 4.23 20.14 15.22
CA LEU A 693 4.88 20.04 13.92
C LEU A 693 6.23 19.33 14.01
N VAL A 694 6.96 19.54 15.11
CA VAL A 694 8.21 18.81 15.30
C VAL A 694 7.95 17.32 15.44
N ILE A 695 6.90 16.97 16.18
CA ILE A 695 6.51 15.55 16.30
C ILE A 695 6.13 15.00 14.94
N GLY A 696 5.38 15.76 14.15
CA GLY A 696 5.03 15.31 12.81
C GLY A 696 6.24 15.12 11.92
N ASP A 697 7.24 16.00 12.05
CA ASP A 697 8.47 15.85 11.28
C ASP A 697 9.23 14.60 11.72
N THR A 698 9.27 14.33 13.03
CA THR A 698 9.91 13.11 13.51
C THR A 698 9.14 11.86 13.04
N VAL A 699 7.82 11.96 12.89
CA VAL A 699 7.05 10.84 12.38
C VAL A 699 7.36 10.62 10.90
N GLY A 700 7.42 11.69 10.12
CA GLY A 700 7.69 11.57 8.70
C GLY A 700 9.13 11.32 8.35
N ASP A 701 10.04 11.53 9.31
CA ASP A 701 11.47 11.35 9.04
C ASP A 701 11.83 9.92 8.62
N PRO A 702 11.46 8.87 9.36
CA PRO A 702 11.76 7.51 8.88
C PRO A 702 10.97 7.13 7.64
N LEU A 703 10.00 7.95 7.24
CA LEU A 703 9.19 7.65 6.06
C LEU A 703 9.81 8.21 4.78
N LYS A 704 9.96 9.53 4.70
CA LYS A 704 10.43 10.16 3.47
C LYS A 704 11.89 9.80 3.18
N ASP A 705 12.73 9.70 4.21
CA ASP A 705 14.16 9.54 4.02
C ASP A 705 14.64 8.10 4.15
N THR A 706 13.79 7.17 4.59
CA THR A 706 14.26 5.80 4.79
C THR A 706 13.41 4.76 4.07
N VAL A 707 12.09 4.82 4.25
CA VAL A 707 11.22 3.76 3.74
C VAL A 707 11.08 3.86 2.21
N GLY A 708 10.67 5.02 1.73
CA GLY A 708 10.32 5.22 0.33
C GLY A 708 11.39 4.82 -0.67
N PRO A 709 12.59 5.40 -0.55
CA PRO A 709 13.66 5.03 -1.50
C PRO A 709 14.04 3.57 -1.41
N SER A 710 14.06 3.02 -0.20
CA SER A 710 14.34 1.60 -0.03
C SER A 710 13.34 0.76 -0.78
N LEU A 711 12.09 1.22 -0.88
CA LEU A 711 11.08 0.46 -1.61
C LEU A 711 11.42 0.34 -3.10
N ASP A 712 11.80 1.44 -3.75
CA ASP A 712 12.14 1.37 -5.17
C ASP A 712 13.41 0.55 -5.40
N ILE A 713 14.39 0.68 -4.50
CA ILE A 713 15.59 -0.15 -4.65
C ILE A 713 15.22 -1.62 -4.51
N LEU A 714 14.31 -1.93 -3.57
CA LEU A 714 13.84 -3.29 -3.39
C LEU A 714 13.18 -3.79 -4.67
N ILE A 715 12.32 -2.97 -5.26
CA ILE A 715 11.59 -3.36 -6.47
C ILE A 715 12.57 -3.77 -7.56
N LYS A 716 13.58 -2.93 -7.81
CA LYS A 716 14.46 -3.24 -8.94
C LYS A 716 15.38 -4.40 -8.63
N ILE A 717 15.90 -4.51 -7.41
CA ILE A 717 16.80 -5.62 -7.12
C ILE A 717 16.05 -6.94 -7.18
N MET A 718 14.80 -6.95 -6.69
CA MET A 718 14.00 -8.17 -6.76
C MET A 718 13.71 -8.55 -8.20
N SER A 719 13.40 -7.56 -9.04
CA SER A 719 13.11 -7.86 -10.45
C SER A 719 14.35 -8.41 -11.16
N VAL A 720 15.52 -7.83 -10.90
CA VAL A 720 16.75 -8.30 -11.53
C VAL A 720 17.07 -9.72 -11.08
N VAL A 721 16.97 -9.99 -9.78
CA VAL A 721 17.23 -11.33 -9.27
C VAL A 721 16.27 -12.34 -9.89
N SER A 722 15.00 -11.96 -10.05
CA SER A 722 14.04 -12.84 -10.68
C SER A 722 14.41 -13.13 -12.13
N VAL A 723 14.74 -12.08 -12.89
CA VAL A 723 15.14 -12.25 -14.28
C VAL A 723 16.31 -13.21 -14.38
N ILE A 724 17.27 -13.12 -13.47
CA ILE A 724 18.46 -13.96 -13.55
C ILE A 724 18.12 -15.40 -13.17
N ALA A 725 17.43 -15.59 -12.04
CA ALA A 725 17.24 -16.92 -11.46
C ALA A 725 16.04 -17.68 -11.99
N VAL A 726 15.20 -17.07 -12.84
CA VAL A 726 14.00 -17.75 -13.32
C VAL A 726 14.35 -18.99 -14.15
N SER A 727 15.50 -18.98 -14.83
CA SER A 727 15.89 -20.12 -15.66
C SER A 727 16.04 -21.41 -14.87
N ILE A 728 16.16 -21.34 -13.55
CA ILE A 728 16.32 -22.54 -12.73
C ILE A 728 14.95 -23.06 -12.30
N PHE A 729 14.22 -22.25 -11.54
CA PHE A 729 12.98 -22.70 -10.93
C PHE A 729 11.78 -22.63 -11.86
N LYS A 730 11.95 -22.25 -13.13
CA LYS A 730 10.84 -22.32 -14.07
C LYS A 730 10.37 -23.75 -14.26
N HIS A 731 11.30 -24.70 -14.29
CA HIS A 731 10.98 -26.10 -14.37
C HIS A 731 11.45 -26.89 -13.16
N VAL A 732 12.37 -26.36 -12.36
CA VAL A 732 12.79 -26.99 -11.12
C VAL A 732 12.12 -26.26 -9.96
N HIS A 733 10.81 -26.48 -9.81
CA HIS A 733 10.04 -25.90 -8.72
C HIS A 733 9.40 -27.04 -7.94
N LEU A 734 9.34 -26.88 -6.62
CA LEU A 734 8.86 -27.97 -5.77
C LEU A 734 7.38 -28.23 -6.01
N PHE A 735 6.53 -27.22 -5.78
CA PHE A 735 5.10 -27.37 -6.04
C PHE A 735 4.74 -26.77 -7.40
N PHE B 17 -34.36 -24.16 2.76
CA PHE B 17 -34.80 -22.84 2.32
C PHE B 17 -35.57 -22.12 3.43
N LEU B 18 -36.14 -22.91 4.34
CA LEU B 18 -36.82 -22.36 5.52
C LEU B 18 -35.86 -21.87 6.57
N ILE B 19 -34.57 -22.22 6.46
CA ILE B 19 -33.59 -21.84 7.48
C ILE B 19 -33.45 -20.33 7.63
N PRO B 20 -33.36 -19.53 6.56
CA PRO B 20 -33.31 -18.07 6.75
C PRO B 20 -34.49 -17.52 7.52
N LEU B 21 -35.68 -18.10 7.33
CA LEU B 21 -36.83 -17.65 8.10
C LEU B 21 -36.68 -18.01 9.57
N VAL B 22 -36.08 -19.18 9.85
CA VAL B 22 -35.82 -19.57 11.23
C VAL B 22 -34.84 -18.58 11.88
N ALA B 23 -33.82 -18.16 11.13
CA ALA B 23 -32.87 -17.19 11.66
C ALA B 23 -33.54 -15.85 11.95
N LEU B 24 -34.41 -15.41 11.04
CA LEU B 24 -35.13 -14.16 11.27
C LEU B 24 -36.09 -14.27 12.44
N GLY B 25 -36.81 -15.40 12.54
CA GLY B 25 -37.68 -15.62 13.68
C GLY B 25 -36.91 -15.74 14.98
N PHE B 26 -35.74 -16.39 14.93
CA PHE B 26 -34.91 -16.52 16.11
C PHE B 26 -34.47 -15.15 16.62
N ALA B 27 -34.13 -14.24 15.70
CA ALA B 27 -33.78 -12.88 16.11
C ALA B 27 -34.97 -12.15 16.71
N ALA B 28 -36.17 -12.35 16.13
CA ALA B 28 -37.37 -11.72 16.68
C ALA B 28 -37.71 -12.26 18.06
N ALA B 29 -37.54 -13.58 18.27
CA ALA B 29 -37.82 -14.16 19.58
C ALA B 29 -36.84 -13.62 20.63
N ASN B 30 -35.56 -13.53 20.29
CA ASN B 30 -34.59 -12.95 21.21
C ASN B 30 -34.86 -11.47 21.44
N PHE B 31 -35.29 -10.76 20.40
CA PHE B 31 -35.65 -9.35 20.57
C PHE B 31 -36.79 -9.20 21.57
N ALA B 32 -37.83 -10.03 21.43
CA ALA B 32 -38.93 -9.98 22.39
C ALA B 32 -38.50 -10.44 23.77
N ALA B 33 -37.60 -11.43 23.83
CA ALA B 33 -37.16 -11.95 25.13
C ALA B 33 -36.38 -10.92 25.93
N VAL B 34 -35.48 -10.18 25.26
CA VAL B 34 -34.67 -9.18 25.96
C VAL B 34 -35.49 -7.95 26.31
N VAL B 35 -36.43 -7.56 25.44
CA VAL B 35 -37.30 -6.42 25.76
C VAL B 35 -38.03 -6.65 27.07
N ARG B 36 -38.41 -7.91 27.35
CA ARG B 36 -39.05 -8.24 28.61
C ARG B 36 -38.12 -8.06 29.80
N LYS B 37 -36.80 -8.10 29.59
CA LYS B 37 -35.86 -7.89 30.69
C LYS B 37 -36.03 -6.47 31.25
N PRO B 38 -35.91 -6.31 32.57
CA PRO B 38 -36.17 -5.00 33.18
C PRO B 38 -35.18 -3.93 32.71
N GLU B 39 -35.68 -2.69 32.63
CA GLU B 39 -34.86 -1.55 32.28
C GLU B 39 -34.33 -0.81 33.50
N GLY B 40 -34.98 -0.99 34.65
CA GLY B 40 -34.40 -0.58 35.92
C GLY B 40 -34.46 0.92 36.18
N THR B 41 -33.33 1.47 36.61
CA THR B 41 -33.26 2.85 37.06
C THR B 41 -33.62 3.84 35.97
N GLU B 42 -34.44 4.84 36.35
CA GLU B 42 -34.92 5.85 35.42
C GLU B 42 -33.76 6.61 34.79
N ARG B 43 -32.69 6.86 35.56
CA ARG B 43 -31.53 7.57 35.03
C ARG B 43 -30.87 6.77 33.91
N MET B 44 -30.69 5.46 34.12
CA MET B 44 -30.17 4.61 33.05
C MET B 44 -31.11 4.65 31.85
N LYS B 45 -32.42 4.68 32.10
CA LYS B 45 -33.38 4.76 31.01
C LYS B 45 -33.22 6.05 30.22
N GLU B 46 -32.97 7.16 30.92
CA GLU B 46 -32.76 8.44 30.24
C GLU B 46 -31.49 8.41 29.39
N ILE B 47 -30.41 7.84 29.93
CA ILE B 47 -29.16 7.77 29.17
C ILE B 47 -29.35 6.90 27.92
N SER B 48 -30.02 5.75 28.09
CA SER B 48 -30.30 4.88 26.96
C SER B 48 -31.23 5.54 25.96
N SER B 49 -32.15 6.38 26.43
CA SER B 49 -33.04 7.10 25.53
C SER B 49 -32.27 8.12 24.71
N TYR B 50 -31.31 8.81 25.32
CA TYR B 50 -30.45 9.71 24.56
C TYR B 50 -29.70 8.95 23.48
N ILE B 51 -29.12 7.80 23.84
CA ILE B 51 -28.34 7.02 22.88
C ILE B 51 -29.23 6.50 21.75
N ARG B 52 -30.42 6.00 22.09
CA ARG B 52 -31.33 5.46 21.10
C ARG B 52 -31.85 6.56 20.16
N SER B 53 -32.17 7.74 20.71
CA SER B 53 -32.64 8.83 19.88
C SER B 53 -31.57 9.25 18.88
N GLY B 54 -30.33 9.42 19.35
CA GLY B 54 -29.26 9.79 18.44
C GLY B 54 -29.04 8.75 17.35
N ALA B 55 -29.05 7.48 17.74
CA ALA B 55 -28.84 6.41 16.76
C ALA B 55 -29.96 6.38 15.73
N ASP B 56 -31.22 6.51 16.17
CA ASP B 56 -32.34 6.48 15.24
C ASP B 56 -32.30 7.68 14.29
N SER B 57 -31.88 8.84 14.78
CA SER B 57 -31.79 10.01 13.91
C SER B 57 -30.71 9.82 12.84
N PHE B 58 -29.54 9.34 13.26
CA PHE B 58 -28.49 9.00 12.31
C PHE B 58 -28.99 8.02 11.25
N LEU B 59 -29.74 7.02 11.70
CA LEU B 59 -30.34 6.06 10.77
C LEU B 59 -31.26 6.75 9.79
N ALA B 60 -32.09 7.68 10.26
CA ALA B 60 -33.07 8.30 9.37
C ALA B 60 -32.36 9.08 8.26
N HIS B 61 -31.35 9.86 8.61
CA HIS B 61 -30.64 10.62 7.60
C HIS B 61 -29.98 9.70 6.57
N GLU B 62 -29.21 8.72 7.06
CA GLU B 62 -28.53 7.83 6.13
C GLU B 62 -29.51 7.05 5.27
N THR B 63 -30.65 6.65 5.84
CA THR B 63 -31.64 5.88 5.08
C THR B 63 -32.26 6.71 3.96
N LYS B 64 -32.55 7.99 4.22
CA LYS B 64 -33.09 8.81 3.14
C LYS B 64 -32.10 8.88 1.98
N ALA B 65 -30.83 9.15 2.31
CA ALA B 65 -29.82 9.20 1.25
C ALA B 65 -29.74 7.86 0.51
N ILE B 66 -29.79 6.76 1.27
CA ILE B 66 -29.69 5.42 0.69
C ILE B 66 -30.86 5.14 -0.25
N PHE B 67 -32.06 5.61 0.11
CA PHE B 67 -33.20 5.36 -0.75
C PHE B 67 -33.02 6.05 -2.10
N LYS B 68 -32.58 7.31 -2.07
CA LYS B 68 -32.36 8.00 -3.35
C LYS B 68 -31.32 7.29 -4.20
N VAL B 69 -30.18 6.97 -3.59
CA VAL B 69 -29.08 6.36 -4.34
C VAL B 69 -29.49 4.99 -4.89
N ALA B 70 -30.20 4.19 -4.07
CA ALA B 70 -30.58 2.85 -4.49
C ALA B 70 -31.58 2.90 -5.64
N ILE B 71 -32.53 3.83 -5.60
CA ILE B 71 -33.46 3.95 -6.73
C ILE B 71 -32.71 4.26 -8.01
N VAL B 72 -31.77 5.21 -7.95
CA VAL B 72 -31.03 5.59 -9.15
C VAL B 72 -30.24 4.40 -9.69
N ILE B 73 -29.52 3.70 -8.81
CA ILE B 73 -28.66 2.60 -9.27
C ILE B 73 -29.50 1.45 -9.81
N ALA B 74 -30.63 1.13 -9.17
CA ALA B 74 -31.47 0.04 -9.67
C ALA B 74 -32.04 0.36 -11.04
N ILE B 75 -32.48 1.61 -11.24
CA ILE B 75 -32.98 1.99 -12.56
C ILE B 75 -31.89 1.86 -13.62
N LEU B 76 -30.66 2.30 -13.27
CA LEU B 76 -29.57 2.18 -14.22
C LEU B 76 -29.25 0.72 -14.55
N LEU B 77 -29.32 -0.16 -13.54
CA LEU B 77 -29.09 -1.58 -13.81
C LEU B 77 -30.16 -2.17 -14.71
N MET B 78 -31.43 -1.79 -14.48
CA MET B 78 -32.49 -2.28 -15.35
C MET B 78 -32.29 -1.81 -16.79
N ILE B 79 -31.85 -0.56 -16.97
CA ILE B 79 -31.66 -0.03 -18.32
C ILE B 79 -30.48 -0.70 -19.02
N PHE B 80 -29.35 -0.83 -18.31
CA PHE B 80 -28.13 -1.34 -18.95
C PHE B 80 -28.29 -2.78 -19.38
N THR B 81 -28.93 -3.61 -18.55
CA THR B 81 -29.04 -5.03 -18.85
C THR B 81 -30.50 -5.49 -18.82
N THR B 82 -30.94 -5.94 -17.66
CA THR B 82 -32.26 -6.54 -17.50
C THR B 82 -32.89 -6.01 -16.22
N TRP B 83 -34.22 -5.94 -16.22
CA TRP B 83 -34.93 -5.45 -15.05
C TRP B 83 -34.65 -6.33 -13.84
N GLN B 84 -34.39 -7.62 -14.06
CA GLN B 84 -34.08 -8.51 -12.95
C GLN B 84 -32.85 -8.06 -12.19
N THR B 85 -31.88 -7.49 -12.89
CA THR B 85 -30.66 -7.01 -12.24
C THR B 85 -30.95 -5.87 -11.26
N GLY B 86 -31.71 -4.86 -11.71
CA GLY B 86 -32.08 -3.79 -10.80
C GLY B 86 -32.96 -4.26 -9.65
N VAL B 87 -33.85 -5.21 -9.93
CA VAL B 87 -34.70 -5.76 -8.86
C VAL B 87 -33.84 -6.49 -7.83
N ALA B 88 -32.82 -7.24 -8.28
CA ALA B 88 -31.92 -7.90 -7.34
C ALA B 88 -31.12 -6.89 -6.53
N PHE B 89 -30.70 -5.80 -7.18
CA PHE B 89 -30.03 -4.73 -6.44
C PHE B 89 -30.91 -4.20 -5.31
N LEU B 90 -32.17 -3.90 -5.64
CA LEU B 90 -33.11 -3.42 -4.63
C LEU B 90 -33.31 -4.44 -3.53
N LEU B 91 -33.38 -5.72 -3.89
CA LEU B 91 -33.62 -6.77 -2.90
C LEU B 91 -32.46 -6.86 -1.92
N GLY B 92 -31.23 -6.87 -2.43
CA GLY B 92 -30.08 -6.91 -1.55
C GLY B 92 -30.00 -5.70 -0.64
N ALA B 93 -30.26 -4.51 -1.20
CA ALA B 93 -30.26 -3.31 -0.39
C ALA B 93 -31.29 -3.39 0.73
N VAL B 94 -32.48 -3.89 0.41
CA VAL B 94 -33.55 -3.97 1.40
C VAL B 94 -33.16 -4.92 2.52
N MET B 95 -32.64 -6.10 2.16
CA MET B 95 -32.29 -7.09 3.19
C MET B 95 -31.22 -6.54 4.12
N SER B 96 -30.17 -5.93 3.54
CA SER B 96 -29.09 -5.41 4.37
C SER B 96 -29.57 -4.29 5.29
N ALA B 97 -30.37 -3.37 4.75
CA ALA B 97 -30.89 -2.26 5.57
C ALA B 97 -31.73 -2.78 6.72
N SER B 98 -32.60 -3.77 6.46
CA SER B 98 -33.44 -4.30 7.52
C SER B 98 -32.60 -4.94 8.61
N ALA B 99 -31.58 -5.72 8.23
CA ALA B 99 -30.73 -6.34 9.22
C ALA B 99 -30.04 -5.29 10.09
N GLY B 100 -29.50 -4.26 9.46
CA GLY B 100 -28.82 -3.22 10.21
C GLY B 100 -29.74 -2.51 11.20
N ILE B 101 -30.95 -2.14 10.75
CA ILE B 101 -31.87 -1.42 11.62
C ILE B 101 -32.23 -2.29 12.82
N VAL B 102 -32.56 -3.55 12.57
CA VAL B 102 -32.96 -4.43 13.66
C VAL B 102 -31.83 -4.58 14.67
N GLY B 103 -30.61 -4.81 14.19
CA GLY B 103 -29.49 -5.00 15.10
C GLY B 103 -29.21 -3.78 15.96
N MET B 104 -29.22 -2.59 15.35
CA MET B 104 -28.88 -1.40 16.12
C MET B 104 -29.96 -1.10 17.15
N LYS B 105 -31.24 -1.23 16.77
CA LYS B 105 -32.30 -1.01 17.74
C LYS B 105 -32.20 -2.00 18.89
N MET B 106 -31.88 -3.25 18.58
CA MET B 106 -31.70 -4.24 19.63
C MET B 106 -30.59 -3.85 20.60
N ALA B 107 -29.46 -3.37 20.07
CA ALA B 107 -28.36 -2.99 20.95
C ALA B 107 -28.72 -1.78 21.82
N THR B 108 -29.38 -0.79 21.22
CA THR B 108 -29.78 0.40 21.99
C THR B 108 -30.73 0.03 23.10
N ARG B 109 -31.62 -0.93 22.86
CA ARG B 109 -32.48 -1.40 23.94
C ARG B 109 -31.72 -2.23 24.96
N ALA B 110 -30.71 -2.99 24.52
CA ALA B 110 -30.05 -3.98 25.36
C ALA B 110 -29.03 -3.38 26.33
N ASN B 111 -28.47 -2.20 26.02
CA ASN B 111 -27.37 -1.71 26.87
C ASN B 111 -27.79 -1.54 28.33
N VAL B 112 -28.93 -0.87 28.57
CA VAL B 112 -29.37 -0.66 29.95
C VAL B 112 -29.82 -1.97 30.58
N ARG B 113 -30.42 -2.87 29.80
CA ARG B 113 -30.85 -4.14 30.38
C ARG B 113 -29.64 -4.96 30.84
N VAL B 114 -28.55 -4.92 30.09
CA VAL B 114 -27.32 -5.58 30.52
C VAL B 114 -26.80 -4.96 31.80
N ALA B 115 -26.76 -3.62 31.84
CA ALA B 115 -26.31 -2.94 33.05
C ALA B 115 -27.19 -3.32 34.25
N GLU B 116 -28.50 -3.39 34.03
CA GLU B 116 -29.42 -3.74 35.12
C GLU B 116 -29.26 -5.18 35.56
N ALA B 117 -28.98 -6.09 34.63
CA ALA B 117 -28.73 -7.48 35.03
C ALA B 117 -27.48 -7.55 35.90
N ALA B 118 -26.42 -6.86 35.48
CA ALA B 118 -25.19 -6.85 36.27
C ALA B 118 -25.40 -6.21 37.64
N ARG B 119 -26.27 -5.19 37.73
CA ARG B 119 -26.50 -4.53 39.00
C ARG B 119 -27.37 -5.37 39.92
N THR B 120 -28.50 -5.85 39.42
CA THR B 120 -29.46 -6.56 40.27
C THR B 120 -28.94 -7.92 40.68
N THR B 121 -28.37 -8.68 39.74
CA THR B 121 -27.89 -10.01 40.08
C THR B 121 -26.49 -9.98 40.68
N LYS B 122 -25.75 -8.88 40.52
CA LYS B 122 -24.38 -8.77 41.00
C LYS B 122 -23.51 -9.89 40.42
N LYS B 123 -23.87 -10.37 39.23
CA LYS B 123 -23.19 -11.49 38.60
C LYS B 123 -22.89 -11.16 37.15
N ILE B 124 -21.81 -11.76 36.65
CA ILE B 124 -21.39 -11.52 35.27
C ILE B 124 -22.18 -12.35 34.27
N GLY B 125 -22.64 -13.54 34.67
CA GLY B 125 -23.31 -14.47 33.78
C GLY B 125 -24.57 -13.96 33.11
N PRO B 126 -25.55 -13.49 33.90
CA PRO B 126 -26.79 -12.97 33.28
C PRO B 126 -26.58 -11.76 32.40
N ALA B 127 -25.75 -10.80 32.83
CA ALA B 127 -25.45 -9.66 31.97
C ALA B 127 -24.78 -10.10 30.67
N LEU B 128 -23.86 -11.06 30.77
CA LEU B 128 -23.23 -11.62 29.57
C LEU B 128 -24.28 -12.23 28.65
N LYS B 129 -25.23 -12.97 29.22
CA LYS B 129 -26.26 -13.61 28.40
C LYS B 129 -27.13 -12.57 27.70
N VAL B 130 -27.50 -11.51 28.40
CA VAL B 130 -28.36 -10.48 27.79
C VAL B 130 -27.59 -9.75 26.69
N ALA B 131 -26.32 -9.43 26.92
CA ALA B 131 -25.52 -8.78 25.88
C ALA B 131 -25.34 -9.69 24.67
N TYR B 132 -25.11 -10.97 24.91
CA TYR B 132 -24.96 -11.92 23.81
C TYR B 132 -26.26 -12.06 23.03
N GLN B 133 -27.41 -12.00 23.71
CA GLN B 133 -28.69 -12.04 22.99
C GLN B 133 -28.85 -10.79 22.14
N GLY B 134 -28.44 -9.63 22.66
CA GLY B 134 -28.51 -8.42 21.86
C GLY B 134 -27.67 -8.49 20.60
N GLY B 135 -26.43 -8.96 20.74
CA GLY B 135 -25.58 -9.15 19.56
C GLY B 135 -26.10 -10.23 18.63
N SER B 136 -26.67 -11.30 19.19
CA SER B 136 -27.18 -12.40 18.39
C SER B 136 -28.36 -11.98 17.54
N VAL B 137 -29.19 -11.05 18.02
CA VAL B 137 -30.27 -10.55 17.17
C VAL B 137 -29.71 -9.95 15.89
N MET B 138 -28.66 -9.13 16.01
CA MET B 138 -28.04 -8.54 14.83
C MET B 138 -27.45 -9.61 13.92
N GLY B 139 -26.73 -10.57 14.50
CA GLY B 139 -26.11 -11.59 13.67
C GLY B 139 -27.12 -12.44 12.93
N LEU B 140 -28.18 -12.86 13.64
CA LEU B 140 -29.23 -13.66 13.04
C LEU B 140 -29.96 -12.88 11.97
N SER B 141 -30.22 -11.59 12.20
CA SER B 141 -30.87 -10.77 11.18
C SER B 141 -30.01 -10.70 9.94
N VAL B 142 -28.71 -10.47 10.10
CA VAL B 142 -27.80 -10.43 8.96
C VAL B 142 -27.92 -11.70 8.14
N GLY B 143 -27.69 -12.85 8.80
CA GLY B 143 -27.68 -14.11 8.08
C GLY B 143 -29.01 -14.41 7.42
N GLY B 144 -30.10 -14.27 8.18
CA GLY B 144 -31.41 -14.62 7.66
C GLY B 144 -31.82 -13.75 6.49
N PHE B 145 -31.61 -12.44 6.60
CA PHE B 145 -32.01 -11.55 5.51
C PHE B 145 -31.19 -11.82 4.26
N ALA B 146 -29.87 -11.97 4.41
CA ALA B 146 -29.03 -12.23 3.25
C ALA B 146 -29.44 -13.52 2.54
N LEU B 147 -29.57 -14.61 3.30
CA LEU B 147 -29.88 -15.88 2.68
C LEU B 147 -31.30 -15.91 2.12
N LEU B 148 -32.24 -15.21 2.76
CA LEU B 148 -33.59 -15.12 2.24
C LEU B 148 -33.61 -14.41 0.89
N GLY B 149 -32.90 -13.29 0.79
CA GLY B 149 -32.80 -12.60 -0.50
C GLY B 149 -32.20 -13.48 -1.57
N LEU B 150 -31.14 -14.23 -1.22
CA LEU B 150 -30.50 -15.10 -2.21
C LEU B 150 -31.46 -16.19 -2.70
N VAL B 151 -32.18 -16.82 -1.77
CA VAL B 151 -33.10 -17.89 -2.14
C VAL B 151 -34.21 -17.33 -3.03
N LEU B 152 -34.71 -16.14 -2.68
CA LEU B 152 -35.73 -15.50 -3.51
C LEU B 152 -35.23 -15.23 -4.92
N VAL B 153 -33.99 -14.73 -5.03
CA VAL B 153 -33.41 -14.48 -6.34
C VAL B 153 -33.38 -15.75 -7.17
N TYR B 154 -32.86 -16.84 -6.59
CA TYR B 154 -32.79 -18.08 -7.36
C TYR B 154 -34.18 -18.56 -7.77
N LEU B 155 -35.13 -18.56 -6.83
CA LEU B 155 -36.44 -19.11 -7.13
C LEU B 155 -37.14 -18.32 -8.23
N ILE B 156 -37.08 -16.99 -8.18
CA ILE B 156 -37.82 -16.20 -9.15
C ILE B 156 -37.11 -16.17 -10.50
N PHE B 157 -35.82 -15.82 -10.51
CA PHE B 157 -35.16 -15.58 -11.79
C PHE B 157 -34.62 -16.86 -12.41
N GLY B 158 -34.02 -17.76 -11.62
CA GLY B 158 -33.40 -18.94 -12.19
C GLY B 158 -34.39 -19.89 -12.84
N LYS B 159 -35.56 -20.08 -12.22
CA LYS B 159 -36.51 -21.09 -12.67
C LYS B 159 -37.70 -20.50 -13.43
N TRP B 160 -38.39 -19.52 -12.85
CA TRP B 160 -39.56 -18.95 -13.52
C TRP B 160 -39.19 -18.26 -14.84
N MET B 161 -38.08 -17.52 -14.85
CA MET B 161 -37.64 -16.91 -16.10
C MET B 161 -36.93 -17.92 -17.01
N GLY B 162 -36.46 -19.03 -16.45
CA GLY B 162 -35.75 -20.01 -17.24
C GLY B 162 -34.37 -19.56 -17.65
N GLN B 163 -33.79 -18.60 -16.93
CA GLN B 163 -32.43 -18.16 -17.23
C GLN B 163 -31.42 -19.27 -17.00
N VAL B 164 -31.57 -20.00 -15.89
CA VAL B 164 -30.72 -21.16 -15.64
C VAL B 164 -31.02 -22.26 -16.66
N ASP B 165 -32.28 -22.42 -17.05
CA ASP B 165 -32.65 -23.49 -17.96
C ASP B 165 -31.95 -23.35 -19.30
N ASN B 166 -32.00 -22.14 -19.88
CA ASN B 166 -31.28 -21.91 -21.13
C ASN B 166 -29.77 -21.86 -20.92
N LEU B 167 -29.33 -21.15 -19.86
CA LEU B 167 -27.92 -21.05 -19.49
C LEU B 167 -27.09 -20.60 -20.69
N ASN B 168 -27.61 -19.58 -21.39
CA ASN B 168 -27.05 -19.06 -22.62
C ASN B 168 -26.81 -17.57 -22.49
N ILE B 169 -25.73 -17.08 -23.11
CA ILE B 169 -25.44 -15.66 -23.11
C ILE B 169 -26.57 -14.94 -23.82
N TYR B 170 -27.02 -13.83 -23.23
CA TYR B 170 -28.19 -13.09 -23.69
C TYR B 170 -27.82 -11.66 -24.07
N THR B 171 -28.24 -11.26 -25.26
CA THR B 171 -28.05 -9.91 -25.79
C THR B 171 -29.30 -9.09 -25.50
N ASN B 172 -29.14 -8.00 -24.74
CA ASN B 172 -30.29 -7.19 -24.36
C ASN B 172 -30.57 -6.15 -25.44
N TRP B 173 -31.53 -5.25 -25.18
CA TRP B 173 -31.91 -4.26 -26.17
C TRP B 173 -30.77 -3.32 -26.51
N LEU B 174 -29.86 -3.07 -25.57
CA LEU B 174 -28.70 -2.20 -25.84
C LEU B 174 -27.61 -2.92 -26.61
N GLY B 175 -27.81 -4.19 -26.97
CA GLY B 175 -26.81 -4.95 -27.68
C GLY B 175 -25.69 -5.50 -26.82
N ILE B 176 -25.89 -5.52 -25.51
CA ILE B 176 -24.91 -6.09 -24.57
C ILE B 176 -25.24 -7.56 -24.37
N ASN B 177 -24.28 -8.43 -24.61
CA ASN B 177 -24.47 -9.87 -24.45
C ASN B 177 -23.81 -10.34 -23.16
N PHE B 178 -24.60 -10.99 -22.32
CA PHE B 178 -24.20 -11.39 -20.97
C PHE B 178 -25.06 -12.58 -20.56
N VAL B 179 -24.52 -13.43 -19.70
CA VAL B 179 -25.38 -14.44 -19.08
C VAL B 179 -26.31 -13.74 -18.09
N PRO B 180 -27.63 -13.94 -18.20
CA PRO B 180 -28.56 -13.15 -17.37
C PRO B 180 -28.43 -13.42 -15.87
N PHE B 181 -28.33 -14.69 -15.49
CA PHE B 181 -28.35 -15.05 -14.06
C PHE B 181 -27.14 -14.50 -13.33
N ALA B 182 -25.97 -14.56 -13.96
CA ALA B 182 -24.76 -14.03 -13.33
C ALA B 182 -24.88 -12.52 -13.12
N MET B 183 -25.38 -11.81 -14.13
CA MET B 183 -25.56 -10.37 -14.01
C MET B 183 -26.54 -10.04 -12.88
N THR B 184 -27.60 -10.84 -12.74
CA THR B 184 -28.60 -10.61 -11.70
C THR B 184 -28.01 -10.81 -10.31
N VAL B 185 -27.29 -11.92 -10.10
CA VAL B 185 -26.69 -12.15 -8.79
C VAL B 185 -25.65 -11.08 -8.49
N SER B 186 -24.95 -10.59 -9.53
CA SER B 186 -24.04 -9.48 -9.34
C SER B 186 -24.79 -8.24 -8.86
N GLY B 187 -25.97 -7.99 -9.41
CA GLY B 187 -26.76 -6.85 -8.95
C GLY B 187 -27.18 -6.97 -7.49
N TYR B 188 -27.58 -8.18 -7.08
CA TYR B 188 -27.92 -8.40 -5.68
C TYR B 188 -26.72 -8.08 -4.78
N ALA B 189 -25.56 -8.64 -5.14
CA ALA B 189 -24.35 -8.37 -4.36
C ALA B 189 -24.05 -6.87 -4.33
N LEU B 190 -24.31 -6.17 -5.44
CA LEU B 190 -24.08 -4.73 -5.49
C LEU B 190 -24.98 -3.98 -4.51
N GLY B 191 -26.26 -4.38 -4.42
CA GLY B 191 -27.13 -3.76 -3.44
C GLY B 191 -26.61 -3.93 -2.02
N CYS B 192 -26.23 -5.17 -1.68
CA CYS B 192 -25.65 -5.40 -0.36
C CYS B 192 -24.41 -4.53 -0.15
N SER B 193 -23.58 -4.40 -1.19
CA SER B 193 -22.36 -3.62 -1.10
C SER B 193 -22.66 -2.14 -0.88
N ILE B 194 -23.68 -1.61 -1.54
CA ILE B 194 -24.04 -0.21 -1.35
C ILE B 194 -24.47 0.05 0.09
N ILE B 195 -25.29 -0.85 0.65
CA ILE B 195 -25.69 -0.65 2.05
C ILE B 195 -24.47 -0.71 2.95
N ALA B 196 -23.57 -1.67 2.70
CA ALA B 196 -22.36 -1.79 3.52
C ALA B 196 -21.49 -0.55 3.40
N MET B 197 -21.37 0.01 2.19
CA MET B 197 -20.58 1.21 1.99
C MET B 197 -21.13 2.37 2.79
N PHE B 198 -22.43 2.63 2.66
CA PHE B 198 -23.03 3.71 3.43
C PHE B 198 -22.77 3.52 4.91
N ASP B 199 -23.12 2.33 5.42
CA ASP B 199 -22.99 2.10 6.86
C ASP B 199 -21.54 2.30 7.30
N ARG B 200 -20.60 1.60 6.68
CA ARG B 200 -19.24 1.63 7.19
C ARG B 200 -18.61 3.01 7.03
N VAL B 201 -18.67 3.60 5.85
CA VAL B 201 -18.00 4.88 5.63
C VAL B 201 -18.64 5.96 6.48
N GLY B 202 -19.95 6.19 6.30
CA GLY B 202 -20.61 7.27 7.02
C GLY B 202 -20.56 7.05 8.52
N GLY B 203 -20.94 5.85 8.97
CA GLY B 203 -20.92 5.57 10.38
C GLY B 203 -19.55 5.68 11.00
N GLY B 204 -18.51 5.20 10.30
CA GLY B 204 -17.17 5.29 10.86
C GLY B 204 -16.69 6.72 11.01
N VAL B 205 -16.93 7.55 9.98
CA VAL B 205 -16.58 8.96 10.09
C VAL B 205 -17.34 9.57 11.27
N TYR B 206 -18.62 9.25 11.40
CA TYR B 206 -19.43 9.75 12.52
C TYR B 206 -18.88 9.30 13.85
N THR B 207 -18.57 8.01 13.98
CA THR B 207 -18.13 7.44 15.25
C THR B 207 -16.84 8.09 15.69
N LYS B 208 -15.89 8.25 14.76
CA LYS B 208 -14.61 8.81 15.14
C LYS B 208 -14.70 10.31 15.36
N ALA B 209 -15.57 11.00 14.62
CA ALA B 209 -15.80 12.42 14.93
C ALA B 209 -16.33 12.58 16.34
N ALA B 210 -17.33 11.78 16.72
CA ALA B 210 -17.90 11.87 18.05
C ALA B 210 -16.88 11.45 19.12
N ASP B 211 -16.17 10.35 18.89
CA ASP B 211 -15.18 9.85 19.85
C ASP B 211 -14.08 10.87 20.06
N MET B 212 -13.55 11.40 18.96
CA MET B 212 -12.53 12.42 19.03
C MET B 212 -13.06 13.66 19.72
N ALA B 213 -14.29 14.07 19.42
CA ALA B 213 -14.86 15.24 20.07
C ALA B 213 -14.96 15.05 21.58
N ALA B 214 -15.40 13.88 22.03
CA ALA B 214 -15.49 13.62 23.46
C ALA B 214 -14.12 13.65 24.12
N ASP B 215 -13.17 12.90 23.56
CA ASP B 215 -11.82 12.89 24.12
C ASP B 215 -11.21 14.29 24.08
N LEU B 216 -11.49 15.04 23.01
CA LEU B 216 -10.92 16.38 22.82
C LEU B 216 -11.51 17.37 23.82
N VAL B 217 -12.80 17.27 24.12
CA VAL B 217 -13.37 18.20 25.10
C VAL B 217 -12.84 17.86 26.47
N GLY B 218 -12.66 16.58 26.76
CA GLY B 218 -11.96 16.20 27.99
C GLY B 218 -10.56 16.79 28.06
N LYS B 219 -9.81 16.70 26.95
CA LYS B 219 -8.43 17.15 26.91
C LYS B 219 -8.28 18.67 26.95
N THR B 220 -9.19 19.42 26.34
CA THR B 220 -8.99 20.84 26.12
C THR B 220 -9.38 21.66 27.34
N GLU B 221 -9.10 22.96 27.26
CA GLU B 221 -9.33 23.86 28.38
C GLU B 221 -10.80 23.91 28.76
N LEU B 222 -11.68 23.94 27.76
CA LEU B 222 -13.12 23.79 28.00
C LEU B 222 -13.37 22.30 28.16
N ASN B 223 -13.60 21.86 29.40
CA ASN B 223 -13.59 20.44 29.72
C ASN B 223 -15.00 19.90 29.90
N LEU B 224 -15.36 18.93 29.06
CA LEU B 224 -16.51 18.08 29.27
C LEU B 224 -15.92 16.69 29.45
N PRO B 225 -16.26 15.97 30.51
CA PRO B 225 -15.58 14.68 30.76
C PRO B 225 -15.97 13.62 29.74
N GLU B 226 -15.00 12.79 29.41
CA GLU B 226 -15.25 11.62 28.59
C GLU B 226 -16.06 10.61 29.39
N ASP B 227 -17.04 9.99 28.73
CA ASP B 227 -17.95 9.04 29.40
C ASP B 227 -18.67 9.71 30.56
N ASP B 228 -19.23 10.89 30.29
CA ASP B 228 -19.97 11.68 31.26
C ASP B 228 -21.29 12.13 30.63
N PRO B 229 -22.39 12.15 31.41
CA PRO B 229 -23.69 12.50 30.82
C PRO B 229 -23.75 13.92 30.27
N ARG B 230 -23.09 14.87 30.92
CA ARG B 230 -23.19 16.26 30.49
C ARG B 230 -22.63 16.45 29.08
N ASN B 231 -21.57 15.74 28.73
CA ASN B 231 -20.95 15.88 27.43
C ASN B 231 -21.86 15.35 26.33
N PRO B 232 -22.28 16.18 25.36
CA PRO B 232 -23.05 15.63 24.24
C PRO B 232 -22.22 14.73 23.35
N ALA B 233 -20.95 15.07 23.15
CA ALA B 233 -20.07 14.24 22.34
C ALA B 233 -19.92 12.84 22.93
N THR B 234 -19.96 12.73 24.26
CA THR B 234 -19.90 11.42 24.90
C THR B 234 -21.11 10.57 24.52
N ILE B 235 -22.30 11.16 24.55
CA ILE B 235 -23.49 10.44 24.09
C ILE B 235 -23.36 10.10 22.61
N ALA B 236 -22.89 11.06 21.81
CA ALA B 236 -22.64 10.80 20.40
C ALA B 236 -21.55 9.73 20.24
N ASP B 237 -20.57 9.73 21.13
CA ASP B 237 -19.51 8.72 21.05
C ASP B 237 -20.06 7.32 21.33
N ASN B 238 -20.96 7.19 22.31
CA ASN B 238 -21.57 5.90 22.60
C ASN B 238 -22.46 5.46 21.45
N VAL B 239 -23.25 6.38 20.91
CA VAL B 239 -24.07 6.09 19.73
C VAL B 239 -23.19 5.60 18.60
N GLY B 240 -22.03 6.24 18.41
CA GLY B 240 -21.12 5.79 17.37
C GLY B 240 -20.54 4.42 17.66
N ASP B 241 -20.19 4.16 18.92
CA ASP B 241 -19.69 2.83 19.28
C ASP B 241 -20.68 1.77 18.83
N ASN B 242 -21.96 1.99 19.14
CA ASN B 242 -22.98 1.07 18.65
C ASN B 242 -23.06 1.09 17.12
N VAL B 243 -22.94 2.25 16.50
CA VAL B 243 -23.14 2.37 15.06
C VAL B 243 -22.06 1.62 14.28
N GLY B 244 -20.80 1.89 14.60
CA GLY B 244 -19.73 1.30 13.80
C GLY B 244 -19.59 -0.19 14.01
N ASP B 245 -19.60 -0.64 15.26
CA ASP B 245 -19.34 -2.05 15.52
C ASP B 245 -20.56 -2.93 15.28
N VAL B 246 -21.76 -2.50 15.66
CA VAL B 246 -22.95 -3.32 15.41
C VAL B 246 -23.28 -3.32 13.92
N ALA B 247 -23.50 -2.14 13.35
CA ALA B 247 -23.98 -2.07 11.98
C ALA B 247 -22.84 -2.20 10.97
N GLY B 248 -21.77 -1.40 11.12
CA GLY B 248 -20.73 -1.38 10.10
C GLY B 248 -19.93 -2.67 9.99
N LEU B 249 -19.52 -3.23 11.15
CA LEU B 249 -18.69 -4.43 11.11
C LEU B 249 -19.48 -5.62 10.56
N GLY B 250 -20.71 -5.79 11.04
CA GLY B 250 -21.57 -6.81 10.49
C GLY B 250 -21.85 -6.60 9.02
N ALA B 251 -21.97 -5.33 8.60
CA ALA B 251 -22.18 -5.02 7.19
C ALA B 251 -20.99 -5.48 6.34
N ASP B 252 -19.78 -5.21 6.83
CA ASP B 252 -18.59 -5.66 6.09
C ASP B 252 -18.57 -7.18 6.00
N LEU B 253 -18.86 -7.86 7.11
CA LEU B 253 -18.84 -9.32 7.10
C LEU B 253 -19.90 -9.88 6.14
N LEU B 254 -21.11 -9.32 6.15
CA LEU B 254 -22.16 -9.79 5.26
C LEU B 254 -21.80 -9.52 3.80
N GLU B 255 -21.17 -8.38 3.51
CA GLU B 255 -20.77 -8.10 2.14
C GLU B 255 -19.75 -9.12 1.66
N SER B 256 -18.77 -9.46 2.51
CA SER B 256 -17.79 -10.47 2.12
C SER B 256 -18.44 -11.84 1.92
N PHE B 257 -19.39 -12.19 2.79
CA PHE B 257 -20.10 -13.46 2.69
C PHE B 257 -20.86 -13.56 1.36
N VAL B 258 -21.64 -12.53 1.05
CA VAL B 258 -22.38 -12.49 -0.21
C VAL B 258 -21.42 -12.53 -1.38
N GLY B 259 -20.28 -11.84 -1.26
CA GLY B 259 -19.31 -11.85 -2.33
C GLY B 259 -18.76 -13.23 -2.60
N ALA B 260 -18.47 -13.99 -1.55
CA ALA B 260 -17.97 -15.35 -1.74
C ALA B 260 -19.00 -16.21 -2.47
N ILE B 261 -20.25 -16.19 -2.00
CA ILE B 261 -21.26 -17.04 -2.62
C ILE B 261 -21.49 -16.62 -4.07
N VAL B 262 -21.62 -15.32 -4.31
CA VAL B 262 -21.87 -14.81 -5.65
C VAL B 262 -20.70 -15.13 -6.58
N SER B 263 -19.48 -15.06 -6.04
CA SER B 263 -18.31 -15.39 -6.86
C SER B 263 -18.34 -16.85 -7.30
N SER B 264 -18.69 -17.75 -6.38
CA SER B 264 -18.80 -19.16 -6.77
C SER B 264 -19.87 -19.34 -7.86
N ILE B 265 -21.02 -18.68 -7.68
CA ILE B 265 -22.11 -18.82 -8.65
C ILE B 265 -21.68 -18.29 -10.02
N ILE B 266 -21.03 -17.13 -10.04
CA ILE B 266 -20.57 -16.55 -11.31
C ILE B 266 -19.55 -17.46 -11.97
N LEU B 267 -18.63 -18.02 -11.17
CA LEU B 267 -17.61 -18.91 -11.72
C LEU B 267 -18.26 -20.09 -12.43
N ALA B 268 -19.24 -20.72 -11.80
CA ALA B 268 -19.90 -21.86 -12.45
C ALA B 268 -20.68 -21.43 -13.70
N SER B 269 -21.45 -20.35 -13.58
CA SER B 269 -22.29 -19.90 -14.68
C SER B 269 -21.44 -19.57 -15.89
N TYR B 270 -20.27 -18.98 -15.67
CA TYR B 270 -19.40 -18.65 -16.79
C TYR B 270 -18.54 -19.85 -17.21
N MET B 271 -18.33 -20.82 -16.32
CA MET B 271 -17.64 -22.04 -16.70
C MET B 271 -18.45 -22.86 -17.68
N PHE B 272 -19.76 -22.67 -17.71
CA PHE B 272 -20.54 -23.42 -18.69
C PHE B 272 -20.17 -23.05 -20.12
N PRO B 273 -20.20 -21.78 -20.55
CA PRO B 273 -19.81 -21.47 -21.93
C PRO B 273 -18.31 -21.53 -22.16
N ILE B 274 -17.49 -21.52 -21.11
CA ILE B 274 -16.05 -21.49 -21.30
C ILE B 274 -15.53 -22.86 -21.72
N TYR B 275 -15.98 -23.91 -21.03
CA TYR B 275 -15.50 -25.26 -21.28
C TYR B 275 -16.37 -25.88 -22.37
N VAL B 276 -16.02 -25.58 -23.62
CA VAL B 276 -16.69 -26.16 -24.77
C VAL B 276 -15.62 -26.79 -25.67
N GLN B 277 -15.96 -27.94 -26.27
CA GLN B 277 -15.03 -28.69 -27.11
C GLN B 277 -15.65 -28.91 -28.48
N LYS B 278 -14.94 -28.49 -29.51
CA LYS B 278 -15.39 -28.67 -30.90
C LYS B 278 -14.85 -30.01 -31.39
N ILE B 279 -15.72 -31.01 -31.48
CA ILE B 279 -15.35 -32.32 -31.99
C ILE B 279 -16.02 -32.49 -33.34
N GLY B 280 -15.22 -32.77 -34.36
CA GLY B 280 -15.75 -32.83 -35.71
C GLY B 280 -16.40 -31.51 -36.06
N GLU B 281 -17.71 -31.55 -36.29
CA GLU B 281 -18.49 -30.36 -36.61
C GLU B 281 -19.51 -30.03 -35.53
N ASN B 282 -19.41 -30.68 -34.36
CA ASN B 282 -20.36 -30.49 -33.27
C ASN B 282 -19.62 -29.95 -32.05
N LEU B 283 -20.13 -28.86 -31.49
CA LEU B 283 -19.57 -28.26 -30.29
C LEU B 283 -20.31 -28.80 -29.07
N VAL B 284 -19.63 -29.61 -28.27
CA VAL B 284 -20.22 -30.21 -27.07
C VAL B 284 -19.60 -29.54 -25.86
N HIS B 285 -20.46 -29.11 -24.94
CA HIS B 285 -19.99 -28.51 -23.69
C HIS B 285 -19.22 -29.55 -22.87
N GLN B 286 -17.95 -29.24 -22.58
CA GLN B 286 -17.15 -30.16 -21.78
C GLN B 286 -17.73 -30.36 -20.39
N VAL B 287 -18.52 -29.41 -19.91
CA VAL B 287 -19.16 -29.49 -18.60
C VAL B 287 -20.67 -29.47 -18.85
N PRO B 288 -21.40 -30.52 -18.48
CA PRO B 288 -22.85 -30.53 -18.71
C PRO B 288 -23.56 -29.50 -17.84
N LYS B 289 -24.82 -29.24 -18.20
CA LYS B 289 -25.61 -28.26 -17.45
C LYS B 289 -25.85 -28.72 -16.01
N GLU B 290 -25.95 -30.02 -15.79
CA GLU B 290 -26.21 -30.52 -14.44
C GLU B 290 -25.07 -30.18 -13.50
N THR B 291 -23.82 -30.35 -13.96
CA THR B 291 -22.67 -30.00 -13.13
C THR B 291 -22.64 -28.50 -12.84
N ILE B 292 -22.97 -27.67 -13.83
CA ILE B 292 -22.96 -26.22 -13.63
C ILE B 292 -24.03 -25.82 -12.62
N GLN B 293 -25.24 -26.40 -12.73
CA GLN B 293 -26.29 -26.09 -11.77
C GLN B 293 -25.92 -26.57 -10.37
N ALA B 294 -25.31 -27.75 -10.26
CA ALA B 294 -24.90 -28.26 -8.97
C ALA B 294 -23.84 -27.35 -8.34
N LEU B 295 -22.88 -26.87 -9.13
CA LEU B 295 -21.87 -25.97 -8.60
C LEU B 295 -22.42 -24.58 -8.30
N ILE B 296 -23.53 -24.20 -8.95
CA ILE B 296 -24.18 -22.95 -8.59
C ILE B 296 -24.91 -23.09 -7.25
N SER B 297 -25.58 -24.24 -7.05
CA SER B 297 -26.35 -24.45 -5.83
C SER B 297 -25.51 -24.88 -4.63
N TYR B 298 -24.31 -25.41 -4.86
CA TYR B 298 -23.47 -25.89 -3.76
C TYR B 298 -23.10 -24.81 -2.76
N PRO B 299 -22.65 -23.62 -3.15
CA PRO B 299 -22.32 -22.61 -2.12
C PRO B 299 -23.53 -22.18 -1.32
N ILE B 300 -24.71 -22.15 -1.92
CA ILE B 300 -25.91 -21.76 -1.20
C ILE B 300 -26.23 -22.77 -0.10
N PHE B 301 -26.16 -24.06 -0.43
CA PHE B 301 -26.42 -25.08 0.58
C PHE B 301 -25.34 -25.11 1.64
N PHE B 302 -24.08 -24.90 1.25
CA PHE B 302 -23.00 -24.79 2.23
C PHE B 302 -23.29 -23.65 3.21
N ALA B 303 -23.70 -22.49 2.69
CA ALA B 303 -23.96 -21.34 3.56
C ALA B 303 -25.17 -21.59 4.45
N LEU B 304 -26.19 -22.28 3.93
CA LEU B 304 -27.35 -22.61 4.76
C LEU B 304 -26.96 -23.53 5.90
N VAL B 305 -26.13 -24.54 5.61
CA VAL B 305 -25.63 -25.43 6.65
C VAL B 305 -24.83 -24.64 7.68
N GLY B 306 -24.00 -23.70 7.21
CA GLY B 306 -23.23 -22.88 8.13
C GLY B 306 -24.11 -22.03 9.03
N LEU B 307 -25.19 -21.47 8.47
CA LEU B 307 -26.13 -20.69 9.27
C LEU B 307 -26.83 -21.56 10.30
N GLY B 308 -27.21 -22.78 9.92
CA GLY B 308 -27.80 -23.69 10.88
C GLY B 308 -26.85 -24.02 12.02
N CYS B 309 -25.58 -24.28 11.69
CA CYS B 309 -24.59 -24.56 12.73
C CYS B 309 -24.36 -23.35 13.63
N SER B 310 -24.40 -22.15 13.04
CA SER B 310 -24.25 -20.94 13.84
C SER B 310 -25.42 -20.77 14.80
N MET B 311 -26.64 -20.99 14.32
CA MET B 311 -27.81 -20.95 15.20
C MET B 311 -27.69 -21.97 16.32
N LEU B 312 -27.22 -23.18 16.00
CA LEU B 312 -27.08 -24.21 17.03
C LEU B 312 -26.07 -23.78 18.09
N GLY B 313 -24.93 -23.22 17.67
CA GLY B 313 -23.96 -22.75 18.64
C GLY B 313 -24.50 -21.63 19.52
N ILE B 314 -25.19 -20.67 18.89
CA ILE B 314 -25.79 -19.58 19.66
C ILE B 314 -26.79 -20.12 20.67
N LEU B 315 -27.63 -21.06 20.23
CA LEU B 315 -28.63 -21.64 21.12
C LEU B 315 -27.97 -22.37 22.28
N TYR B 316 -26.91 -23.13 22.01
CA TYR B 316 -26.24 -23.83 23.10
C TYR B 316 -25.66 -22.84 24.10
N VAL B 317 -25.04 -21.76 23.62
CA VAL B 317 -24.40 -20.82 24.54
C VAL B 317 -25.44 -20.06 25.36
N ILE B 318 -26.53 -19.63 24.73
CA ILE B 318 -27.54 -18.88 25.47
C ILE B 318 -28.23 -19.75 26.52
N VAL B 319 -28.34 -21.06 26.27
CA VAL B 319 -29.01 -21.96 27.21
C VAL B 319 -28.02 -22.75 28.05
N LYS B 320 -26.72 -22.64 27.78
CA LYS B 320 -25.72 -23.32 28.59
C LYS B 320 -25.81 -22.84 30.04
N LYS B 321 -25.29 -23.65 30.95
CA LYS B 321 -25.28 -23.27 32.36
C LYS B 321 -24.53 -21.95 32.51
N PRO B 322 -24.99 -21.05 33.37
CA PRO B 322 -24.30 -19.76 33.53
C PRO B 322 -22.88 -19.94 34.05
N SER B 323 -21.92 -19.35 33.32
CA SER B 323 -20.50 -19.46 33.59
C SER B 323 -19.93 -18.08 33.89
N ASP B 324 -18.94 -18.05 34.78
CA ASP B 324 -18.26 -16.82 35.15
C ASP B 324 -17.29 -16.32 34.09
N ASN B 325 -16.94 -17.14 33.09
CA ASN B 325 -15.96 -16.74 32.10
C ASN B 325 -16.66 -16.42 30.78
N PRO B 326 -16.72 -15.15 30.37
CA PRO B 326 -17.40 -14.82 29.10
C PRO B 326 -16.63 -15.23 27.85
N GLN B 327 -15.31 -14.98 27.81
CA GLN B 327 -14.53 -15.28 26.62
C GLN B 327 -14.60 -16.76 26.28
N ARG B 328 -14.61 -17.63 27.29
CA ARG B 328 -14.75 -19.06 27.04
C ARG B 328 -16.09 -19.37 26.38
N GLU B 329 -17.17 -18.72 26.83
CA GLU B 329 -18.47 -18.97 26.22
C GLU B 329 -18.52 -18.50 24.76
N LEU B 330 -17.96 -17.32 24.48
CA LEU B 330 -17.95 -16.85 23.09
C LEU B 330 -17.12 -17.76 22.21
N ASN B 331 -15.96 -18.21 22.71
CA ASN B 331 -15.15 -19.15 21.95
C ASN B 331 -15.88 -20.47 21.75
N ILE B 332 -16.63 -20.92 22.76
CA ILE B 332 -17.41 -22.15 22.60
C ILE B 332 -18.42 -21.99 21.47
N SER B 333 -19.14 -20.87 21.44
CA SER B 333 -20.08 -20.62 20.36
C SER B 333 -19.38 -20.69 19.00
N LEU B 334 -18.27 -19.97 18.87
CA LEU B 334 -17.55 -19.92 17.59
C LEU B 334 -17.07 -21.30 17.18
N TRP B 335 -16.46 -22.04 18.12
CA TRP B 335 -15.89 -23.35 17.79
C TRP B 335 -16.97 -24.34 17.45
N THR B 336 -18.09 -24.34 18.18
CA THR B 336 -19.19 -25.24 17.87
C THR B 336 -19.72 -24.97 16.47
N SER B 337 -19.97 -23.70 16.14
CA SER B 337 -20.45 -23.37 14.80
C SER B 337 -19.47 -23.86 13.75
N ALA B 338 -18.17 -23.59 13.96
CA ALA B 338 -17.16 -23.96 12.97
C ALA B 338 -17.10 -25.48 12.77
N LEU B 339 -17.06 -26.24 13.87
CA LEU B 339 -16.92 -27.69 13.76
C LEU B 339 -18.16 -28.35 13.17
N LEU B 340 -19.35 -27.91 13.62
CA LEU B 340 -20.57 -28.45 13.02
C LEU B 340 -20.62 -28.15 11.53
N THR B 341 -20.23 -26.92 11.14
CA THR B 341 -20.16 -26.60 9.72
C THR B 341 -19.20 -27.53 9.00
N VAL B 342 -18.02 -27.76 9.59
CA VAL B 342 -17.02 -28.63 8.97
C VAL B 342 -17.61 -30.00 8.67
N VAL B 343 -18.21 -30.64 9.69
CA VAL B 343 -18.67 -32.02 9.53
C VAL B 343 -19.87 -32.09 8.59
N LEU B 344 -20.89 -31.26 8.85
CA LEU B 344 -22.10 -31.32 8.05
C LEU B 344 -21.84 -30.93 6.60
N THR B 345 -20.91 -30.00 6.37
CA THR B 345 -20.56 -29.65 5.00
C THR B 345 -19.67 -30.69 4.35
N ALA B 346 -18.88 -31.45 5.12
CA ALA B 346 -18.22 -32.61 4.54
C ALA B 346 -19.25 -33.58 3.96
N PHE B 347 -20.28 -33.88 4.76
CA PHE B 347 -21.34 -34.77 4.26
C PHE B 347 -22.05 -34.16 3.05
N LEU B 348 -22.45 -32.89 3.16
CA LEU B 348 -23.12 -32.20 2.07
C LEU B 348 -22.29 -32.22 0.80
N THR B 349 -21.00 -31.90 0.90
CA THR B 349 -20.13 -31.83 -0.26
C THR B 349 -19.97 -33.19 -0.90
N TYR B 350 -19.73 -34.24 -0.10
CA TYR B 350 -19.55 -35.56 -0.67
C TYR B 350 -20.82 -36.08 -1.33
N PHE B 351 -21.97 -35.93 -0.67
CA PHE B 351 -23.21 -36.47 -1.26
C PHE B 351 -23.71 -35.64 -2.44
N TYR B 352 -23.55 -34.32 -2.40
CA TYR B 352 -24.13 -33.50 -3.46
C TYR B 352 -23.29 -33.50 -4.72
N LEU B 353 -21.96 -33.46 -4.58
CA LEU B 353 -21.02 -33.37 -5.70
C LEU B 353 -20.57 -34.73 -6.26
N LYS B 354 -20.89 -35.84 -5.58
CA LYS B 354 -20.37 -37.15 -5.99
C LYS B 354 -20.73 -37.50 -7.43
N ASP B 355 -21.94 -37.15 -7.88
CA ASP B 355 -22.47 -37.62 -9.15
C ASP B 355 -22.27 -36.62 -10.29
N LEU B 356 -21.21 -35.83 -10.24
CA LEU B 356 -20.99 -34.77 -11.22
C LEU B 356 -19.88 -35.14 -12.21
N GLN B 357 -20.06 -34.73 -13.45
N GLN B 357 -20.07 -34.75 -13.46
CA GLN B 357 -19.13 -35.03 -14.54
CA GLN B 357 -19.12 -35.03 -14.53
C GLN B 357 -18.40 -33.75 -14.94
C GLN B 357 -18.40 -33.74 -14.92
N GLY B 358 -17.08 -33.82 -15.01
CA GLY B 358 -16.27 -32.70 -15.42
C GLY B 358 -15.65 -31.86 -14.32
N LEU B 359 -15.46 -32.44 -13.13
CA LEU B 359 -14.83 -31.70 -12.04
C LEU B 359 -13.35 -31.48 -12.32
N ASP B 360 -12.69 -32.50 -12.87
CA ASP B 360 -11.25 -32.42 -13.11
C ASP B 360 -10.89 -31.27 -14.05
N VAL B 361 -11.75 -30.99 -15.02
CA VAL B 361 -11.46 -29.91 -15.97
C VAL B 361 -11.52 -28.54 -15.30
N LEU B 362 -12.29 -28.42 -14.21
CA LEU B 362 -12.45 -27.15 -13.51
C LEU B 362 -11.51 -27.02 -12.31
N GLY B 363 -10.67 -28.03 -12.04
CA GLY B 363 -9.69 -27.95 -10.98
C GLY B 363 -9.89 -28.85 -9.76
N PHE B 364 -10.96 -29.64 -9.68
CA PHE B 364 -11.10 -30.52 -8.52
C PHE B 364 -10.03 -31.61 -8.58
N ARG B 365 -9.09 -31.58 -7.64
CA ARG B 365 -8.00 -32.54 -7.60
C ARG B 365 -8.43 -33.86 -6.95
N PHE B 366 -9.11 -33.77 -5.81
CA PHE B 366 -9.55 -34.94 -5.05
C PHE B 366 -11.03 -35.22 -5.22
N GLY B 367 -11.56 -34.93 -6.40
CA GLY B 367 -12.95 -35.19 -6.74
C GLY B 367 -13.93 -34.30 -6.00
N ALA B 368 -15.07 -34.90 -5.61
CA ALA B 368 -16.18 -34.13 -5.06
C ALA B 368 -15.83 -33.45 -3.74
N ILE B 369 -15.03 -34.11 -2.91
CA ILE B 369 -14.71 -33.59 -1.58
C ILE B 369 -13.79 -32.36 -1.61
N SER B 370 -13.12 -32.09 -2.74
CA SER B 370 -12.11 -31.03 -2.78
C SER B 370 -12.60 -29.65 -2.36
N PRO B 371 -13.74 -29.15 -2.83
CA PRO B 371 -14.18 -27.82 -2.36
C PRO B 371 -14.43 -27.78 -0.87
N TRP B 372 -14.95 -28.86 -0.27
CA TRP B 372 -15.10 -28.88 1.19
C TRP B 372 -13.74 -28.74 1.87
N PHE B 373 -12.73 -29.43 1.35
CA PHE B 373 -11.36 -29.27 1.83
C PHE B 373 -10.96 -27.80 1.80
N SER B 374 -11.18 -27.14 0.66
CA SER B 374 -10.87 -25.72 0.57
C SER B 374 -11.63 -24.90 1.61
N ALA B 375 -12.91 -25.20 1.80
CA ALA B 375 -13.74 -24.44 2.73
C ALA B 375 -13.25 -24.57 4.18
N ILE B 376 -12.94 -25.79 4.62
CA ILE B 376 -12.39 -25.95 5.96
C ILE B 376 -11.05 -25.22 6.07
N ILE B 377 -10.25 -25.23 5.01
CA ILE B 377 -9.03 -24.44 5.01
C ILE B 377 -9.35 -22.97 5.30
N GLY B 378 -10.38 -22.45 4.62
CA GLY B 378 -10.81 -21.08 4.87
C GLY B 378 -11.21 -20.83 6.31
N ILE B 379 -11.96 -21.77 6.89
CA ILE B 379 -12.37 -21.67 8.30
C ILE B 379 -11.13 -21.50 9.19
N PHE B 380 -10.17 -22.39 9.01
CA PHE B 380 -8.95 -22.36 9.81
C PHE B 380 -8.19 -21.06 9.60
N SER B 381 -8.13 -20.59 8.35
CA SER B 381 -7.45 -19.35 8.05
C SER B 381 -8.08 -18.19 8.81
N GLY B 382 -9.42 -18.16 8.84
CA GLY B 382 -10.11 -17.11 9.57
C GLY B 382 -9.75 -17.08 11.04
N ILE B 383 -9.84 -18.24 11.70
CA ILE B 383 -9.51 -18.26 13.13
C ILE B 383 -8.07 -17.84 13.38
N LEU B 384 -7.14 -18.31 12.53
CA LEU B 384 -5.73 -17.94 12.70
C LEU B 384 -5.52 -16.44 12.52
N ILE B 385 -6.17 -15.83 11.54
CA ILE B 385 -6.05 -14.39 11.34
C ILE B 385 -6.56 -13.64 12.55
N GLY B 386 -7.69 -14.08 13.12
CA GLY B 386 -8.16 -13.46 14.34
C GLY B 386 -7.14 -13.53 15.46
N PHE B 387 -6.44 -14.67 15.54
CA PHE B 387 -5.39 -14.78 16.56
C PHE B 387 -4.29 -13.76 16.32
N TRP B 388 -3.84 -13.62 15.07
CA TRP B 388 -2.75 -12.70 14.78
C TRP B 388 -3.13 -11.26 15.14
N ALA B 389 -4.33 -10.85 14.75
CA ALA B 389 -4.81 -9.52 15.12
C ALA B 389 -4.77 -9.33 16.62
N GLU B 390 -5.26 -10.31 17.38
CA GLU B 390 -5.20 -10.21 18.84
C GLU B 390 -3.77 -10.10 19.34
N TYR B 391 -2.89 -10.97 18.85
CA TYR B 391 -1.51 -10.99 19.30
C TYR B 391 -0.84 -9.64 19.12
N TYR B 392 -1.13 -8.96 18.02
CA TYR B 392 -0.49 -7.67 17.81
C TYR B 392 -1.19 -6.51 18.51
N THR B 393 -2.49 -6.63 18.81
CA THR B 393 -3.18 -5.53 19.48
C THR B 393 -3.23 -5.66 21.00
N SER B 394 -3.39 -6.88 21.52
CA SER B 394 -3.58 -7.06 22.95
C SER B 394 -2.29 -6.80 23.72
N TYR B 395 -2.43 -6.15 24.89
CA TYR B 395 -1.26 -5.89 25.73
C TYR B 395 -0.78 -7.12 26.48
N ARG B 396 -1.48 -8.25 26.36
CA ARG B 396 -1.00 -9.47 27.01
C ARG B 396 0.25 -10.01 26.31
N TYR B 397 0.38 -9.75 25.01
CA TYR B 397 1.50 -10.22 24.21
C TYR B 397 2.59 -9.16 24.11
N LYS B 398 3.72 -9.57 23.53
CA LYS B 398 4.92 -8.74 23.56
C LYS B 398 4.81 -7.38 22.86
N PRO B 399 4.20 -7.25 21.67
CA PRO B 399 4.27 -5.95 20.97
C PRO B 399 3.64 -4.79 21.72
N THR B 400 2.41 -4.97 22.22
CA THR B 400 1.76 -3.88 22.93
C THR B 400 2.42 -3.61 24.28
N GLN B 401 2.97 -4.66 24.92
CA GLN B 401 3.77 -4.44 26.12
C GLN B 401 4.97 -3.58 25.82
N PHE B 402 5.65 -3.85 24.71
CA PHE B 402 6.81 -3.05 24.32
C PHE B 402 6.40 -1.62 24.01
N LEU B 403 5.24 -1.43 23.38
CA LEU B 403 4.74 -0.08 23.13
C LEU B 403 4.47 0.67 24.43
N GLY B 404 3.84 0.00 25.40
CA GLY B 404 3.58 0.63 26.67
C GLY B 404 4.84 0.98 27.44
N LYS B 405 5.84 0.09 27.38
CA LYS B 405 7.12 0.38 28.02
C LYS B 405 7.87 1.51 27.33
N SER B 406 7.84 1.55 25.99
CA SER B 406 8.44 2.63 25.22
C SER B 406 7.73 3.96 25.45
N SER B 407 6.48 3.93 25.91
CA SER B 407 5.76 5.17 26.20
C SER B 407 6.54 6.11 27.13
N ILE B 408 7.38 5.57 28.02
CA ILE B 408 8.19 6.44 28.88
C ILE B 408 9.19 7.24 28.07
N GLU B 409 9.55 6.77 26.88
CA GLU B 409 10.63 7.36 26.11
C GLU B 409 10.20 8.46 25.14
N GLY B 410 8.91 8.77 25.04
CA GLY B 410 8.51 9.93 24.26
C GLY B 410 7.33 9.68 23.33
N THR B 411 6.73 10.80 22.89
CA THR B 411 5.50 10.74 22.10
C THR B 411 5.77 10.32 20.66
N GLY B 412 6.66 11.04 19.97
CA GLY B 412 7.06 10.62 18.63
C GLY B 412 7.59 9.20 18.62
N MET B 413 8.25 8.81 19.71
CA MET B 413 8.68 7.41 19.86
C MET B 413 7.48 6.47 19.89
N VAL B 414 6.42 6.86 20.61
CA VAL B 414 5.22 6.04 20.66
C VAL B 414 4.62 5.91 19.26
N ILE B 415 4.47 7.04 18.56
CA ILE B 415 3.86 7.03 17.23
C ILE B 415 4.67 6.15 16.29
N SER B 416 5.98 6.32 16.29
CA SER B 416 6.84 5.54 15.39
C SER B 416 6.79 4.06 15.73
N ASN B 417 6.80 3.72 17.02
CA ASN B 417 6.73 2.31 17.42
C ASN B 417 5.39 1.69 17.03
N GLY B 418 4.32 2.48 17.10
CA GLY B 418 3.02 1.96 16.67
C GLY B 418 2.93 1.74 15.17
N LEU B 419 3.47 2.68 14.38
CA LEU B 419 3.52 2.49 12.94
C LEU B 419 4.31 1.23 12.58
N SER B 420 5.49 1.08 13.20
CA SER B 420 6.29 -0.11 12.96
C SER B 420 5.57 -1.37 13.40
N LEU B 421 4.82 -1.28 14.51
CA LEU B 421 4.09 -2.44 15.00
C LEU B 421 3.03 -2.88 14.01
N GLY B 422 2.26 -1.93 13.47
CA GLY B 422 1.26 -2.30 12.49
C GLY B 422 1.86 -2.87 11.22
N MET B 423 2.89 -2.20 10.68
CA MET B 423 3.51 -2.69 9.45
C MET B 423 4.12 -4.07 9.65
N LYS B 424 4.75 -4.33 10.80
CA LYS B 424 5.25 -5.67 11.07
C LYS B 424 4.12 -6.66 11.28
N SER B 425 3.00 -6.21 11.84
CA SER B 425 1.87 -7.08 12.11
C SER B 425 1.21 -7.57 10.84
N VAL B 426 1.29 -6.79 9.75
CA VAL B 426 0.61 -7.20 8.52
C VAL B 426 1.07 -8.57 8.03
N PHE B 427 2.34 -8.94 8.28
CA PHE B 427 2.93 -10.07 7.57
C PHE B 427 2.35 -11.43 7.95
N PRO B 428 2.24 -11.80 9.23
CA PRO B 428 1.82 -13.20 9.56
C PRO B 428 0.42 -13.53 9.06
N PRO B 429 -0.58 -12.67 9.25
CA PRO B 429 -1.91 -13.01 8.69
C PRO B 429 -1.90 -13.12 7.18
N THR B 430 -1.11 -12.29 6.50
CA THR B 430 -1.04 -12.41 5.04
C THR B 430 -0.35 -13.71 4.64
N LEU B 431 0.64 -14.16 5.42
CA LEU B 431 1.26 -15.45 5.17
C LEU B 431 0.22 -16.57 5.29
N THR B 432 -0.60 -16.51 6.34
CA THR B 432 -1.69 -17.46 6.49
C THR B 432 -2.62 -17.42 5.29
N LEU B 433 -2.94 -16.21 4.81
CA LEU B 433 -3.83 -16.07 3.66
C LEU B 433 -3.22 -16.67 2.41
N VAL B 434 -1.93 -16.45 2.18
CA VAL B 434 -1.27 -17.00 0.99
C VAL B 434 -1.28 -18.52 1.04
N LEU B 435 -0.94 -19.10 2.20
CA LEU B 435 -0.99 -20.55 2.32
C LEU B 435 -2.39 -21.09 2.08
N GLY B 436 -3.40 -20.43 2.64
CA GLY B 436 -4.78 -20.88 2.43
C GLY B 436 -5.21 -20.80 0.98
N ILE B 437 -4.83 -19.73 0.29
CA ILE B 437 -5.15 -19.60 -1.13
C ILE B 437 -4.49 -20.72 -1.92
N LEU B 438 -3.19 -20.96 -1.68
CA LEU B 438 -2.49 -22.00 -2.41
C LEU B 438 -3.15 -23.36 -2.19
N PHE B 439 -3.49 -23.68 -0.95
CA PHE B 439 -4.08 -25.00 -0.68
C PHE B 439 -5.48 -25.11 -1.26
N ALA B 440 -6.31 -24.06 -1.13
CA ALA B 440 -7.64 -24.09 -1.71
C ALA B 440 -7.56 -24.27 -3.23
N ASP B 441 -6.62 -23.57 -3.87
CA ASP B 441 -6.46 -23.76 -5.31
C ASP B 441 -6.02 -25.19 -5.62
N TYR B 442 -4.95 -25.66 -4.97
CA TYR B 442 -4.47 -27.02 -5.19
C TYR B 442 -5.60 -28.04 -5.05
N PHE B 443 -6.58 -27.77 -4.18
CA PHE B 443 -7.69 -28.70 -4.02
C PHE B 443 -8.71 -28.57 -5.16
N ALA B 444 -9.16 -27.35 -5.47
CA ALA B 444 -10.30 -27.23 -6.38
C ALA B 444 -10.29 -25.92 -7.17
N GLY B 445 -9.12 -25.54 -7.71
CA GLY B 445 -9.01 -24.33 -8.53
C GLY B 445 -9.59 -23.08 -7.90
N LEU B 446 -10.00 -22.16 -8.77
CA LEU B 446 -10.56 -20.89 -8.33
C LEU B 446 -11.91 -21.06 -7.67
N TYR B 447 -12.69 -22.04 -8.15
CA TYR B 447 -13.98 -22.32 -7.51
C TYR B 447 -13.78 -22.71 -6.06
N GLY B 448 -12.75 -23.50 -5.77
CA GLY B 448 -12.44 -23.87 -4.40
C GLY B 448 -11.82 -22.73 -3.61
N VAL B 449 -11.11 -21.83 -4.30
CA VAL B 449 -10.71 -20.59 -3.63
C VAL B 449 -11.95 -19.86 -3.12
N ALA B 450 -12.98 -19.77 -3.97
CA ALA B 450 -14.24 -19.15 -3.55
C ALA B 450 -14.93 -19.97 -2.46
N ILE B 451 -14.84 -21.29 -2.53
CA ILE B 451 -15.46 -22.12 -1.50
C ILE B 451 -14.73 -21.98 -0.16
N ALA B 452 -13.42 -21.74 -0.20
CA ALA B 452 -12.67 -21.43 1.01
C ALA B 452 -13.09 -20.08 1.56
N ALA B 453 -13.31 -19.12 0.66
CA ALA B 453 -13.90 -17.84 1.03
C ALA B 453 -15.21 -18.06 1.79
N LEU B 454 -16.07 -18.91 1.23
CA LEU B 454 -17.35 -19.22 1.87
C LEU B 454 -17.16 -19.88 3.22
N GLY B 455 -16.28 -20.88 3.29
CA GLY B 455 -16.09 -21.60 4.54
C GLY B 455 -15.59 -20.70 5.66
N MET B 456 -14.62 -19.82 5.34
CA MET B 456 -14.16 -18.87 6.34
C MET B 456 -15.30 -18.04 6.89
N LEU B 457 -16.30 -17.73 6.06
CA LEU B 457 -17.49 -17.00 6.48
C LEU B 457 -18.71 -17.90 6.59
N SER B 458 -18.51 -19.23 6.70
CA SER B 458 -19.64 -20.14 6.83
C SER B 458 -20.43 -19.90 8.10
N PHE B 459 -19.76 -19.51 9.19
CA PHE B 459 -20.44 -19.20 10.43
C PHE B 459 -20.43 -17.69 10.66
N VAL B 460 -20.90 -16.93 9.68
CA VAL B 460 -20.84 -15.47 9.74
C VAL B 460 -21.79 -14.94 10.81
N ALA B 461 -22.89 -15.66 11.10
CA ALA B 461 -23.85 -15.17 12.08
C ALA B 461 -23.23 -15.04 13.46
N THR B 462 -22.52 -16.08 13.91
CA THR B 462 -21.87 -16.02 15.22
C THR B 462 -20.79 -14.94 15.25
N SER B 463 -20.08 -14.76 14.14
CA SER B 463 -19.07 -13.71 14.07
C SER B 463 -19.70 -12.34 14.25
N VAL B 464 -20.79 -12.08 13.52
CA VAL B 464 -21.47 -10.79 13.64
C VAL B 464 -22.03 -10.59 15.05
N SER B 465 -22.52 -11.66 15.67
CA SER B 465 -23.04 -11.56 17.03
C SER B 465 -21.93 -11.20 18.01
N VAL B 466 -20.81 -11.92 17.96
CA VAL B 466 -19.69 -11.65 18.85
C VAL B 466 -19.15 -10.24 18.62
N ASP B 467 -19.18 -9.78 17.37
CA ASP B 467 -18.69 -8.44 17.06
C ASP B 467 -19.62 -7.37 17.62
N SER B 468 -20.93 -7.56 17.48
CA SER B 468 -21.89 -6.59 17.99
C SER B 468 -21.99 -6.63 19.51
N TYR B 469 -21.52 -7.70 20.15
CA TYR B 469 -21.45 -7.71 21.61
C TYR B 469 -20.54 -6.61 22.15
N GLY B 470 -19.50 -6.25 21.40
CA GLY B 470 -18.49 -5.32 21.86
C GLY B 470 -18.97 -3.91 22.12
N PRO B 471 -19.61 -3.28 21.13
CA PRO B 471 -20.09 -1.90 21.33
C PRO B 471 -21.08 -1.75 22.45
N ILE B 472 -21.89 -2.78 22.70
CA ILE B 472 -22.77 -2.76 23.86
C ILE B 472 -21.96 -2.69 25.14
N ALA B 473 -20.85 -3.43 25.20
CA ALA B 473 -19.96 -3.36 26.36
C ALA B 473 -19.29 -2.00 26.48
N ASP B 474 -18.95 -1.38 25.34
CA ASP B 474 -18.35 -0.05 25.37
C ASP B 474 -19.35 0.96 25.91
N ASN B 475 -20.59 0.90 25.43
CA ASN B 475 -21.64 1.77 25.95
C ASN B 475 -21.90 1.48 27.42
N ALA B 476 -21.81 0.22 27.84
CA ALA B 476 -22.04 -0.13 29.23
C ALA B 476 -20.96 0.46 30.14
N GLY B 477 -19.70 0.40 29.71
CA GLY B 477 -18.64 1.03 30.49
C GLY B 477 -18.78 2.54 30.51
N GLY B 478 -19.15 3.13 29.36
CA GLY B 478 -19.45 4.55 29.34
C GLY B 478 -20.57 4.92 30.29
N ILE B 479 -21.62 4.12 30.34
CA ILE B 479 -22.73 4.34 31.26
C ILE B 479 -22.27 4.20 32.70
N SER B 480 -21.44 3.19 32.99
CA SER B 480 -20.96 2.99 34.36
C SER B 480 -20.19 4.20 34.84
N GLU B 481 -19.34 4.77 33.98
CA GLU B 481 -18.68 6.01 34.36
C GLU B 481 -19.67 7.19 34.41
N MET B 482 -20.64 7.22 33.49
CA MET B 482 -21.66 8.26 33.48
C MET B 482 -22.58 8.17 34.70
N CYS B 483 -23.03 6.97 35.04
CA CYS B 483 -23.93 6.78 36.16
C CYS B 483 -23.22 6.61 37.49
N GLU B 484 -21.88 6.64 37.50
CA GLU B 484 -21.11 6.45 38.73
C GLU B 484 -21.47 5.13 39.40
N LEU B 485 -21.38 4.04 38.63
CA LEU B 485 -21.81 2.73 39.11
C LEU B 485 -20.94 2.26 40.27
N ASP B 486 -21.49 1.33 41.05
CA ASP B 486 -20.79 0.81 42.22
C ASP B 486 -19.48 0.18 41.80
N PRO B 487 -18.39 0.37 42.56
CA PRO B 487 -17.08 -0.12 42.11
C PRO B 487 -17.04 -1.61 41.83
N GLU B 488 -17.85 -2.42 42.51
CA GLU B 488 -17.94 -3.83 42.16
C GLU B 488 -18.69 -4.02 40.85
N VAL B 489 -19.86 -3.40 40.71
CA VAL B 489 -20.62 -3.51 39.48
C VAL B 489 -19.94 -2.74 38.36
N ARG B 490 -19.37 -1.58 38.67
CA ARG B 490 -18.59 -0.85 37.67
C ARG B 490 -17.37 -1.65 37.24
N LYS B 491 -16.76 -2.39 38.17
CA LYS B 491 -15.64 -3.26 37.80
C LYS B 491 -16.10 -4.40 36.91
N ILE B 492 -17.27 -4.97 37.20
CA ILE B 492 -17.81 -6.02 36.34
C ILE B 492 -18.01 -5.49 34.92
N THR B 493 -18.62 -4.31 34.81
CA THR B 493 -18.86 -3.70 33.50
C THR B 493 -17.56 -3.32 32.81
N ASP B 494 -16.53 -2.93 33.58
CA ASP B 494 -15.24 -2.60 32.99
C ASP B 494 -14.54 -3.85 32.46
N HIS B 495 -14.68 -4.97 33.17
CA HIS B 495 -14.14 -6.22 32.66
C HIS B 495 -14.83 -6.63 31.37
N LEU B 496 -16.16 -6.50 31.34
CA LEU B 496 -16.90 -6.77 30.11
C LEU B 496 -16.49 -5.83 28.98
N ASP B 497 -16.23 -4.57 29.30
CA ASP B 497 -15.82 -3.61 28.27
C ASP B 497 -14.44 -3.95 27.72
N ALA B 498 -13.52 -4.40 28.57
CA ALA B 498 -12.20 -4.80 28.09
C ALA B 498 -12.29 -6.04 27.22
N VAL B 499 -13.09 -7.03 27.64
CA VAL B 499 -13.34 -8.20 26.81
C VAL B 499 -13.93 -7.80 25.47
N GLY B 500 -14.85 -6.82 25.49
CA GLY B 500 -15.46 -6.36 24.26
C GLY B 500 -14.46 -5.69 23.33
N ASN B 501 -13.53 -4.92 23.88
CA ASN B 501 -12.50 -4.30 23.03
C ASN B 501 -11.59 -5.37 22.42
N THR B 502 -11.22 -6.39 23.20
CA THR B 502 -10.42 -7.48 22.65
C THR B 502 -11.15 -8.19 21.51
N THR B 503 -12.42 -8.52 21.73
CA THR B 503 -13.21 -9.17 20.69
C THR B 503 -13.42 -8.25 19.49
N ALA B 504 -13.48 -6.95 19.71
CA ALA B 504 -13.59 -6.00 18.61
C ALA B 504 -12.35 -6.04 17.73
N ALA B 505 -11.17 -6.05 18.34
CA ALA B 505 -9.94 -6.18 17.57
C ALA B 505 -9.92 -7.49 16.77
N ILE B 506 -10.31 -8.59 17.43
CA ILE B 506 -10.29 -9.89 16.75
C ILE B 506 -11.23 -9.88 15.55
N GLY B 507 -12.45 -9.38 15.75
CA GLY B 507 -13.42 -9.34 14.67
C GLY B 507 -13.00 -8.40 13.54
N LYS B 508 -12.34 -7.29 13.89
CA LYS B 508 -11.84 -6.38 12.87
C LYS B 508 -10.83 -7.08 11.97
N GLY B 509 -9.88 -7.81 12.56
CA GLY B 509 -8.92 -8.55 11.75
C GLY B 509 -9.59 -9.59 10.87
N PHE B 510 -10.52 -10.35 11.45
CA PHE B 510 -11.27 -11.35 10.68
C PHE B 510 -11.98 -10.71 9.49
N ALA B 511 -12.62 -9.56 9.72
CA ALA B 511 -13.31 -8.86 8.65
C ALA B 511 -12.35 -8.46 7.54
N ILE B 512 -11.16 -7.98 7.91
CA ILE B 512 -10.20 -7.57 6.89
C ILE B 512 -9.83 -8.76 6.00
N GLY B 513 -9.58 -9.90 6.64
CA GLY B 513 -9.23 -11.09 5.85
C GLY B 513 -10.35 -11.51 4.92
N SER B 514 -11.60 -11.46 5.42
CA SER B 514 -12.73 -11.83 4.59
C SER B 514 -12.86 -10.92 3.39
N ALA B 515 -12.69 -9.61 3.59
CA ALA B 515 -12.77 -8.68 2.47
C ALA B 515 -11.68 -8.95 1.44
N ILE B 516 -10.48 -9.31 1.90
CA ILE B 516 -9.40 -9.60 0.98
C ILE B 516 -9.75 -10.77 0.08
N PHE B 517 -10.15 -11.90 0.68
CA PHE B 517 -10.45 -13.06 -0.17
C PHE B 517 -11.65 -12.79 -1.07
N ALA B 518 -12.62 -12.01 -0.60
CA ALA B 518 -13.78 -11.72 -1.44
C ALA B 518 -13.38 -10.91 -2.66
N ALA B 519 -12.48 -9.94 -2.48
CA ALA B 519 -12.02 -9.17 -3.63
C ALA B 519 -11.25 -10.05 -4.61
N LEU B 520 -10.45 -11.00 -4.11
CA LEU B 520 -9.74 -11.90 -5.02
C LEU B 520 -10.71 -12.75 -5.84
N SER B 521 -11.68 -13.37 -5.17
CA SER B 521 -12.67 -14.18 -5.89
C SER B 521 -13.47 -13.33 -6.86
N LEU B 522 -13.74 -12.07 -6.51
CA LEU B 522 -14.46 -11.18 -7.42
C LEU B 522 -13.63 -10.85 -8.65
N PHE B 523 -12.31 -10.72 -8.49
CA PHE B 523 -11.46 -10.56 -9.68
C PHE B 523 -11.54 -11.79 -10.58
N ALA B 524 -11.50 -12.97 -9.98
CA ALA B 524 -11.62 -14.19 -10.78
C ALA B 524 -12.95 -14.21 -11.54
N SER B 525 -14.04 -13.84 -10.87
CA SER B 525 -15.34 -13.79 -11.53
C SER B 525 -15.40 -12.69 -12.58
N TYR B 526 -14.67 -11.59 -12.38
CA TYR B 526 -14.56 -10.53 -13.38
C TYR B 526 -13.96 -11.05 -14.67
N MET B 527 -12.86 -11.78 -14.55
CA MET B 527 -12.21 -12.34 -15.73
C MET B 527 -13.05 -13.45 -16.36
N PHE B 528 -13.78 -14.22 -15.55
CA PHE B 528 -14.77 -15.13 -16.12
C PHE B 528 -15.83 -14.38 -16.91
N SER B 529 -16.24 -13.20 -16.41
CA SER B 529 -17.15 -12.34 -17.15
C SER B 529 -16.49 -11.84 -18.43
N GLN B 530 -15.16 -11.79 -18.47
CA GLN B 530 -14.47 -11.42 -19.71
C GLN B 530 -14.52 -12.53 -20.76
N ILE B 531 -15.58 -13.32 -20.81
CA ILE B 531 -15.74 -14.35 -21.83
C ILE B 531 -16.57 -13.74 -22.95
N SER B 532 -16.27 -14.11 -24.18
CA SER B 532 -16.99 -13.61 -25.34
C SER B 532 -17.44 -14.79 -26.20
N PRO B 533 -18.46 -14.58 -27.05
CA PRO B 533 -18.90 -15.70 -27.91
C PRO B 533 -17.80 -16.27 -28.79
N SER B 534 -16.96 -15.41 -29.37
CA SER B 534 -15.80 -15.88 -30.13
C SER B 534 -14.78 -16.56 -29.22
N ASP B 535 -14.61 -16.04 -28.01
CA ASP B 535 -13.60 -16.57 -27.09
C ASP B 535 -13.86 -18.02 -26.68
N ILE B 536 -15.12 -18.47 -26.69
CA ILE B 536 -15.42 -19.82 -26.20
C ILE B 536 -14.69 -20.88 -27.02
N GLY B 537 -14.53 -20.65 -28.32
CA GLY B 537 -13.78 -21.60 -29.14
C GLY B 537 -12.31 -21.69 -28.74
N LYS B 538 -11.73 -20.57 -28.36
CA LYS B 538 -10.34 -20.54 -27.94
C LYS B 538 -10.16 -21.35 -26.66
N PRO B 539 -8.96 -21.90 -26.44
CA PRO B 539 -8.70 -22.70 -25.23
C PRO B 539 -9.04 -21.91 -23.98
N PRO B 540 -9.51 -22.58 -22.92
CA PRO B 540 -9.87 -21.87 -21.69
C PRO B 540 -8.75 -21.03 -21.11
N SER B 541 -7.49 -21.45 -21.30
CA SER B 541 -6.37 -20.64 -20.83
C SER B 541 -6.29 -19.30 -21.54
N LEU B 542 -6.72 -19.24 -22.81
CA LEU B 542 -6.66 -17.99 -23.55
C LEU B 542 -7.65 -16.96 -23.04
N VAL B 543 -8.85 -17.39 -22.66
CA VAL B 543 -9.84 -16.44 -22.17
C VAL B 543 -9.54 -16.03 -20.74
N LEU B 544 -9.29 -17.01 -19.88
CA LEU B 544 -8.98 -16.73 -18.48
C LEU B 544 -7.54 -16.26 -18.41
N LEU B 545 -7.33 -15.04 -18.93
CA LEU B 545 -6.01 -14.50 -19.14
C LEU B 545 -5.99 -13.01 -18.84
N LEU B 546 -5.02 -12.57 -18.03
CA LEU B 546 -4.77 -11.16 -17.74
C LEU B 546 -3.25 -10.98 -17.70
N ASN B 547 -2.64 -10.86 -18.88
CA ASN B 547 -1.19 -10.81 -18.99
C ASN B 547 -0.65 -9.56 -18.33
N MET B 548 0.39 -9.72 -17.52
CA MET B 548 1.03 -8.54 -16.94
C MET B 548 2.03 -7.88 -17.86
N LEU B 549 2.57 -8.63 -18.83
CA LEU B 549 3.51 -7.99 -19.74
C LEU B 549 2.89 -6.88 -20.56
N ASP B 550 1.56 -6.81 -20.58
N ASP B 550 1.57 -6.81 -20.59
CA ASP B 550 0.89 -5.70 -21.22
CA ASP B 550 0.91 -5.70 -21.24
C ASP B 550 1.15 -4.43 -20.41
C ASP B 550 1.12 -4.43 -20.43
N ALA B 551 1.47 -3.34 -21.13
CA ALA B 551 1.73 -2.08 -20.45
C ALA B 551 0.48 -1.50 -19.82
N ARG B 552 -0.71 -1.89 -20.30
N ARG B 552 -0.71 -1.90 -20.28
CA ARG B 552 -1.95 -1.36 -19.73
CA ARG B 552 -1.95 -1.36 -19.73
C ARG B 552 -2.27 -1.99 -18.37
C ARG B 552 -2.29 -2.00 -18.39
N VAL B 553 -1.94 -3.27 -18.19
CA VAL B 553 -2.26 -3.93 -16.93
C VAL B 553 -1.38 -3.39 -15.81
N ILE B 554 -0.10 -3.15 -16.09
CA ILE B 554 0.79 -2.58 -15.08
C ILE B 554 0.43 -1.13 -14.79
N ALA B 555 -0.02 -0.39 -15.80
CA ALA B 555 -0.40 1.00 -15.57
C ALA B 555 -1.65 1.10 -14.71
N GLY B 556 -2.66 0.29 -15.00
CA GLY B 556 -3.85 0.28 -14.16
C GLY B 556 -3.56 -0.17 -12.75
N ALA B 557 -2.66 -1.15 -12.60
CA ALA B 557 -2.33 -1.68 -11.29
C ALA B 557 -1.74 -0.59 -10.39
N LEU B 558 -0.88 0.25 -10.94
CA LEU B 558 -0.38 1.39 -10.17
C LEU B 558 -1.50 2.36 -9.83
N LEU B 559 -2.43 2.56 -10.76
CA LEU B 559 -3.51 3.54 -10.55
C LEU B 559 -4.42 3.13 -9.41
N GLY B 560 -4.95 1.91 -9.45
CA GLY B 560 -5.85 1.47 -8.39
C GLY B 560 -5.21 1.50 -7.02
N ALA B 561 -3.92 1.19 -6.94
CA ALA B 561 -3.21 1.26 -5.68
C ALA B 561 -3.05 2.71 -5.21
N ALA B 562 -2.75 3.63 -6.12
CA ALA B 562 -2.66 5.05 -5.76
C ALA B 562 -4.02 5.57 -5.30
N ILE B 563 -5.08 5.17 -6.00
CA ILE B 563 -6.43 5.56 -5.61
C ILE B 563 -6.76 5.02 -4.23
N THR B 564 -6.32 3.80 -3.93
CA THR B 564 -6.54 3.23 -2.60
C THR B 564 -5.89 4.10 -1.53
N TYR B 565 -4.68 4.57 -1.78
CA TYR B 565 -4.00 5.42 -0.82
C TYR B 565 -4.72 6.76 -0.69
N TYR B 566 -5.01 7.40 -1.83
CA TYR B 566 -5.77 8.63 -1.83
C TYR B 566 -7.11 8.44 -1.12
N PHE B 567 -7.73 7.27 -1.31
CA PHE B 567 -8.98 6.97 -0.63
C PHE B 567 -8.81 6.99 0.88
N SER B 568 -7.70 6.46 1.38
CA SER B 568 -7.47 6.42 2.82
C SER B 568 -7.27 7.81 3.39
N GLY B 569 -6.62 8.70 2.65
CA GLY B 569 -6.33 10.02 3.18
C GLY B 569 -7.54 10.93 3.28
N TYR B 570 -8.39 10.94 2.25
CA TYR B 570 -9.54 11.83 2.29
C TYR B 570 -10.43 11.55 3.49
N LEU B 571 -10.52 10.30 3.90
CA LEU B 571 -11.31 9.93 5.06
C LEU B 571 -10.77 10.56 6.33
N ILE B 572 -9.45 10.60 6.48
CA ILE B 572 -8.84 11.11 7.70
C ILE B 572 -9.15 12.59 7.87
N SER B 573 -9.00 13.36 6.79
CA SER B 573 -9.35 14.78 6.84
C SER B 573 -10.84 14.98 7.10
N ALA B 574 -11.67 14.08 6.60
CA ALA B 574 -13.12 14.19 6.79
C ALA B 574 -13.51 14.04 8.25
N VAL B 575 -12.89 13.11 8.98
CA VAL B 575 -13.21 12.93 10.39
C VAL B 575 -12.87 14.19 11.18
N THR B 576 -11.72 14.80 10.89
CA THR B 576 -11.34 16.02 11.60
C THR B 576 -12.29 17.17 11.25
N LYS B 577 -12.66 17.28 9.98
CA LYS B 577 -13.57 18.35 9.55
C LYS B 577 -14.93 18.21 10.22
N ALA B 578 -15.46 16.98 10.27
CA ALA B 578 -16.74 16.75 10.92
C ALA B 578 -16.66 17.00 12.42
N ALA B 579 -15.56 16.60 13.07
CA ALA B 579 -15.41 16.85 14.50
C ALA B 579 -15.40 18.34 14.81
N MET B 580 -14.70 19.13 13.98
CA MET B 580 -14.72 20.58 14.18
C MET B 580 -16.11 21.15 13.99
N LYS B 581 -16.81 20.71 12.94
CA LYS B 581 -18.20 21.16 12.74
C LYS B 581 -19.05 20.79 13.94
N MET B 582 -18.87 19.57 14.47
CA MET B 582 -19.60 19.20 15.68
C MET B 582 -19.18 20.07 16.86
N VAL B 583 -17.87 20.27 17.03
CA VAL B 583 -17.37 21.05 18.15
C VAL B 583 -17.93 22.47 18.11
N ASP B 584 -17.95 23.08 16.92
CA ASP B 584 -18.61 24.37 16.78
C ASP B 584 -20.10 24.25 17.05
N GLU B 585 -20.71 23.15 16.63
CA GLU B 585 -22.13 22.93 16.93
C GLU B 585 -22.33 22.73 18.43
N ILE B 586 -21.38 22.03 19.08
CA ILE B 586 -21.44 21.86 20.53
C ILE B 586 -21.37 23.22 21.22
N ARG B 587 -20.52 24.11 20.71
CA ARG B 587 -20.46 25.47 21.24
C ARG B 587 -21.79 26.18 21.04
N ARG B 588 -22.45 25.92 19.91
CA ARG B 588 -23.77 26.49 19.64
C ARG B 588 -24.79 25.97 20.65
N PRO B 603 -27.56 18.27 25.99
CA PRO B 603 -28.64 19.14 25.49
C PRO B 603 -29.43 18.46 24.39
N ASP B 604 -29.52 19.12 23.23
CA ASP B 604 -30.11 18.50 22.04
C ASP B 604 -29.04 17.65 21.38
N TYR B 605 -28.83 16.45 21.94
CA TYR B 605 -27.86 15.53 21.37
C TYR B 605 -28.21 15.18 19.93
N ASN B 606 -29.51 15.04 19.64
CA ASN B 606 -29.93 14.76 18.29
C ASN B 606 -29.51 15.86 17.33
N ARG B 607 -29.45 17.12 17.78
CA ARG B 607 -29.07 18.20 16.89
C ARG B 607 -27.62 18.11 16.47
N CYS B 608 -26.70 17.92 17.43
CA CYS B 608 -25.29 17.78 17.10
C CYS B 608 -25.05 16.50 16.30
N ILE B 609 -25.72 15.42 16.68
CA ILE B 609 -25.60 14.16 15.94
C ILE B 609 -26.08 14.34 14.50
N GLU B 610 -27.15 15.12 14.29
CA GLU B 610 -27.65 15.37 12.96
C GLU B 610 -26.68 16.22 12.15
N ILE B 611 -26.05 17.21 12.80
CA ILE B 611 -25.03 18.00 12.12
C ILE B 611 -23.88 17.11 11.68
N THR B 612 -23.40 16.25 12.58
CA THR B 612 -22.34 15.30 12.23
C THR B 612 -22.79 14.40 11.10
N SER B 613 -24.04 13.95 11.13
CA SER B 613 -24.54 13.05 10.09
C SER B 613 -24.57 13.76 8.74
N ASP B 614 -25.06 14.99 8.71
CA ASP B 614 -25.11 15.73 7.46
C ASP B 614 -23.70 15.95 6.93
N ASN B 615 -22.76 16.31 7.80
CA ASN B 615 -21.40 16.59 7.34
C ASN B 615 -20.72 15.33 6.83
N ALA B 616 -20.88 14.22 7.54
CA ALA B 616 -20.26 12.96 7.12
C ALA B 616 -20.89 12.44 5.83
N LEU B 617 -22.22 12.46 5.74
CA LEU B 617 -22.89 12.01 4.54
C LEU B 617 -22.56 12.90 3.35
N LYS B 618 -22.27 14.18 3.61
CA LYS B 618 -21.86 15.07 2.53
C LYS B 618 -20.44 14.77 2.07
N GLN B 619 -19.55 14.48 3.02
CA GLN B 619 -18.16 14.20 2.66
C GLN B 619 -18.00 12.82 2.05
N MET B 620 -18.94 11.92 2.30
CA MET B 620 -18.87 10.55 1.79
C MET B 620 -19.01 10.50 0.28
N GLY B 621 -19.58 11.53 -0.35
CA GLY B 621 -19.86 11.45 -1.77
C GLY B 621 -18.62 11.29 -2.62
N TYR B 622 -17.54 12.00 -2.26
CA TYR B 622 -16.33 11.93 -3.08
C TYR B 622 -15.70 10.54 -3.03
N PRO B 623 -15.49 9.91 -1.86
CA PRO B 623 -14.93 8.54 -1.87
C PRO B 623 -15.82 7.55 -2.59
N ALA B 624 -17.15 7.69 -2.43
CA ALA B 624 -18.06 6.79 -3.11
C ALA B 624 -17.97 6.97 -4.62
N PHE B 625 -17.90 8.22 -5.09
CA PHE B 625 -17.70 8.45 -6.52
C PHE B 625 -16.40 7.83 -6.99
N ILE B 626 -15.33 7.96 -6.20
CA ILE B 626 -14.06 7.33 -6.57
C ILE B 626 -14.25 5.83 -6.73
N ALA B 627 -14.73 5.18 -5.66
CA ALA B 627 -14.83 3.72 -5.64
C ALA B 627 -15.74 3.17 -6.73
N ILE B 628 -16.81 3.89 -7.07
CA ILE B 628 -17.75 3.37 -8.06
C ILE B 628 -17.34 3.72 -9.48
N LEU B 629 -16.87 4.95 -9.72
CA LEU B 629 -16.63 5.44 -11.06
C LEU B 629 -15.23 5.18 -11.58
N THR B 630 -14.26 4.84 -10.72
CA THR B 630 -12.93 4.50 -11.21
C THR B 630 -12.96 3.38 -12.24
N PRO B 631 -13.56 2.21 -11.97
CA PRO B 631 -13.59 1.18 -13.03
C PRO B 631 -14.34 1.63 -14.27
N LEU B 632 -15.45 2.36 -14.11
CA LEU B 632 -16.21 2.83 -15.26
C LEU B 632 -15.35 3.70 -16.17
N VAL B 633 -14.75 4.75 -15.61
CA VAL B 633 -13.97 5.68 -16.42
C VAL B 633 -12.76 4.97 -17.02
N THR B 634 -12.04 4.20 -16.19
CA THR B 634 -10.84 3.54 -16.69
C THR B 634 -11.15 2.50 -17.77
N GLY B 635 -12.31 1.85 -17.69
CA GLY B 635 -12.68 0.87 -18.68
C GLY B 635 -13.16 1.50 -19.97
N PHE B 636 -14.04 2.50 -19.88
CA PHE B 636 -14.46 3.21 -21.08
C PHE B 636 -13.32 3.99 -21.71
N LEU B 637 -12.21 4.20 -21.00
CA LEU B 637 -11.05 4.85 -21.60
C LEU B 637 -10.06 3.86 -22.20
N LEU B 638 -9.71 2.80 -21.47
CA LEU B 638 -8.60 1.94 -21.87
C LEU B 638 -8.92 0.45 -21.98
N GLY B 639 -10.11 0.00 -21.60
CA GLY B 639 -10.48 -1.38 -21.73
C GLY B 639 -10.54 -2.12 -20.41
N ALA B 640 -10.56 -3.46 -20.52
CA ALA B 640 -10.76 -4.32 -19.36
C ALA B 640 -9.47 -4.78 -18.69
N GLU B 641 -8.39 -4.93 -19.45
CA GLU B 641 -7.11 -5.32 -18.86
C GLU B 641 -6.62 -4.26 -17.88
N PHE B 642 -6.77 -2.99 -18.24
CA PHE B 642 -6.42 -1.90 -17.35
C PHE B 642 -7.24 -1.96 -16.06
N VAL B 643 -8.53 -2.30 -16.19
CA VAL B 643 -9.39 -2.39 -15.02
C VAL B 643 -9.01 -3.56 -14.14
N GLY B 644 -8.65 -4.70 -14.75
CA GLY B 644 -8.16 -5.82 -13.96
C GLY B 644 -6.91 -5.46 -13.17
N GLY B 645 -5.99 -4.74 -13.81
CA GLY B 645 -4.82 -4.26 -13.09
C GLY B 645 -5.20 -3.34 -11.93
N VAL B 646 -6.13 -2.42 -12.18
CA VAL B 646 -6.62 -1.53 -11.12
C VAL B 646 -7.15 -2.34 -9.95
N LEU B 647 -7.93 -3.38 -10.25
CA LEU B 647 -8.48 -4.23 -9.19
C LEU B 647 -7.37 -4.89 -8.39
N ILE B 648 -6.36 -5.42 -9.09
CA ILE B 648 -5.25 -6.09 -8.41
C ILE B 648 -4.57 -5.15 -7.43
N GLY B 649 -4.15 -3.98 -7.94
CA GLY B 649 -3.43 -3.04 -7.10
C GLY B 649 -4.26 -2.53 -5.94
N THR B 650 -5.54 -2.25 -6.19
CA THR B 650 -6.43 -1.84 -5.12
C THR B 650 -6.52 -2.89 -4.04
N VAL B 651 -6.76 -4.15 -4.43
CA VAL B 651 -6.84 -5.24 -3.45
C VAL B 651 -5.58 -5.27 -2.60
N LEU B 652 -4.42 -5.26 -3.25
CA LEU B 652 -3.16 -5.39 -2.53
C LEU B 652 -2.99 -4.25 -1.52
N SER B 653 -3.03 -3.01 -2.01
N SER B 653 -3.03 -3.01 -2.01
CA SER B 653 -2.75 -1.87 -1.16
CA SER B 653 -2.75 -1.87 -1.16
C SER B 653 -3.79 -1.73 -0.05
C SER B 653 -3.79 -1.73 -0.05
N GLY B 654 -5.07 -1.97 -0.37
CA GLY B 654 -6.11 -1.86 0.63
C GLY B 654 -6.00 -2.90 1.73
N ALA B 655 -5.71 -4.15 1.34
CA ALA B 655 -5.48 -5.19 2.34
C ALA B 655 -4.35 -4.79 3.28
N MET B 656 -3.23 -4.34 2.70
CA MET B 656 -2.09 -3.97 3.53
C MET B 656 -2.43 -2.82 4.48
N LEU B 657 -3.00 -1.74 3.95
CA LEU B 657 -3.30 -0.59 4.79
C LEU B 657 -4.34 -0.93 5.84
N ALA B 658 -5.30 -1.79 5.51
CA ALA B 658 -6.33 -2.16 6.49
C ALA B 658 -5.71 -2.93 7.65
N ILE B 659 -4.90 -3.94 7.37
CA ILE B 659 -4.26 -4.69 8.45
C ILE B 659 -3.39 -3.76 9.28
N LEU B 660 -2.62 -2.90 8.61
CA LEU B 660 -1.73 -1.97 9.30
C LEU B 660 -2.51 -1.09 10.27
N THR B 661 -3.52 -0.38 9.75
CA THR B 661 -4.28 0.56 10.57
C THR B 661 -4.99 -0.13 11.71
N ALA B 662 -5.64 -1.27 11.43
CA ALA B 662 -6.34 -1.99 12.48
C ALA B 662 -5.39 -2.35 13.62
N ASN B 663 -4.28 -3.02 13.29
CA ASN B 663 -3.37 -3.47 14.34
C ASN B 663 -2.73 -2.29 15.07
N SER B 664 -2.41 -1.21 14.35
CA SER B 664 -1.78 -0.06 14.99
C SER B 664 -2.73 0.63 15.96
N GLY B 665 -3.97 0.87 15.53
CA GLY B 665 -4.94 1.47 16.43
C GLY B 665 -5.24 0.60 17.64
N GLY B 666 -5.39 -0.71 17.40
CA GLY B 666 -5.60 -1.62 18.52
C GLY B 666 -4.45 -1.61 19.51
N ALA B 667 -3.21 -1.63 18.99
CA ALA B 667 -2.05 -1.62 19.87
C ALA B 667 -1.95 -0.31 20.65
N TRP B 668 -2.24 0.83 20.00
CA TRP B 668 -2.20 2.11 20.69
C TRP B 668 -3.24 2.16 21.81
N ASP B 669 -4.48 1.78 21.50
CA ASP B 669 -5.52 1.82 22.52
C ASP B 669 -5.23 0.85 23.66
N ASN B 670 -4.75 -0.35 23.34
CA ASN B 670 -4.47 -1.32 24.39
C ASN B 670 -3.23 -0.95 25.20
N ALA B 671 -2.29 -0.20 24.62
CA ALA B 671 -1.17 0.30 25.40
C ALA B 671 -1.60 1.43 26.33
N LYS B 672 -2.50 2.29 25.86
CA LYS B 672 -3.07 3.30 26.75
C LYS B 672 -3.79 2.64 27.92
N LYS B 673 -4.56 1.59 27.65
CA LYS B 673 -5.20 0.84 28.73
C LYS B 673 -4.17 0.11 29.59
N TYR B 674 -3.08 -0.36 28.98
CA TYR B 674 -2.00 -1.02 29.70
C TYR B 674 -1.42 -0.08 30.76
N LEU B 675 -1.20 1.18 30.41
CA LEU B 675 -0.71 2.14 31.39
C LEU B 675 -1.83 2.57 32.33
N GLU B 676 -3.07 2.65 31.84
CA GLU B 676 -4.21 2.81 32.74
C GLU B 676 -4.32 1.62 33.67
N ALA B 677 -3.97 0.42 33.19
CA ALA B 677 -3.86 -0.76 34.03
C ALA B 677 -2.56 -0.80 34.81
N GLY B 678 -1.80 0.29 34.82
CA GLY B 678 -0.63 0.44 35.70
C GLY B 678 0.41 -0.64 35.59
N ASN B 679 0.40 -1.43 34.52
CA ASN B 679 1.43 -2.46 34.34
C ASN B 679 2.82 -1.85 34.27
N LEU B 680 2.92 -0.56 33.98
CA LEU B 680 4.20 0.14 33.96
C LEU B 680 4.39 0.74 35.36
N GLU B 681 5.40 0.25 36.06
CA GLU B 681 5.59 0.63 37.46
C GLU B 681 5.86 2.12 37.60
N GLY B 682 5.24 2.72 38.62
CA GLY B 682 5.44 4.12 38.92
C GLY B 682 4.53 5.08 38.16
N TYR B 683 4.11 4.72 36.95
CA TYR B 683 3.34 5.61 36.10
C TYR B 683 1.88 5.19 36.09
N GLY B 684 0.99 6.16 36.27
CA GLY B 684 -0.44 5.92 36.23
C GLY B 684 -1.15 6.89 35.32
N LYS B 685 -2.45 7.10 35.52
CA LYS B 685 -3.19 8.08 34.75
C LYS B 685 -2.67 9.48 35.05
N GLY B 686 -2.38 10.25 34.00
CA GLY B 686 -1.88 11.61 34.13
C GLY B 686 -0.41 11.76 33.82
N SER B 687 0.36 10.69 33.88
CA SER B 687 1.81 10.75 33.64
C SER B 687 2.10 11.08 32.18
N GLU B 688 3.33 11.54 31.94
CA GLU B 688 3.74 11.90 30.58
C GLU B 688 3.72 10.72 29.63
N PRO B 689 4.17 9.51 30.00
CA PRO B 689 3.93 8.36 29.11
C PRO B 689 2.46 8.13 28.82
N HIS B 690 1.60 8.38 29.80
CA HIS B 690 0.17 8.28 29.57
C HIS B 690 -0.30 9.33 28.57
N LYS B 691 0.25 10.54 28.64
CA LYS B 691 -0.10 11.56 27.66
C LYS B 691 0.34 11.16 26.26
N ALA B 692 1.54 10.58 26.14
CA ALA B 692 1.99 10.10 24.84
C ALA B 692 1.08 9.00 24.31
N LEU B 693 0.65 8.08 25.19
CA LEU B 693 -0.26 7.03 24.79
C LEU B 693 -1.63 7.58 24.39
N VAL B 694 -2.08 8.63 25.07
CA VAL B 694 -3.34 9.28 24.71
C VAL B 694 -3.24 9.93 23.33
N ILE B 695 -2.10 10.58 23.05
CA ILE B 695 -1.90 11.15 21.73
C ILE B 695 -1.90 10.06 20.67
N GLY B 696 -1.22 8.94 20.95
CA GLY B 696 -1.23 7.83 20.02
C GLY B 696 -2.61 7.24 19.80
N ASP B 697 -3.42 7.16 20.86
CA ASP B 697 -4.78 6.65 20.73
C ASP B 697 -5.65 7.60 19.92
N THR B 698 -5.50 8.92 20.14
CA THR B 698 -6.24 9.88 19.34
C THR B 698 -5.83 9.80 17.87
N VAL B 699 -4.56 9.47 17.61
CA VAL B 699 -4.12 9.26 16.23
C VAL B 699 -4.74 8.00 15.66
N GLY B 700 -4.74 6.91 16.43
CA GLY B 700 -5.23 5.62 15.94
C GLY B 700 -6.73 5.48 15.86
N ASP B 701 -7.49 6.33 16.55
CA ASP B 701 -8.95 6.20 16.51
C ASP B 701 -9.51 6.38 15.10
N PRO B 702 -9.21 7.47 14.37
CA PRO B 702 -9.72 7.57 12.98
C PRO B 702 -9.10 6.55 12.03
N LEU B 703 -8.09 5.81 12.47
CA LEU B 703 -7.44 4.81 11.64
C LEU B 703 -8.14 3.45 11.74
N LYS B 704 -8.19 2.87 12.94
CA LYS B 704 -8.74 1.54 13.11
C LYS B 704 -10.24 1.50 12.82
N ASP B 705 -10.95 2.57 13.18
CA ASP B 705 -12.41 2.57 13.12
C ASP B 705 -13.00 3.25 11.88
N THR B 706 -12.18 3.94 11.08
CA THR B 706 -12.70 4.65 9.92
C THR B 706 -11.98 4.24 8.63
N VAL B 707 -10.65 4.26 8.65
CA VAL B 707 -9.89 4.06 7.42
C VAL B 707 -9.95 2.59 6.99
N GLY B 708 -9.56 1.68 7.89
CA GLY B 708 -9.45 0.28 7.58
C GLY B 708 -10.71 -0.37 7.02
N PRO B 709 -11.83 -0.25 7.75
CA PRO B 709 -13.07 -0.84 7.23
C PRO B 709 -13.50 -0.24 5.90
N SER B 710 -13.29 1.06 5.71
CA SER B 710 -13.60 1.67 4.41
C SER B 710 -12.75 1.04 3.31
N LEU B 711 -11.50 0.70 3.61
CA LEU B 711 -10.66 0.01 2.64
C LEU B 711 -11.21 -1.38 2.33
N ASP B 712 -11.69 -2.08 3.37
CA ASP B 712 -12.27 -3.40 3.16
C ASP B 712 -13.49 -3.31 2.26
N ILE B 713 -14.29 -2.25 2.41
CA ILE B 713 -15.43 -2.03 1.53
C ILE B 713 -14.98 -1.68 0.11
N LEU B 714 -13.96 -0.82 -0.01
CA LEU B 714 -13.49 -0.35 -1.30
C LEU B 714 -12.98 -1.48 -2.18
N ILE B 715 -12.13 -2.34 -1.62
CA ILE B 715 -11.52 -3.40 -2.41
C ILE B 715 -12.61 -4.25 -3.06
N LYS B 716 -13.65 -4.57 -2.31
CA LYS B 716 -14.71 -5.43 -2.79
C LYS B 716 -15.65 -4.71 -3.75
N ILE B 717 -16.02 -3.47 -3.44
CA ILE B 717 -17.01 -2.76 -4.26
C ILE B 717 -16.43 -2.42 -5.63
N MET B 718 -15.16 -2.05 -5.71
CA MET B 718 -14.56 -1.76 -7.01
C MET B 718 -14.56 -3.00 -7.89
N SER B 719 -14.25 -4.15 -7.29
CA SER B 719 -14.24 -5.40 -8.04
C SER B 719 -15.64 -5.75 -8.52
N VAL B 720 -16.66 -5.54 -7.69
CA VAL B 720 -18.03 -5.85 -8.10
C VAL B 720 -18.44 -4.97 -9.28
N VAL B 721 -18.17 -3.66 -9.18
CA VAL B 721 -18.53 -2.75 -10.25
C VAL B 721 -17.82 -3.14 -11.54
N SER B 722 -16.56 -3.56 -11.44
CA SER B 722 -15.84 -4.03 -12.62
C SER B 722 -16.49 -5.27 -13.21
N VAL B 723 -16.84 -6.24 -12.36
CA VAL B 723 -17.49 -7.46 -12.82
C VAL B 723 -18.74 -7.13 -13.61
N ILE B 724 -19.51 -6.15 -13.13
CA ILE B 724 -20.78 -5.83 -13.79
C ILE B 724 -20.52 -5.09 -15.10
N ALA B 725 -19.67 -4.07 -15.08
CA ALA B 725 -19.55 -3.17 -16.23
C ALA B 725 -18.57 -3.66 -17.29
N VAL B 726 -17.84 -4.76 -17.04
CA VAL B 726 -16.91 -5.24 -18.05
C VAL B 726 -17.66 -5.67 -19.30
N SER B 727 -18.89 -6.16 -19.16
CA SER B 727 -19.66 -6.54 -20.33
C SER B 727 -19.92 -5.34 -21.24
N ILE B 728 -19.81 -4.14 -20.70
CA ILE B 728 -19.97 -2.92 -21.48
C ILE B 728 -18.62 -2.43 -21.99
N PHE B 729 -17.70 -2.11 -21.07
CA PHE B 729 -16.48 -1.45 -21.51
C PHE B 729 -15.40 -2.39 -22.02
N LYS B 730 -15.66 -3.70 -22.10
CA LYS B 730 -14.67 -4.60 -22.69
C LYS B 730 -14.43 -4.27 -24.15
N HIS B 731 -15.48 -3.88 -24.86
CA HIS B 731 -15.37 -3.49 -26.26
C HIS B 731 -15.71 -2.04 -26.52
N VAL B 732 -16.36 -1.35 -25.58
CA VAL B 732 -16.66 0.07 -25.74
C VAL B 732 -15.67 0.87 -24.92
N HIS B 733 -14.41 0.91 -25.37
CA HIS B 733 -13.38 1.72 -24.74
C HIS B 733 -12.76 2.65 -25.76
N LEU B 734 -12.46 3.87 -25.32
CA LEU B 734 -11.96 4.90 -26.23
C LEU B 734 -10.57 4.54 -26.76
N PHE B 735 -9.61 4.37 -25.86
CA PHE B 735 -8.24 4.07 -26.26
C PHE B 735 -7.96 2.58 -26.18
#